data_2DHX
#
_entry.id   2DHX
#
_entity_poly.entity_id   1
_entity_poly.type   'polypeptide(L)'
_entity_poly.pdbx_seq_one_letter_code
;GSSGSSGGVAVEVRGLPPAVPDELLTLYFENRRRSGGGPVLSWQRLGCGGVLTFREPADAERVLAQADHELHGAQLSLRP
APPRAPARLLLQGLPPGTSGPSSG
;
_entity_poly.pdbx_strand_id   A
#
# COMPACT_ATOMS: atom_id res chain seq x y z
N GLY A 1 -23.30 0.82 -3.42
CA GLY A 1 -23.30 0.63 -4.86
C GLY A 1 -22.03 1.21 -5.48
N SER A 2 -21.43 0.42 -6.37
CA SER A 2 -20.21 0.84 -7.04
C SER A 2 -20.39 0.76 -8.56
N SER A 3 -19.66 1.61 -9.25
CA SER A 3 -19.73 1.64 -10.71
C SER A 3 -18.56 2.43 -11.27
N GLY A 4 -17.79 1.77 -12.13
CA GLY A 4 -16.64 2.40 -12.75
C GLY A 4 -15.33 1.91 -12.11
N SER A 5 -14.29 2.71 -12.28
CA SER A 5 -12.99 2.36 -11.74
C SER A 5 -12.92 2.80 -10.27
N SER A 6 -12.14 2.04 -9.51
CA SER A 6 -11.97 2.34 -8.09
C SER A 6 -10.63 1.81 -7.60
N GLY A 7 -10.13 2.44 -6.54
CA GLY A 7 -8.86 2.05 -5.97
C GLY A 7 -8.80 0.53 -5.75
N GLY A 8 -7.57 0.03 -5.74
CA GLY A 8 -7.35 -1.40 -5.54
C GLY A 8 -7.16 -1.73 -4.06
N VAL A 9 -6.03 -2.36 -3.77
CA VAL A 9 -5.72 -2.73 -2.40
C VAL A 9 -4.45 -2.00 -1.96
N ALA A 10 -4.60 -1.23 -0.88
CA ALA A 10 -3.48 -0.49 -0.35
C ALA A 10 -3.37 -0.73 1.17
N VAL A 11 -2.14 -0.77 1.63
CA VAL A 11 -1.90 -1.00 3.05
C VAL A 11 -0.96 0.10 3.58
N GLU A 12 -1.42 0.75 4.64
CA GLU A 12 -0.64 1.82 5.25
C GLU A 12 0.53 1.23 6.05
N VAL A 13 1.72 1.64 5.66
CA VAL A 13 2.92 1.17 6.33
C VAL A 13 3.43 2.25 7.29
N ARG A 14 3.76 1.82 8.49
CA ARG A 14 4.26 2.74 9.51
C ARG A 14 5.50 2.17 10.19
N GLY A 15 6.40 3.05 10.57
CA GLY A 15 7.63 2.65 11.23
C GLY A 15 8.57 1.95 10.25
N LEU A 16 9.10 2.72 9.31
CA LEU A 16 10.01 2.19 8.32
C LEU A 16 11.23 3.10 8.21
N PRO A 17 12.42 2.51 8.45
CA PRO A 17 13.66 3.25 8.38
C PRO A 17 14.06 3.52 6.92
N PRO A 18 14.72 4.69 6.70
CA PRO A 18 15.15 5.08 5.37
C PRO A 18 16.37 4.26 4.95
N ALA A 19 17.14 3.82 5.94
CA ALA A 19 18.33 3.04 5.68
C ALA A 19 17.96 1.83 4.82
N VAL A 20 16.68 1.49 4.85
CA VAL A 20 16.19 0.35 4.09
C VAL A 20 15.54 0.85 2.81
N PRO A 21 16.06 0.34 1.66
CA PRO A 21 15.52 0.73 0.36
C PRO A 21 14.18 0.05 0.09
N ASP A 22 13.40 0.69 -0.76
CA ASP A 22 12.09 0.16 -1.11
C ASP A 22 12.24 -1.24 -1.70
N GLU A 23 13.33 -1.42 -2.45
CA GLU A 23 13.60 -2.70 -3.07
C GLU A 23 13.34 -3.84 -2.08
N LEU A 24 13.96 -3.73 -0.92
CA LEU A 24 13.81 -4.74 0.11
C LEU A 24 12.36 -4.73 0.62
N LEU A 25 11.88 -3.53 0.90
CA LEU A 25 10.52 -3.35 1.39
C LEU A 25 9.58 -4.27 0.59
N THR A 26 9.75 -4.24 -0.72
CA THR A 26 8.93 -5.05 -1.60
C THR A 26 9.40 -6.51 -1.57
N LEU A 27 10.71 -6.67 -1.74
CA LEU A 27 11.29 -8.00 -1.75
C LEU A 27 10.73 -8.81 -0.57
N TYR A 28 10.69 -8.16 0.58
CA TYR A 28 10.17 -8.80 1.79
C TYR A 28 8.70 -9.19 1.61
N PHE A 29 7.87 -8.17 1.41
CA PHE A 29 6.44 -8.39 1.23
C PHE A 29 6.18 -9.38 0.10
N GLU A 30 6.95 -9.24 -0.97
CA GLU A 30 6.82 -10.11 -2.12
C GLU A 30 7.20 -11.55 -1.74
N ASN A 31 8.09 -11.65 -0.78
CA ASN A 31 8.54 -12.96 -0.31
C ASN A 31 7.42 -13.64 0.45
N ARG A 32 7.03 -14.80 -0.05
CA ARG A 32 5.96 -15.57 0.58
C ARG A 32 6.50 -16.34 1.79
N ARG A 33 7.82 -16.43 1.85
CA ARG A 33 8.47 -17.14 2.94
C ARG A 33 8.60 -16.23 4.16
N ARG A 34 8.97 -14.98 3.90
CA ARG A 34 9.13 -14.01 4.96
C ARG A 34 7.76 -13.53 5.45
N SER A 35 6.86 -13.32 4.50
CA SER A 35 5.52 -12.87 4.83
C SER A 35 4.50 -13.94 4.44
N GLY A 36 4.26 -14.04 3.14
CA GLY A 36 3.31 -15.02 2.63
C GLY A 36 2.24 -14.34 1.78
N GLY A 37 2.67 -13.36 1.00
CA GLY A 37 1.75 -12.63 0.15
C GLY A 37 1.94 -13.01 -1.33
N GLY A 38 2.27 -12.02 -2.14
CA GLY A 38 2.48 -12.24 -3.55
C GLY A 38 3.13 -11.02 -4.21
N PRO A 39 2.73 -10.77 -5.49
CA PRO A 39 3.26 -9.65 -6.23
C PRO A 39 2.64 -8.34 -5.76
N VAL A 40 3.47 -7.30 -5.74
CA VAL A 40 3.02 -5.99 -5.31
C VAL A 40 2.78 -5.11 -6.53
N LEU A 41 1.62 -4.48 -6.56
CA LEU A 41 1.25 -3.60 -7.66
C LEU A 41 2.21 -2.41 -7.70
N SER A 42 2.24 -1.68 -6.59
CA SER A 42 3.10 -0.52 -6.48
C SER A 42 3.44 -0.25 -5.02
N TRP A 43 4.25 0.78 -4.80
CA TRP A 43 4.66 1.14 -3.46
C TRP A 43 4.92 2.64 -3.44
N GLN A 44 4.44 3.28 -2.37
CA GLN A 44 4.60 4.71 -2.22
C GLN A 44 5.27 5.02 -0.88
N ARG A 45 6.58 5.23 -0.93
CA ARG A 45 7.34 5.53 0.27
C ARG A 45 7.10 6.99 0.69
N LEU A 46 6.73 7.16 1.96
CA LEU A 46 6.47 8.48 2.49
C LEU A 46 7.49 8.79 3.60
N GLY A 47 7.22 9.87 4.31
CA GLY A 47 8.10 10.28 5.40
C GLY A 47 8.58 9.07 6.20
N CYS A 48 7.84 8.77 7.26
CA CYS A 48 8.18 7.64 8.11
C CYS A 48 7.25 6.48 7.76
N GLY A 49 7.36 6.03 6.52
CA GLY A 49 6.55 4.92 6.05
C GLY A 49 6.13 5.13 4.59
N GLY A 50 4.83 4.98 4.36
CA GLY A 50 4.29 5.16 3.02
C GLY A 50 3.18 4.14 2.76
N VAL A 51 2.33 4.49 1.79
CA VAL A 51 1.23 3.62 1.42
C VAL A 51 1.69 2.62 0.38
N LEU A 52 1.44 1.35 0.66
CA LEU A 52 1.83 0.28 -0.25
C LEU A 52 0.58 -0.32 -0.89
N THR A 53 0.76 -0.83 -2.10
CA THR A 53 -0.35 -1.43 -2.83
C THR A 53 -0.03 -2.90 -3.14
N PHE A 54 -0.98 -3.76 -2.81
CA PHE A 54 -0.83 -5.18 -3.07
C PHE A 54 -1.63 -5.63 -4.28
N ARG A 55 -0.94 -6.18 -5.26
CA ARG A 55 -1.58 -6.65 -6.47
C ARG A 55 -2.92 -7.30 -6.14
N GLU A 56 -2.87 -8.30 -5.28
CA GLU A 56 -4.07 -9.01 -4.87
C GLU A 56 -4.57 -8.48 -3.53
N PRO A 57 -5.91 -8.57 -3.34
CA PRO A 57 -6.53 -8.11 -2.11
C PRO A 57 -6.27 -9.09 -0.96
N ALA A 58 -6.56 -10.35 -1.23
CA ALA A 58 -6.37 -11.39 -0.23
C ALA A 58 -4.89 -11.41 0.19
N ASP A 59 -4.03 -11.40 -0.81
CA ASP A 59 -2.59 -11.43 -0.54
C ASP A 59 -2.24 -10.28 0.41
N ALA A 60 -2.80 -9.11 0.10
CA ALA A 60 -2.55 -7.93 0.92
C ALA A 60 -2.94 -8.23 2.37
N GLU A 61 -4.03 -8.97 2.51
CA GLU A 61 -4.52 -9.33 3.83
C GLU A 61 -3.65 -10.43 4.45
N ARG A 62 -3.19 -11.32 3.58
CA ARG A 62 -2.34 -12.42 4.02
C ARG A 62 -1.12 -11.88 4.78
N VAL A 63 -0.77 -10.64 4.46
CA VAL A 63 0.38 -10.01 5.10
C VAL A 63 -0.09 -9.31 6.39
N LEU A 64 -1.14 -8.51 6.25
CA LEU A 64 -1.68 -7.79 7.38
C LEU A 64 -1.96 -8.78 8.51
N ALA A 65 -2.43 -9.95 8.13
CA ALA A 65 -2.75 -10.99 9.10
C ALA A 65 -1.68 -10.98 10.21
N GLN A 66 -0.45 -10.80 9.79
CA GLN A 66 0.67 -10.77 10.73
C GLN A 66 0.82 -9.38 11.34
N ALA A 67 0.69 -9.34 12.66
CA ALA A 67 0.80 -8.07 13.37
C ALA A 67 2.29 -7.74 13.56
N ASP A 68 3.13 -8.57 12.99
CA ASP A 68 4.57 -8.37 13.08
C ASP A 68 5.17 -8.32 11.68
N HIS A 69 6.11 -7.40 11.50
CA HIS A 69 6.77 -7.23 10.22
C HIS A 69 8.21 -6.77 10.43
N GLU A 70 9.13 -7.53 9.87
CA GLU A 70 10.55 -7.21 9.99
C GLU A 70 11.18 -7.10 8.60
N LEU A 71 11.97 -6.04 8.43
CA LEU A 71 12.65 -5.81 7.17
C LEU A 71 13.93 -5.02 7.42
N HIS A 72 15.05 -5.69 7.25
CA HIS A 72 16.35 -5.07 7.46
C HIS A 72 16.42 -4.50 8.88
N GLY A 73 16.45 -5.40 9.84
CA GLY A 73 16.53 -5.01 11.24
C GLY A 73 15.69 -3.76 11.50
N ALA A 74 14.42 -4.00 11.80
CA ALA A 74 13.50 -2.91 12.08
C ALA A 74 12.08 -3.47 12.20
N GLN A 75 11.29 -2.78 13.02
CA GLN A 75 9.90 -3.20 13.24
C GLN A 75 8.95 -2.32 12.41
N LEU A 76 8.42 -2.93 11.36
CA LEU A 76 7.50 -2.21 10.49
C LEU A 76 6.06 -2.49 10.94
N SER A 77 5.33 -1.41 11.17
CA SER A 77 3.95 -1.52 11.61
C SER A 77 3.01 -1.37 10.41
N LEU A 78 2.53 -2.50 9.92
CA LEU A 78 1.63 -2.51 8.79
C LEU A 78 0.20 -2.35 9.29
N ARG A 79 -0.60 -1.64 8.48
CA ARG A 79 -1.99 -1.41 8.83
C ARG A 79 -2.82 -1.22 7.57
N PRO A 80 -4.17 -1.33 7.74
CA PRO A 80 -5.08 -1.18 6.62
C PRO A 80 -5.23 0.30 6.24
N ALA A 81 -4.78 0.62 5.03
CA ALA A 81 -4.86 1.98 4.55
C ALA A 81 -6.33 2.36 4.33
N PRO A 82 -6.60 3.69 4.42
CA PRO A 82 -7.95 4.19 4.24
C PRO A 82 -8.35 4.17 2.76
N PRO A 83 -9.67 4.38 2.52
CA PRO A 83 -10.19 4.38 1.16
C PRO A 83 -9.83 5.68 0.43
N ARG A 84 -9.72 5.58 -0.88
CA ARG A 84 -9.37 6.73 -1.69
C ARG A 84 -9.27 6.32 -3.16
N ALA A 85 -10.04 7.02 -3.99
CA ALA A 85 -10.04 6.73 -5.42
C ALA A 85 -10.34 8.03 -6.18
N PRO A 86 -9.87 8.06 -7.46
CA PRO A 86 -10.08 9.23 -8.30
C PRO A 86 -11.52 9.29 -8.80
N ALA A 87 -12.11 10.47 -8.68
CA ALA A 87 -13.48 10.68 -9.11
C ALA A 87 -13.93 12.09 -8.74
N ARG A 88 -14.37 12.83 -9.74
CA ARG A 88 -14.83 14.18 -9.54
C ARG A 88 -16.21 14.38 -10.16
N LEU A 89 -17.20 13.75 -9.55
CA LEU A 89 -18.57 13.85 -10.03
C LEU A 89 -19.50 14.10 -8.84
N LEU A 90 -20.76 14.36 -9.18
CA LEU A 90 -21.76 14.62 -8.15
C LEU A 90 -23.14 14.30 -8.70
N LEU A 91 -23.44 13.00 -8.72
CA LEU A 91 -24.73 12.54 -9.23
C LEU A 91 -25.70 12.38 -8.06
N GLN A 92 -26.65 13.31 -7.99
CA GLN A 92 -27.64 13.28 -6.93
C GLN A 92 -28.68 12.19 -7.20
N GLY A 93 -28.70 11.19 -6.32
CA GLY A 93 -29.63 10.10 -6.45
C GLY A 93 -28.90 8.76 -6.52
N LEU A 94 -29.67 7.69 -6.52
CA LEU A 94 -29.10 6.35 -6.59
C LEU A 94 -30.03 5.45 -7.41
N PRO A 95 -29.44 4.34 -7.93
CA PRO A 95 -30.20 3.40 -8.73
C PRO A 95 -31.12 2.54 -7.85
N PRO A 96 -32.06 1.83 -8.53
CA PRO A 96 -32.99 0.97 -7.81
C PRO A 96 -32.31 -0.31 -7.34
N GLY A 97 -33.12 -1.18 -6.74
CA GLY A 97 -32.60 -2.44 -6.24
C GLY A 97 -33.50 -2.99 -5.12
N THR A 98 -34.33 -3.96 -5.50
CA THR A 98 -35.24 -4.58 -4.56
C THR A 98 -35.24 -6.09 -4.73
N SER A 99 -35.96 -6.76 -3.84
CA SER A 99 -36.05 -8.21 -3.88
C SER A 99 -37.10 -8.70 -2.88
N GLY A 100 -37.49 -9.96 -3.03
CA GLY A 100 -38.47 -10.55 -2.15
C GLY A 100 -38.57 -12.07 -2.38
N PRO A 101 -39.12 -12.77 -1.35
CA PRO A 101 -39.27 -14.21 -1.43
C PRO A 101 -40.42 -14.58 -2.34
N SER A 102 -40.64 -15.89 -2.49
CA SER A 102 -41.70 -16.39 -3.33
C SER A 102 -42.69 -17.20 -2.50
N SER A 103 -43.82 -17.54 -3.12
CA SER A 103 -44.85 -18.30 -2.45
C SER A 103 -45.54 -19.23 -3.45
N GLY A 104 -46.34 -20.13 -2.90
CA GLY A 104 -47.07 -21.09 -3.74
C GLY A 104 -48.47 -21.34 -3.18
N GLY A 1 -20.83 -8.14 8.93
CA GLY A 1 -21.21 -6.94 8.19
C GLY A 1 -19.97 -6.14 7.79
N SER A 2 -19.48 -6.41 6.59
CA SER A 2 -18.32 -5.73 6.07
C SER A 2 -18.54 -5.35 4.61
N SER A 3 -18.69 -4.06 4.37
CA SER A 3 -18.91 -3.55 3.02
C SER A 3 -17.78 -2.62 2.63
N GLY A 4 -17.20 -2.89 1.46
CA GLY A 4 -16.10 -2.08 0.95
C GLY A 4 -15.04 -2.95 0.28
N SER A 5 -13.90 -2.34 0.02
CA SER A 5 -12.80 -3.03 -0.61
C SER A 5 -13.26 -3.64 -1.95
N SER A 6 -13.27 -2.78 -2.96
CA SER A 6 -13.69 -3.21 -4.28
C SER A 6 -12.74 -2.64 -5.33
N GLY A 7 -11.82 -3.47 -5.78
CA GLY A 7 -10.85 -3.07 -6.78
C GLY A 7 -9.71 -2.27 -6.15
N GLY A 8 -8.50 -2.76 -6.37
CA GLY A 8 -7.32 -2.10 -5.83
C GLY A 8 -7.19 -2.36 -4.33
N VAL A 9 -5.95 -2.53 -3.90
CA VAL A 9 -5.67 -2.78 -2.50
C VAL A 9 -4.50 -1.91 -2.05
N ALA A 10 -4.66 -1.32 -0.87
CA ALA A 10 -3.63 -0.46 -0.31
C ALA A 10 -3.45 -0.78 1.18
N VAL A 11 -2.23 -0.57 1.65
CA VAL A 11 -1.91 -0.83 3.04
C VAL A 11 -0.97 0.26 3.56
N GLU A 12 -1.45 0.98 4.56
CA GLU A 12 -0.66 2.05 5.15
C GLU A 12 0.46 1.48 6.01
N VAL A 13 1.68 1.71 5.56
CA VAL A 13 2.85 1.21 6.28
C VAL A 13 3.38 2.32 7.18
N ARG A 14 3.67 1.94 8.43
CA ARG A 14 4.19 2.90 9.39
C ARG A 14 5.38 2.29 10.14
N GLY A 15 6.32 3.15 10.50
CA GLY A 15 7.50 2.72 11.21
C GLY A 15 8.48 2.00 10.27
N LEU A 16 9.03 2.76 9.34
CA LEU A 16 9.97 2.21 8.39
C LEU A 16 11.19 3.13 8.28
N PRO A 17 12.40 2.53 8.45
CA PRO A 17 13.63 3.29 8.37
C PRO A 17 13.97 3.63 6.92
N PRO A 18 14.67 4.79 6.75
CA PRO A 18 15.06 5.24 5.44
C PRO A 18 16.23 4.43 4.90
N ALA A 19 17.20 4.18 5.77
CA ALA A 19 18.37 3.41 5.40
C ALA A 19 17.95 2.23 4.51
N VAL A 20 16.81 1.65 4.87
CA VAL A 20 16.29 0.52 4.12
C VAL A 20 15.64 1.03 2.84
N PRO A 21 16.12 0.47 1.69
CA PRO A 21 15.60 0.86 0.39
C PRO A 21 14.21 0.24 0.15
N ASP A 22 13.67 0.52 -1.03
CA ASP A 22 12.37 -0.01 -1.39
C ASP A 22 12.52 -1.46 -1.85
N GLU A 23 13.55 -1.69 -2.65
CA GLU A 23 13.81 -3.03 -3.16
C GLU A 23 13.49 -4.08 -2.10
N LEU A 24 14.03 -3.86 -0.91
CA LEU A 24 13.81 -4.77 0.19
C LEU A 24 12.34 -4.72 0.61
N LEU A 25 11.88 -3.51 0.86
CA LEU A 25 10.48 -3.32 1.27
C LEU A 25 9.58 -4.25 0.46
N THR A 26 9.94 -4.42 -0.81
CA THR A 26 9.18 -5.28 -1.69
C THR A 26 9.67 -6.72 -1.59
N LEU A 27 10.99 -6.88 -1.69
CA LEU A 27 11.60 -8.19 -1.60
C LEU A 27 10.98 -8.96 -0.42
N TYR A 28 10.60 -8.20 0.59
CA TYR A 28 9.99 -8.80 1.78
C TYR A 28 8.51 -9.06 1.56
N PHE A 29 7.76 -7.98 1.38
CA PHE A 29 6.33 -8.08 1.18
C PHE A 29 6.00 -9.05 0.05
N GLU A 30 6.85 -9.03 -0.98
CA GLU A 30 6.67 -9.91 -2.12
C GLU A 30 6.88 -11.36 -1.71
N ASN A 31 7.96 -11.59 -0.96
CA ASN A 31 8.29 -12.92 -0.50
C ASN A 31 7.12 -13.47 0.33
N ARG A 32 6.82 -14.74 0.10
CA ARG A 32 5.74 -15.39 0.82
C ARG A 32 6.25 -15.99 2.13
N ARG A 33 7.48 -16.48 2.07
CA ARG A 33 8.10 -17.07 3.25
C ARG A 33 8.43 -16.00 4.28
N ARG A 34 8.96 -14.89 3.79
CA ARG A 34 9.32 -13.78 4.66
C ARG A 34 8.07 -13.22 5.34
N SER A 35 7.02 -13.07 4.55
CA SER A 35 5.76 -12.54 5.06
C SER A 35 4.62 -13.53 4.79
N GLY A 36 4.16 -13.50 3.54
CA GLY A 36 3.08 -14.38 3.13
C GLY A 36 2.05 -13.63 2.29
N GLY A 37 2.54 -12.93 1.28
CA GLY A 37 1.67 -12.16 0.41
C GLY A 37 1.92 -12.51 -1.06
N GLY A 38 1.71 -11.53 -1.92
CA GLY A 38 1.91 -11.73 -3.34
C GLY A 38 2.74 -10.58 -3.94
N PRO A 39 2.53 -10.35 -5.27
CA PRO A 39 3.25 -9.30 -5.97
C PRO A 39 2.70 -7.93 -5.61
N VAL A 40 3.61 -7.02 -5.28
CA VAL A 40 3.23 -5.67 -4.91
C VAL A 40 3.04 -4.84 -6.19
N LEU A 41 1.87 -4.22 -6.28
CA LEU A 41 1.55 -3.39 -7.43
C LEU A 41 2.50 -2.19 -7.47
N SER A 42 2.52 -1.45 -6.38
CA SER A 42 3.38 -0.28 -6.28
C SER A 42 3.73 -0.01 -4.81
N TRP A 43 4.52 1.03 -4.62
CA TRP A 43 4.94 1.41 -3.27
C TRP A 43 5.08 2.93 -3.23
N GLN A 44 4.44 3.52 -2.23
CA GLN A 44 4.49 4.96 -2.06
C GLN A 44 5.09 5.32 -0.70
N ARG A 45 6.36 5.68 -0.73
CA ARG A 45 7.06 6.05 0.49
C ARG A 45 6.79 7.53 0.83
N LEU A 46 6.09 7.72 1.94
CA LEU A 46 5.76 9.06 2.40
C LEU A 46 6.89 9.59 3.27
N GLY A 47 6.69 9.46 4.58
CA GLY A 47 7.68 9.92 5.53
C GLY A 47 8.25 8.75 6.34
N CYS A 48 7.61 8.48 7.46
CA CYS A 48 8.04 7.40 8.33
C CYS A 48 7.29 6.13 7.93
N GLY A 49 7.23 5.92 6.62
CA GLY A 49 6.56 4.75 6.09
C GLY A 49 6.01 5.03 4.68
N GLY A 50 4.68 5.06 4.59
CA GLY A 50 4.03 5.32 3.33
C GLY A 50 2.93 4.28 3.06
N VAL A 51 2.15 4.54 2.03
CA VAL A 51 1.07 3.65 1.65
C VAL A 51 1.55 2.72 0.53
N LEU A 52 1.33 1.43 0.75
CA LEU A 52 1.72 0.43 -0.24
C LEU A 52 0.48 -0.16 -0.90
N THR A 53 0.65 -0.63 -2.12
CA THR A 53 -0.44 -1.21 -2.87
C THR A 53 -0.15 -2.69 -3.18
N PHE A 54 -1.07 -3.54 -2.74
CA PHE A 54 -0.93 -4.97 -2.94
C PHE A 54 -1.82 -5.44 -4.10
N ARG A 55 -1.17 -5.87 -5.17
CA ARG A 55 -1.87 -6.35 -6.34
C ARG A 55 -3.10 -7.16 -5.92
N GLU A 56 -2.87 -8.10 -5.01
CA GLU A 56 -3.95 -8.95 -4.53
C GLU A 56 -4.29 -8.57 -3.08
N PRO A 57 -5.62 -8.41 -2.84
CA PRO A 57 -6.10 -8.07 -1.51
C PRO A 57 -6.03 -9.27 -0.56
N ALA A 58 -6.28 -10.43 -1.13
CA ALA A 58 -6.25 -11.67 -0.36
C ALA A 58 -4.84 -11.87 0.22
N ASP A 59 -3.86 -11.64 -0.63
CA ASP A 59 -2.46 -11.80 -0.22
C ASP A 59 -2.09 -10.67 0.73
N ALA A 60 -2.67 -9.50 0.47
CA ALA A 60 -2.41 -8.34 1.30
C ALA A 60 -2.93 -8.60 2.71
N GLU A 61 -4.04 -9.30 2.79
CA GLU A 61 -4.65 -9.62 4.06
C GLU A 61 -3.73 -10.56 4.86
N ARG A 62 -3.33 -11.64 4.21
CA ARG A 62 -2.46 -12.62 4.84
C ARG A 62 -1.22 -11.94 5.43
N VAL A 63 -0.93 -10.76 4.87
CA VAL A 63 0.22 -10.00 5.33
C VAL A 63 -0.18 -9.14 6.53
N LEU A 64 -1.34 -8.51 6.40
CA LEU A 64 -1.86 -7.66 7.45
C LEU A 64 -2.10 -8.50 8.70
N ALA A 65 -2.66 -9.68 8.48
CA ALA A 65 -2.97 -10.58 9.58
C ALA A 65 -1.83 -10.54 10.60
N GLN A 66 -0.62 -10.27 10.09
CA GLN A 66 0.54 -10.20 10.94
C GLN A 66 0.80 -8.74 11.38
N ALA A 67 0.66 -8.52 12.67
CA ALA A 67 0.86 -7.19 13.22
C ALA A 67 2.36 -6.92 13.36
N ASP A 68 3.14 -7.90 12.92
CA ASP A 68 4.59 -7.79 12.99
C ASP A 68 5.17 -7.92 11.58
N HIS A 69 6.21 -7.14 11.33
CA HIS A 69 6.87 -7.15 10.03
C HIS A 69 8.35 -6.85 10.20
N GLU A 70 9.18 -7.74 9.66
CA GLU A 70 10.62 -7.58 9.75
C GLU A 70 11.19 -7.26 8.37
N LEU A 71 12.01 -6.22 8.33
CA LEU A 71 12.64 -5.80 7.09
C LEU A 71 13.99 -5.15 7.39
N HIS A 72 15.03 -5.96 7.30
CA HIS A 72 16.38 -5.48 7.57
C HIS A 72 16.45 -4.91 8.99
N GLY A 73 16.17 -5.78 9.95
CA GLY A 73 16.20 -5.38 11.34
C GLY A 73 15.35 -4.13 11.58
N ALA A 74 14.04 -4.36 11.72
CA ALA A 74 13.12 -3.26 11.95
C ALA A 74 11.69 -3.81 11.97
N GLN A 75 10.90 -3.26 12.87
CA GLN A 75 9.52 -3.68 13.01
C GLN A 75 8.59 -2.70 12.27
N LEU A 76 8.26 -3.07 11.04
CA LEU A 76 7.39 -2.24 10.22
C LEU A 76 5.94 -2.43 10.67
N SER A 77 5.30 -1.32 11.00
CA SER A 77 3.92 -1.34 11.44
C SER A 77 2.98 -1.24 10.24
N LEU A 78 2.43 -2.37 9.84
CA LEU A 78 1.52 -2.41 8.72
C LEU A 78 0.09 -2.12 9.20
N ARG A 79 -0.63 -1.38 8.39
CA ARG A 79 -2.00 -1.03 8.73
C ARG A 79 -2.81 -0.78 7.46
N PRO A 80 -4.16 -0.91 7.60
CA PRO A 80 -5.06 -0.71 6.48
C PRO A 80 -5.19 0.78 6.13
N ALA A 81 -4.81 1.11 4.92
CA ALA A 81 -4.88 2.49 4.46
C ALA A 81 -6.36 2.91 4.35
N PRO A 82 -6.59 4.24 4.47
CA PRO A 82 -7.94 4.78 4.39
C PRO A 82 -8.43 4.79 2.95
N PRO A 83 -9.46 3.95 2.68
CA PRO A 83 -10.03 3.87 1.35
C PRO A 83 -10.90 5.09 1.05
N ARG A 84 -10.30 6.25 1.18
CA ARG A 84 -11.00 7.50 0.91
C ARG A 84 -10.11 8.69 1.27
N ALA A 85 -9.64 9.38 0.23
CA ALA A 85 -8.78 10.53 0.42
C ALA A 85 -8.57 11.22 -0.92
N PRO A 86 -8.27 12.55 -0.85
CA PRO A 86 -8.03 13.33 -2.06
C PRO A 86 -6.66 13.01 -2.66
N ALA A 87 -6.64 12.83 -3.97
CA ALA A 87 -5.41 12.53 -4.67
C ALA A 87 -4.95 13.76 -5.45
N ARG A 88 -4.24 14.62 -4.75
CA ARG A 88 -3.74 15.85 -5.37
C ARG A 88 -2.30 16.12 -4.91
N LEU A 89 -1.39 15.95 -5.85
CA LEU A 89 0.03 16.17 -5.57
C LEU A 89 0.68 16.86 -6.76
N LEU A 90 1.79 17.53 -6.49
CA LEU A 90 2.52 18.23 -7.53
C LEU A 90 3.95 17.70 -7.59
N LEU A 91 4.45 17.59 -8.81
CA LEU A 91 5.80 17.09 -9.02
C LEU A 91 6.73 17.68 -7.96
N GLN A 92 7.53 16.80 -7.36
CA GLN A 92 8.46 17.23 -6.33
C GLN A 92 9.89 17.24 -6.88
N GLY A 93 10.63 18.26 -6.47
CA GLY A 93 12.00 18.40 -6.92
C GLY A 93 12.49 19.84 -6.75
N LEU A 94 13.06 20.10 -5.59
CA LEU A 94 13.57 21.44 -5.28
C LEU A 94 15.10 21.43 -5.39
N PRO A 95 15.66 22.63 -5.66
CA PRO A 95 17.11 22.78 -5.79
C PRO A 95 17.79 22.73 -4.42
N PRO A 96 19.15 22.71 -4.45
CA PRO A 96 19.93 22.67 -3.23
C PRO A 96 19.92 24.03 -2.54
N GLY A 97 20.62 24.09 -1.41
CA GLY A 97 20.72 25.31 -0.65
C GLY A 97 21.94 26.13 -1.06
N THR A 98 21.87 27.43 -0.79
CA THR A 98 22.97 28.32 -1.13
C THR A 98 23.54 28.96 0.13
N SER A 99 24.85 29.16 0.12
CA SER A 99 25.54 29.76 1.24
C SER A 99 24.69 30.90 1.83
N GLY A 100 24.75 31.02 3.15
CA GLY A 100 24.00 32.06 3.83
C GLY A 100 24.01 31.83 5.35
N PRO A 101 24.94 32.54 6.03
CA PRO A 101 25.05 32.42 7.47
C PRO A 101 23.91 33.15 8.19
N SER A 102 23.81 32.91 9.48
CA SER A 102 22.77 33.53 10.29
C SER A 102 23.39 34.38 11.39
N SER A 103 22.58 35.24 11.98
CA SER A 103 23.04 36.11 13.04
C SER A 103 21.87 36.47 13.96
N GLY A 104 22.21 37.07 15.10
CA GLY A 104 21.21 37.47 16.07
C GLY A 104 21.44 36.80 17.41
N GLY A 1 -27.79 -4.63 4.74
CA GLY A 1 -26.34 -4.68 4.81
C GLY A 1 -25.72 -4.09 3.54
N SER A 2 -24.41 -3.82 3.63
CA SER A 2 -23.69 -3.25 2.51
C SER A 2 -22.20 -3.17 2.83
N SER A 3 -21.40 -3.62 1.88
CA SER A 3 -19.96 -3.61 2.05
C SER A 3 -19.34 -2.47 1.23
N GLY A 4 -19.60 -2.53 -0.07
CA GLY A 4 -19.08 -1.52 -0.98
C GLY A 4 -18.09 -2.13 -1.97
N SER A 5 -17.41 -1.25 -2.70
CA SER A 5 -16.43 -1.69 -3.68
C SER A 5 -15.22 -0.77 -3.65
N SER A 6 -14.10 -1.28 -4.17
CA SER A 6 -12.87 -0.52 -4.21
C SER A 6 -11.86 -1.21 -5.13
N GLY A 7 -11.31 -0.43 -6.04
CA GLY A 7 -10.33 -0.94 -6.99
C GLY A 7 -8.94 -0.98 -6.36
N GLY A 8 -8.23 -2.07 -6.62
CA GLY A 8 -6.89 -2.24 -6.10
C GLY A 8 -6.91 -2.38 -4.58
N VAL A 9 -5.72 -2.46 -4.00
CA VAL A 9 -5.59 -2.60 -2.56
C VAL A 9 -4.41 -1.75 -2.08
N ALA A 10 -4.59 -1.16 -0.91
CA ALA A 10 -3.55 -0.32 -0.33
C ALA A 10 -3.37 -0.69 1.14
N VAL A 11 -2.15 -0.51 1.62
CA VAL A 11 -1.83 -0.83 3.00
C VAL A 11 -0.87 0.24 3.55
N GLU A 12 -1.35 0.95 4.56
CA GLU A 12 -0.55 1.99 5.18
C GLU A 12 0.51 1.38 6.09
N VAL A 13 1.77 1.59 5.72
CA VAL A 13 2.87 1.06 6.49
C VAL A 13 3.38 2.14 7.45
N ARG A 14 3.77 1.70 8.64
CA ARG A 14 4.28 2.63 9.65
C ARG A 14 5.60 2.10 10.23
N GLY A 15 6.44 3.04 10.62
CA GLY A 15 7.73 2.69 11.19
C GLY A 15 8.62 2.00 10.15
N LEU A 16 9.00 2.77 9.14
CA LEU A 16 9.85 2.26 8.09
C LEU A 16 11.06 3.18 7.90
N PRO A 17 12.27 2.61 8.15
CA PRO A 17 13.50 3.37 8.03
C PRO A 17 13.86 3.57 6.55
N PRO A 18 14.50 4.73 6.27
CA PRO A 18 14.91 5.06 4.92
C PRO A 18 16.14 4.24 4.51
N ALA A 19 17.03 4.04 5.46
CA ALA A 19 18.24 3.29 5.21
C ALA A 19 17.91 2.05 4.39
N VAL A 20 16.67 1.57 4.56
CA VAL A 20 16.22 0.40 3.84
C VAL A 20 15.64 0.83 2.49
N PRO A 21 16.20 0.23 1.41
CA PRO A 21 15.75 0.55 0.06
C PRO A 21 14.41 -0.12 -0.24
N ASP A 22 13.67 0.50 -1.15
CA ASP A 22 12.38 -0.03 -1.53
C ASP A 22 12.53 -1.46 -2.04
N GLU A 23 13.67 -1.71 -2.66
CA GLU A 23 13.96 -3.03 -3.20
C GLU A 23 13.62 -4.11 -2.16
N LEU A 24 14.20 -3.96 -0.99
CA LEU A 24 13.96 -4.91 0.09
C LEU A 24 12.50 -4.84 0.51
N LEU A 25 12.04 -3.61 0.75
CA LEU A 25 10.66 -3.40 1.16
C LEU A 25 9.74 -4.34 0.37
N THR A 26 10.00 -4.42 -0.93
CA THR A 26 9.21 -5.26 -1.80
C THR A 26 9.68 -6.72 -1.70
N LEU A 27 10.99 -6.89 -1.88
CA LEU A 27 11.59 -8.22 -1.81
C LEU A 27 10.98 -8.98 -0.62
N TYR A 28 10.66 -8.23 0.42
CA TYR A 28 10.08 -8.82 1.62
C TYR A 28 8.58 -9.10 1.42
N PHE A 29 7.83 -8.01 1.32
CA PHE A 29 6.40 -8.12 1.14
C PHE A 29 6.06 -9.07 -0.01
N GLU A 30 6.95 -9.12 -0.98
CA GLU A 30 6.77 -10.01 -2.13
C GLU A 30 6.96 -11.46 -1.72
N ASN A 31 8.03 -11.70 -0.97
CA ASN A 31 8.34 -13.04 -0.51
C ASN A 31 7.23 -13.52 0.42
N ARG A 32 6.92 -14.81 0.33
CA ARG A 32 5.89 -15.40 1.16
C ARG A 32 6.49 -15.92 2.46
N ARG A 33 7.75 -16.34 2.37
CA ARG A 33 8.46 -16.86 3.53
C ARG A 33 8.83 -15.72 4.48
N ARG A 34 9.10 -14.57 3.89
CA ARG A 34 9.48 -13.40 4.66
C ARG A 34 8.26 -12.82 5.38
N SER A 35 7.14 -12.84 4.67
CA SER A 35 5.90 -12.31 5.22
C SER A 35 4.75 -13.29 4.95
N GLY A 36 4.43 -13.44 3.67
CA GLY A 36 3.36 -14.33 3.26
C GLY A 36 2.29 -13.58 2.47
N GLY A 37 2.74 -12.86 1.45
CA GLY A 37 1.84 -12.10 0.61
C GLY A 37 1.98 -12.50 -0.86
N GLY A 38 1.93 -11.51 -1.73
CA GLY A 38 2.06 -11.74 -3.16
C GLY A 38 2.83 -10.61 -3.84
N PRO A 39 2.51 -10.40 -5.14
CA PRO A 39 3.18 -9.36 -5.91
C PRO A 39 2.66 -7.97 -5.51
N VAL A 40 3.61 -7.06 -5.31
CA VAL A 40 3.26 -5.70 -4.93
C VAL A 40 3.09 -4.86 -6.19
N LEU A 41 1.95 -4.17 -6.25
CA LEU A 41 1.66 -3.32 -7.39
C LEU A 41 2.61 -2.13 -7.41
N SER A 42 2.63 -1.41 -6.29
CA SER A 42 3.48 -0.25 -6.16
C SER A 42 3.81 0.00 -4.69
N TRP A 43 4.61 1.04 -4.45
CA TRP A 43 5.00 1.39 -3.10
C TRP A 43 5.11 2.92 -3.03
N GLN A 44 4.19 3.52 -2.29
CA GLN A 44 4.17 4.95 -2.14
C GLN A 44 4.82 5.35 -0.80
N ARG A 45 6.07 5.81 -0.90
CA ARG A 45 6.80 6.22 0.27
C ARG A 45 6.45 7.65 0.66
N LEU A 46 5.97 7.80 1.89
CA LEU A 46 5.58 9.11 2.38
C LEU A 46 6.31 9.39 3.70
N GLY A 47 7.47 10.02 3.58
CA GLY A 47 8.27 10.35 4.75
C GLY A 47 8.80 9.08 5.41
N CYS A 48 8.38 8.87 6.65
CA CYS A 48 8.81 7.71 7.40
C CYS A 48 8.58 6.47 6.55
N GLY A 49 7.33 6.02 6.51
CA GLY A 49 6.96 4.86 5.74
C GLY A 49 6.27 5.25 4.43
N GLY A 50 4.97 5.04 4.40
CA GLY A 50 4.19 5.37 3.22
C GLY A 50 3.08 4.33 2.99
N VAL A 51 2.28 4.59 1.97
CA VAL A 51 1.19 3.69 1.62
C VAL A 51 1.65 2.74 0.52
N LEU A 52 1.40 1.46 0.75
CA LEU A 52 1.78 0.44 -0.22
C LEU A 52 0.52 -0.13 -0.88
N THR A 53 0.70 -0.62 -2.09
CA THR A 53 -0.40 -1.19 -2.83
C THR A 53 -0.14 -2.68 -3.13
N PHE A 54 -1.11 -3.50 -2.74
CA PHE A 54 -0.99 -4.93 -2.96
C PHE A 54 -1.92 -5.40 -4.09
N ARG A 55 -1.30 -5.84 -5.17
CA ARG A 55 -2.05 -6.31 -6.32
C ARG A 55 -3.30 -7.08 -5.86
N GLU A 56 -3.06 -8.08 -5.03
CA GLU A 56 -4.15 -8.89 -4.51
C GLU A 56 -4.45 -8.53 -3.06
N PRO A 57 -5.76 -8.29 -2.77
CA PRO A 57 -6.19 -7.93 -1.43
C PRO A 57 -6.17 -9.14 -0.50
N ALA A 58 -6.49 -10.29 -1.09
CA ALA A 58 -6.52 -11.53 -0.33
C ALA A 58 -5.12 -11.79 0.26
N ASP A 59 -4.12 -11.65 -0.59
CA ASP A 59 -2.75 -11.86 -0.17
C ASP A 59 -2.33 -10.75 0.80
N ALA A 60 -2.76 -9.54 0.48
CA ALA A 60 -2.44 -8.39 1.31
C ALA A 60 -2.95 -8.63 2.73
N GLU A 61 -4.13 -9.21 2.81
CA GLU A 61 -4.74 -9.51 4.10
C GLU A 61 -3.77 -10.29 4.97
N ARG A 62 -3.26 -11.38 4.40
CA ARG A 62 -2.31 -12.23 5.11
C ARG A 62 -1.16 -11.39 5.66
N VAL A 63 -0.81 -10.35 4.92
CA VAL A 63 0.27 -9.47 5.32
C VAL A 63 -0.20 -8.57 6.45
N LEU A 64 -1.47 -8.22 6.40
CA LEU A 64 -2.06 -7.37 7.43
C LEU A 64 -2.29 -8.18 8.69
N ALA A 65 -2.88 -9.35 8.50
CA ALA A 65 -3.16 -10.24 9.62
C ALA A 65 -1.99 -10.20 10.60
N GLN A 66 -0.81 -9.98 10.06
CA GLN A 66 0.39 -9.92 10.89
C GLN A 66 0.74 -8.46 11.19
N ALA A 67 0.47 -8.06 12.42
CA ALA A 67 0.75 -6.70 12.85
C ALA A 67 2.26 -6.55 13.10
N ASP A 68 2.97 -7.64 12.88
CA ASP A 68 4.41 -7.64 13.08
C ASP A 68 5.10 -7.91 11.74
N HIS A 69 6.14 -7.14 11.49
CA HIS A 69 6.90 -7.26 10.25
C HIS A 69 8.35 -6.84 10.50
N GLU A 70 9.26 -7.54 9.83
CA GLU A 70 10.67 -7.25 9.96
C GLU A 70 11.31 -7.07 8.57
N LEU A 71 12.04 -5.97 8.43
CA LEU A 71 12.71 -5.67 7.17
C LEU A 71 13.98 -4.88 7.45
N HIS A 72 15.10 -5.62 7.44
CA HIS A 72 16.40 -5.01 7.69
C HIS A 72 16.40 -4.36 9.07
N GLY A 73 16.36 -5.21 10.09
CA GLY A 73 16.35 -4.74 11.47
C GLY A 73 15.46 -3.51 11.62
N ALA A 74 14.19 -3.77 11.86
CA ALA A 74 13.22 -2.70 12.04
C ALA A 74 11.82 -3.28 12.09
N GLN A 75 10.97 -2.64 12.88
CA GLN A 75 9.59 -3.08 13.02
C GLN A 75 8.67 -2.25 12.13
N LEU A 76 8.18 -2.89 11.08
CA LEU A 76 7.29 -2.21 10.14
C LEU A 76 5.84 -2.51 10.54
N SER A 77 5.13 -1.45 10.89
CA SER A 77 3.74 -1.58 11.28
C SER A 77 2.83 -1.50 10.05
N LEU A 78 2.19 -2.62 9.75
CA LEU A 78 1.30 -2.69 8.61
C LEU A 78 -0.13 -2.40 9.07
N ARG A 79 -0.83 -1.62 8.27
CA ARG A 79 -2.21 -1.27 8.57
C ARG A 79 -2.98 -0.96 7.29
N PRO A 80 -4.34 -1.02 7.41
CA PRO A 80 -5.19 -0.76 6.27
C PRO A 80 -5.26 0.74 5.96
N ALA A 81 -4.78 1.09 4.78
CA ALA A 81 -4.78 2.48 4.36
C ALA A 81 -6.22 2.96 4.16
N PRO A 82 -6.39 4.30 4.28
CA PRO A 82 -7.71 4.90 4.13
C PRO A 82 -8.14 4.93 2.65
N PRO A 83 -9.19 4.13 2.34
CA PRO A 83 -9.70 4.06 0.98
C PRO A 83 -10.49 5.32 0.63
N ARG A 84 -10.46 5.66 -0.65
CA ARG A 84 -11.18 6.84 -1.12
C ARG A 84 -10.84 7.10 -2.60
N ALA A 85 -9.55 7.29 -2.86
CA ALA A 85 -9.08 7.54 -4.20
C ALA A 85 -7.56 7.66 -4.20
N PRO A 86 -6.96 7.28 -5.35
CA PRO A 86 -5.51 7.34 -5.49
C PRO A 86 -5.04 8.78 -5.69
N ALA A 87 -3.78 9.01 -5.32
CA ALA A 87 -3.20 10.33 -5.44
C ALA A 87 -2.32 10.39 -6.70
N ARG A 88 -2.47 11.48 -7.44
CA ARG A 88 -1.71 11.66 -8.66
C ARG A 88 -0.37 12.34 -8.35
N LEU A 89 0.63 12.01 -9.15
CA LEU A 89 1.95 12.57 -8.98
C LEU A 89 1.87 14.10 -9.10
N LEU A 90 2.03 14.76 -7.97
CA LEU A 90 1.97 16.22 -7.94
C LEU A 90 3.15 16.74 -7.13
N LEU A 91 3.95 17.59 -7.78
CA LEU A 91 5.11 18.17 -7.13
C LEU A 91 4.75 18.55 -5.69
N GLN A 92 5.77 18.59 -4.85
CA GLN A 92 5.58 18.93 -3.46
C GLN A 92 6.63 19.95 -3.01
N GLY A 93 6.22 21.21 -2.97
CA GLY A 93 7.12 22.28 -2.56
C GLY A 93 7.11 22.45 -1.05
N LEU A 94 8.31 22.57 -0.49
CA LEU A 94 8.47 22.74 0.93
C LEU A 94 8.40 24.23 1.28
N PRO A 95 8.11 24.50 2.59
CA PRO A 95 8.02 25.86 3.06
C PRO A 95 9.40 26.51 3.18
N PRO A 96 9.40 27.85 3.44
CA PRO A 96 10.64 28.58 3.58
C PRO A 96 11.30 28.30 4.93
N GLY A 97 12.55 28.73 5.05
CA GLY A 97 13.30 28.53 6.28
C GLY A 97 13.06 29.67 7.26
N THR A 98 14.12 30.01 7.98
CA THR A 98 14.03 31.09 8.96
C THR A 98 15.42 31.68 9.21
N SER A 99 15.44 33.00 9.35
CA SER A 99 16.68 33.71 9.60
C SER A 99 16.39 35.15 10.02
N GLY A 100 17.22 35.65 10.93
CA GLY A 100 17.05 37.00 11.43
C GLY A 100 17.76 37.18 12.78
N PRO A 101 17.97 38.47 13.15
CA PRO A 101 18.63 38.79 14.40
C PRO A 101 17.69 38.57 15.59
N SER A 102 18.21 38.82 16.78
CA SER A 102 17.43 38.66 17.99
C SER A 102 18.02 39.51 19.11
N SER A 103 17.13 39.98 19.99
CA SER A 103 17.55 40.81 21.10
C SER A 103 16.59 40.61 22.29
N GLY A 104 17.09 40.94 23.46
CA GLY A 104 16.30 40.79 24.68
C GLY A 104 16.32 39.36 25.19
N GLY A 1 -14.32 2.84 11.84
CA GLY A 1 -13.99 2.09 10.64
C GLY A 1 -13.96 0.59 10.91
N SER A 2 -14.28 -0.17 9.88
CA SER A 2 -14.30 -1.62 10.00
C SER A 2 -13.76 -2.26 8.72
N SER A 3 -14.41 -1.94 7.61
CA SER A 3 -14.00 -2.47 6.32
C SER A 3 -14.88 -1.89 5.21
N GLY A 4 -14.29 -1.75 4.04
CA GLY A 4 -15.00 -1.22 2.89
C GLY A 4 -14.41 -1.75 1.58
N SER A 5 -14.86 -1.15 0.49
CA SER A 5 -14.40 -1.55 -0.83
C SER A 5 -14.33 -0.33 -1.75
N SER A 6 -13.11 -0.06 -2.23
CA SER A 6 -12.89 1.07 -3.12
C SER A 6 -11.55 0.92 -3.83
N GLY A 7 -11.51 1.43 -5.05
CA GLY A 7 -10.29 1.36 -5.85
C GLY A 7 -9.71 -0.06 -5.85
N GLY A 8 -8.52 -0.18 -5.26
CA GLY A 8 -7.85 -1.47 -5.18
C GLY A 8 -7.56 -1.85 -3.73
N VAL A 9 -6.37 -2.40 -3.52
CA VAL A 9 -5.96 -2.81 -2.20
C VAL A 9 -4.68 -2.06 -1.81
N ALA A 10 -4.79 -1.28 -0.74
CA ALA A 10 -3.65 -0.51 -0.25
C ALA A 10 -3.46 -0.80 1.24
N VAL A 11 -2.20 -0.74 1.65
CA VAL A 11 -1.86 -0.99 3.04
C VAL A 11 -0.94 0.13 3.54
N GLU A 12 -1.41 0.84 4.54
CA GLU A 12 -0.65 1.94 5.13
C GLU A 12 0.48 1.39 6.00
N VAL A 13 1.70 1.59 5.52
CA VAL A 13 2.88 1.12 6.25
C VAL A 13 3.42 2.26 7.12
N ARG A 14 3.72 1.91 8.37
CA ARG A 14 4.24 2.89 9.31
C ARG A 14 5.44 2.31 10.05
N GLY A 15 6.38 3.20 10.37
CA GLY A 15 7.58 2.79 11.09
C GLY A 15 8.54 2.04 10.16
N LEU A 16 9.08 2.78 9.20
CA LEU A 16 10.01 2.20 8.25
C LEU A 16 11.23 3.11 8.12
N PRO A 17 12.43 2.50 8.34
CA PRO A 17 13.68 3.25 8.25
C PRO A 17 14.05 3.52 6.79
N PRO A 18 14.70 4.69 6.57
CA PRO A 18 15.12 5.07 5.23
C PRO A 18 16.34 4.27 4.78
N ALA A 19 17.14 3.88 5.76
CA ALA A 19 18.34 3.10 5.48
C ALA A 19 17.97 1.88 4.63
N VAL A 20 16.72 1.46 4.77
CA VAL A 20 16.23 0.32 4.02
C VAL A 20 15.60 0.79 2.72
N PRO A 21 16.13 0.27 1.59
CA PRO A 21 15.63 0.64 0.27
C PRO A 21 14.29 -0.03 -0.01
N ASP A 22 13.58 0.50 -0.99
CA ASP A 22 12.29 -0.03 -1.37
C ASP A 22 12.47 -1.46 -1.89
N GLU A 23 13.55 -1.65 -2.64
CA GLU A 23 13.85 -2.96 -3.20
C GLU A 23 13.55 -4.06 -2.18
N LEU A 24 14.14 -3.90 -1.00
CA LEU A 24 13.94 -4.86 0.07
C LEU A 24 12.48 -4.83 0.52
N LEU A 25 12.00 -3.62 0.77
CA LEU A 25 10.63 -3.43 1.21
C LEU A 25 9.71 -4.39 0.44
N THR A 26 9.95 -4.46 -0.86
CA THR A 26 9.17 -5.32 -1.72
C THR A 26 9.67 -6.76 -1.64
N LEU A 27 10.97 -6.92 -1.84
CA LEU A 27 11.59 -8.23 -1.78
C LEU A 27 11.01 -9.02 -0.61
N TYR A 28 10.69 -8.28 0.45
CA TYR A 28 10.13 -8.89 1.64
C TYR A 28 8.63 -9.18 1.46
N PHE A 29 7.87 -8.11 1.29
CA PHE A 29 6.44 -8.23 1.10
C PHE A 29 6.11 -9.19 -0.04
N GLU A 30 6.77 -8.96 -1.17
CA GLU A 30 6.56 -9.80 -2.35
C GLU A 30 6.69 -11.28 -1.97
N ASN A 31 7.79 -11.60 -1.31
CA ASN A 31 8.04 -12.97 -0.90
C ASN A 31 6.88 -13.45 -0.04
N ARG A 32 6.57 -14.73 -0.18
CA ARG A 32 5.48 -15.34 0.57
C ARG A 32 5.96 -15.74 1.96
N ARG A 33 6.99 -16.59 1.98
CA ARG A 33 7.55 -17.06 3.23
C ARG A 33 7.79 -15.88 4.18
N ARG A 34 8.40 -14.84 3.65
CA ARG A 34 8.69 -13.65 4.42
C ARG A 34 7.42 -13.14 5.11
N SER A 35 6.46 -12.74 4.28
CA SER A 35 5.20 -12.23 4.79
C SER A 35 4.05 -13.15 4.35
N GLY A 36 3.80 -13.14 3.05
CA GLY A 36 2.73 -13.96 2.49
C GLY A 36 1.82 -13.13 1.58
N GLY A 37 2.43 -12.56 0.56
CA GLY A 37 1.68 -11.75 -0.39
C GLY A 37 1.98 -12.17 -1.84
N GLY A 38 1.92 -11.20 -2.72
CA GLY A 38 2.17 -11.45 -4.13
C GLY A 38 3.00 -10.32 -4.76
N PRO A 39 2.76 -10.10 -6.08
CA PRO A 39 3.47 -9.06 -6.80
C PRO A 39 2.93 -7.67 -6.44
N VAL A 40 3.63 -7.03 -5.51
CA VAL A 40 3.24 -5.70 -5.06
C VAL A 40 3.01 -4.80 -6.28
N LEU A 41 1.81 -4.25 -6.36
CA LEU A 41 1.46 -3.38 -7.47
C LEU A 41 2.40 -2.17 -7.47
N SER A 42 2.41 -1.46 -6.34
CA SER A 42 3.25 -0.29 -6.20
C SER A 42 3.61 -0.08 -4.73
N TRP A 43 4.40 0.96 -4.49
CA TRP A 43 4.81 1.29 -3.13
C TRP A 43 5.04 2.80 -3.06
N GLN A 44 4.18 3.47 -2.31
CA GLN A 44 4.27 4.90 -2.15
C GLN A 44 4.95 5.25 -0.82
N ARG A 45 6.24 5.51 -0.90
CA ARG A 45 7.00 5.84 0.30
C ARG A 45 6.67 7.26 0.75
N LEU A 46 6.40 7.39 2.04
CA LEU A 46 6.06 8.68 2.61
C LEU A 46 7.16 9.10 3.59
N GLY A 47 6.88 10.16 4.34
CA GLY A 47 7.83 10.66 5.32
C GLY A 47 8.61 9.52 5.95
N CYS A 48 7.90 8.69 6.71
CA CYS A 48 8.52 7.57 7.39
C CYS A 48 8.23 6.31 6.56
N GLY A 49 6.99 5.84 6.67
CA GLY A 49 6.58 4.65 5.95
C GLY A 49 6.05 5.00 4.56
N GLY A 50 4.73 4.89 4.42
CA GLY A 50 4.10 5.20 3.15
C GLY A 50 2.95 4.22 2.87
N VAL A 51 2.19 4.54 1.83
CA VAL A 51 1.07 3.71 1.45
C VAL A 51 1.52 2.70 0.39
N LEU A 52 1.25 1.43 0.65
CA LEU A 52 1.63 0.37 -0.27
C LEU A 52 0.36 -0.20 -0.92
N THR A 53 0.56 -0.79 -2.10
CA THR A 53 -0.55 -1.38 -2.82
C THR A 53 -0.25 -2.85 -3.14
N PHE A 54 -1.25 -3.69 -2.90
CA PHE A 54 -1.11 -5.11 -3.16
C PHE A 54 -2.01 -5.55 -4.33
N ARG A 55 -1.37 -6.05 -5.36
CA ARG A 55 -2.09 -6.50 -6.54
C ARG A 55 -3.39 -7.21 -6.13
N GLU A 56 -3.22 -8.22 -5.29
CA GLU A 56 -4.37 -8.98 -4.81
C GLU A 56 -4.77 -8.51 -3.41
N PRO A 57 -6.09 -8.64 -3.11
CA PRO A 57 -6.62 -8.24 -1.82
C PRO A 57 -6.23 -9.25 -0.74
N ALA A 58 -6.52 -10.51 -1.02
CA ALA A 58 -6.22 -11.58 -0.09
C ALA A 58 -4.71 -11.60 0.18
N ASP A 59 -3.95 -11.44 -0.88
CA ASP A 59 -2.50 -11.44 -0.78
C ASP A 59 -2.06 -10.32 0.16
N ALA A 60 -2.86 -9.27 0.18
CA ALA A 60 -2.57 -8.12 1.03
C ALA A 60 -2.99 -8.43 2.47
N GLU A 61 -4.15 -9.05 2.60
CA GLU A 61 -4.67 -9.41 3.90
C GLU A 61 -3.74 -10.41 4.58
N ARG A 62 -3.29 -11.38 3.80
CA ARG A 62 -2.40 -12.40 4.31
C ARG A 62 -1.15 -11.76 4.92
N VAL A 63 -0.93 -10.50 4.55
CA VAL A 63 0.23 -9.77 5.04
C VAL A 63 -0.17 -9.02 6.31
N LEU A 64 -1.33 -8.39 6.26
CA LEU A 64 -1.82 -7.63 7.40
C LEU A 64 -2.02 -8.58 8.58
N ALA A 65 -2.50 -9.78 8.27
CA ALA A 65 -2.74 -10.78 9.29
C ALA A 65 -1.61 -10.74 10.32
N GLN A 66 -0.44 -10.35 9.85
CA GLN A 66 0.72 -10.26 10.72
C GLN A 66 0.86 -8.85 11.27
N ALA A 67 0.67 -8.74 12.59
CA ALA A 67 0.76 -7.45 13.25
C ALA A 67 2.24 -7.11 13.47
N ASP A 68 3.10 -7.98 12.97
CA ASP A 68 4.53 -7.78 13.10
C ASP A 68 5.19 -7.94 11.73
N HIS A 69 6.29 -7.21 11.54
CA HIS A 69 7.01 -7.26 10.29
C HIS A 69 8.48 -6.89 10.53
N GLU A 70 9.36 -7.66 9.89
CA GLU A 70 10.79 -7.43 10.03
C GLU A 70 11.42 -7.23 8.65
N LEU A 71 12.06 -6.07 8.50
CA LEU A 71 12.72 -5.74 7.24
C LEU A 71 14.00 -4.96 7.53
N HIS A 72 15.11 -5.67 7.48
CA HIS A 72 16.41 -5.06 7.73
C HIS A 72 16.47 -4.58 9.18
N GLY A 73 16.19 -5.51 10.10
CA GLY A 73 16.22 -5.19 11.52
C GLY A 73 15.38 -3.94 11.81
N ALA A 74 14.07 -4.14 11.84
CA ALA A 74 13.16 -3.04 12.10
C ALA A 74 11.72 -3.59 12.12
N GLN A 75 10.96 -3.11 13.10
CA GLN A 75 9.58 -3.54 13.23
C GLN A 75 8.65 -2.59 12.47
N LEU A 76 8.25 -3.03 11.28
CA LEU A 76 7.37 -2.23 10.45
C LEU A 76 5.93 -2.39 10.93
N SER A 77 5.27 -1.25 11.11
CA SER A 77 3.89 -1.25 11.57
C SER A 77 2.94 -1.16 10.38
N LEU A 78 2.41 -2.30 10.00
CA LEU A 78 1.48 -2.36 8.87
C LEU A 78 0.07 -2.09 9.37
N ARG A 79 -0.69 -1.39 8.54
CA ARG A 79 -2.07 -1.05 8.88
C ARG A 79 -2.90 -0.88 7.61
N PRO A 80 -4.25 -0.96 7.79
CA PRO A 80 -5.16 -0.81 6.67
C PRO A 80 -5.27 0.66 6.25
N ALA A 81 -4.80 0.93 5.05
CA ALA A 81 -4.83 2.29 4.52
C ALA A 81 -6.29 2.70 4.27
N PRO A 82 -6.51 4.03 4.18
CA PRO A 82 -7.83 4.56 3.95
C PRO A 82 -8.27 4.35 2.49
N PRO A 83 -9.61 4.34 2.29
CA PRO A 83 -10.16 4.16 0.95
C PRO A 83 -10.00 5.42 0.12
N ARG A 84 -8.76 5.87 0.01
CA ARG A 84 -8.46 7.06 -0.77
C ARG A 84 -6.99 7.45 -0.58
N ALA A 85 -6.23 7.28 -1.65
CA ALA A 85 -4.81 7.62 -1.63
C ALA A 85 -4.49 8.53 -2.81
N PRO A 86 -3.45 9.38 -2.61
CA PRO A 86 -3.02 10.30 -3.65
C PRO A 86 -2.27 9.58 -4.76
N ALA A 87 -2.32 10.17 -5.95
CA ALA A 87 -1.66 9.58 -7.11
C ALA A 87 -0.67 10.59 -7.67
N ARG A 88 0.60 10.19 -7.69
CA ARG A 88 1.65 11.05 -8.21
C ARG A 88 2.97 10.28 -8.29
N LEU A 89 3.46 10.14 -9.51
CA LEU A 89 4.72 9.43 -9.73
C LEU A 89 5.21 9.71 -11.15
N LEU A 90 5.46 10.98 -11.42
CA LEU A 90 5.94 11.39 -12.74
C LEU A 90 6.77 12.67 -12.60
N LEU A 91 8.06 12.47 -12.39
CA LEU A 91 8.97 13.60 -12.24
C LEU A 91 8.77 14.57 -13.40
N GLN A 92 9.13 14.10 -14.59
CA GLN A 92 9.00 14.92 -15.79
C GLN A 92 9.67 16.28 -15.58
N GLY A 93 10.98 16.30 -15.79
CA GLY A 93 11.74 17.52 -15.62
C GLY A 93 13.24 17.22 -15.49
N LEU A 94 14.04 18.21 -15.81
CA LEU A 94 15.48 18.07 -15.73
C LEU A 94 15.97 18.61 -14.38
N PRO A 95 17.20 18.16 -13.99
CA PRO A 95 17.78 18.58 -12.73
C PRO A 95 18.31 20.01 -12.83
N PRO A 96 18.66 20.58 -11.63
CA PRO A 96 19.17 21.94 -11.57
C PRO A 96 20.61 22.00 -12.07
N GLY A 97 21.01 23.20 -12.45
CA GLY A 97 22.36 23.42 -12.95
C GLY A 97 22.45 24.68 -13.79
N THR A 98 22.35 25.82 -13.11
CA THR A 98 22.41 27.11 -13.78
C THR A 98 23.21 28.11 -12.94
N SER A 99 23.85 29.04 -13.64
CA SER A 99 24.64 30.05 -12.98
C SER A 99 25.28 30.98 -14.01
N GLY A 100 25.28 32.27 -13.69
CA GLY A 100 25.86 33.27 -14.58
C GLY A 100 26.79 34.20 -13.82
N PRO A 101 28.11 33.88 -13.90
CA PRO A 101 29.12 34.69 -13.23
C PRO A 101 29.35 36.01 -13.97
N SER A 102 28.81 37.08 -13.41
CA SER A 102 28.94 38.40 -14.00
C SER A 102 30.07 39.17 -13.32
N SER A 103 31.05 39.58 -14.11
CA SER A 103 32.18 40.32 -13.60
C SER A 103 32.90 41.03 -14.73
N GLY A 104 33.77 41.97 -14.35
CA GLY A 104 34.53 42.73 -15.33
C GLY A 104 35.16 43.95 -14.69
N GLY A 1 -14.73 4.93 9.78
CA GLY A 1 -15.71 4.78 8.72
C GLY A 1 -15.39 3.57 7.84
N SER A 2 -15.88 3.63 6.61
CA SER A 2 -15.65 2.55 5.67
C SER A 2 -15.88 3.04 4.24
N SER A 3 -17.01 3.72 4.05
CA SER A 3 -17.35 4.25 2.75
C SER A 3 -17.54 3.11 1.75
N GLY A 4 -16.42 2.65 1.20
CA GLY A 4 -16.45 1.58 0.24
C GLY A 4 -15.79 2.00 -1.08
N SER A 5 -14.71 1.32 -1.41
CA SER A 5 -13.99 1.62 -2.64
C SER A 5 -14.18 0.48 -3.65
N SER A 6 -13.93 -0.73 -3.17
CA SER A 6 -14.07 -1.91 -4.01
C SER A 6 -13.27 -1.71 -5.30
N GLY A 7 -11.99 -2.06 -5.22
CA GLY A 7 -11.11 -1.93 -6.37
C GLY A 7 -9.69 -2.38 -6.03
N GLY A 8 -8.83 -1.40 -5.79
CA GLY A 8 -7.45 -1.68 -5.45
C GLY A 8 -7.30 -1.95 -3.96
N VAL A 9 -6.11 -2.40 -3.58
CA VAL A 9 -5.82 -2.71 -2.20
C VAL A 9 -4.53 -2.02 -1.77
N ALA A 10 -4.64 -1.16 -0.78
CA ALA A 10 -3.49 -0.43 -0.27
C ALA A 10 -3.38 -0.64 1.24
N VAL A 11 -2.14 -0.71 1.70
CA VAL A 11 -1.88 -0.92 3.11
C VAL A 11 -0.94 0.18 3.62
N GLU A 12 -1.38 0.87 4.65
CA GLU A 12 -0.59 1.94 5.23
C GLU A 12 0.55 1.37 6.08
N VAL A 13 1.77 1.66 5.66
CA VAL A 13 2.94 1.18 6.36
C VAL A 13 3.50 2.31 7.23
N ARG A 14 3.73 1.98 8.50
CA ARG A 14 4.28 2.95 9.44
C ARG A 14 5.47 2.36 10.18
N GLY A 15 6.43 3.23 10.47
CA GLY A 15 7.63 2.81 11.17
C GLY A 15 8.60 2.09 10.23
N LEU A 16 9.04 2.82 9.21
CA LEU A 16 9.96 2.27 8.24
C LEU A 16 11.10 3.25 8.00
N PRO A 17 12.35 2.76 8.23
CA PRO A 17 13.53 3.58 8.05
C PRO A 17 13.84 3.77 6.56
N PRO A 18 14.43 4.96 6.24
CA PRO A 18 14.78 5.27 4.87
C PRO A 18 16.03 4.49 4.43
N ALA A 19 16.88 4.20 5.40
CA ALA A 19 18.10 3.47 5.13
C ALA A 19 17.78 2.25 4.26
N VAL A 20 16.57 1.73 4.45
CA VAL A 20 16.13 0.58 3.70
C VAL A 20 15.50 1.04 2.38
N PRO A 21 15.99 0.44 1.27
CA PRO A 21 15.49 0.78 -0.06
C PRO A 21 14.10 0.17 -0.29
N ASP A 22 13.46 0.62 -1.36
CA ASP A 22 12.14 0.13 -1.71
C ASP A 22 12.27 -1.27 -2.33
N GLU A 23 13.51 -1.61 -2.65
CA GLU A 23 13.77 -2.91 -3.25
C GLU A 23 13.48 -4.03 -2.25
N LEU A 24 13.98 -3.84 -1.04
CA LEU A 24 13.78 -4.82 0.02
C LEU A 24 12.32 -4.78 0.48
N LEU A 25 11.88 -3.57 0.80
CA LEU A 25 10.51 -3.38 1.26
C LEU A 25 9.58 -4.29 0.46
N THR A 26 9.88 -4.40 -0.83
CA THR A 26 9.07 -5.23 -1.72
C THR A 26 9.55 -6.69 -1.65
N LEU A 27 10.85 -6.86 -1.82
CA LEU A 27 11.43 -8.19 -1.79
C LEU A 27 10.84 -8.98 -0.62
N TYR A 28 10.55 -8.26 0.45
CA TYR A 28 9.99 -8.86 1.64
C TYR A 28 8.49 -9.15 1.45
N PHE A 29 7.74 -8.07 1.25
CA PHE A 29 6.31 -8.20 1.06
C PHE A 29 5.99 -9.10 -0.14
N GLU A 30 7.00 -9.31 -0.96
CA GLU A 30 6.85 -10.16 -2.13
C GLU A 30 7.10 -11.62 -1.78
N ASN A 31 8.15 -11.83 -0.99
CA ASN A 31 8.51 -13.17 -0.56
C ASN A 31 7.44 -13.71 0.38
N ARG A 32 6.91 -14.87 0.00
CA ARG A 32 5.87 -15.50 0.80
C ARG A 32 6.49 -16.16 2.04
N ARG A 33 7.76 -16.48 1.94
CA ARG A 33 8.47 -17.09 3.04
C ARG A 33 8.83 -16.06 4.10
N ARG A 34 9.39 -14.95 3.64
CA ARG A 34 9.77 -13.87 4.53
C ARG A 34 8.54 -13.23 5.16
N SER A 35 7.58 -12.90 4.30
CA SER A 35 6.35 -12.28 4.75
C SER A 35 5.22 -13.31 4.76
N GLY A 36 4.64 -13.52 3.59
CA GLY A 36 3.55 -14.47 3.45
C GLY A 36 2.31 -13.81 2.86
N GLY A 37 2.48 -13.31 1.64
CA GLY A 37 1.38 -12.64 0.96
C GLY A 37 1.39 -12.98 -0.54
N GLY A 38 1.73 -11.97 -1.34
CA GLY A 38 1.78 -12.13 -2.77
C GLY A 38 2.60 -11.02 -3.42
N PRO A 39 2.26 -10.74 -4.71
CA PRO A 39 2.97 -9.71 -5.46
C PRO A 39 2.52 -8.31 -5.01
N VAL A 40 3.39 -7.34 -5.24
CA VAL A 40 3.10 -5.98 -4.87
C VAL A 40 2.90 -5.13 -6.13
N LEU A 41 1.76 -4.48 -6.19
CA LEU A 41 1.44 -3.64 -7.34
C LEU A 41 2.40 -2.45 -7.37
N SER A 42 2.43 -1.72 -6.27
CA SER A 42 3.29 -0.56 -6.16
C SER A 42 3.58 -0.25 -4.69
N TRP A 43 4.38 0.79 -4.47
CA TRP A 43 4.74 1.19 -3.13
C TRP A 43 4.90 2.71 -3.11
N GLN A 44 4.42 3.32 -2.04
CA GLN A 44 4.50 4.75 -1.89
C GLN A 44 5.13 5.12 -0.54
N ARG A 45 6.33 5.66 -0.62
CA ARG A 45 7.05 6.06 0.58
C ARG A 45 6.65 7.48 1.00
N LEU A 46 5.94 7.56 2.12
CA LEU A 46 5.50 8.84 2.62
C LEU A 46 6.01 9.02 4.06
N GLY A 47 7.17 9.64 4.16
CA GLY A 47 7.78 9.88 5.46
C GLY A 47 8.05 8.57 6.19
N CYS A 48 7.92 8.62 7.51
CA CYS A 48 8.15 7.44 8.33
C CYS A 48 7.08 6.40 7.99
N GLY A 49 7.29 5.72 6.86
CA GLY A 49 6.36 4.70 6.42
C GLY A 49 5.94 4.94 4.96
N GLY A 50 4.64 4.92 4.74
CA GLY A 50 4.10 5.13 3.40
C GLY A 50 2.96 4.15 3.12
N VAL A 51 2.32 4.36 1.98
CA VAL A 51 1.21 3.53 1.58
C VAL A 51 1.68 2.54 0.50
N LEU A 52 1.41 1.27 0.75
CA LEU A 52 1.79 0.22 -0.17
C LEU A 52 0.55 -0.35 -0.84
N THR A 53 0.74 -0.83 -2.06
CA THR A 53 -0.36 -1.40 -2.83
C THR A 53 -0.07 -2.86 -3.16
N PHE A 54 -1.03 -3.72 -2.83
CA PHE A 54 -0.89 -5.14 -3.10
C PHE A 54 -1.74 -5.56 -4.29
N ARG A 55 -1.09 -6.21 -5.24
CA ARG A 55 -1.78 -6.68 -6.44
C ARG A 55 -3.16 -7.24 -6.08
N GLU A 56 -3.15 -8.27 -5.25
CA GLU A 56 -4.39 -8.90 -4.82
C GLU A 56 -4.74 -8.45 -3.40
N PRO A 57 -6.06 -8.57 -3.07
CA PRO A 57 -6.54 -8.19 -1.76
C PRO A 57 -6.15 -9.23 -0.70
N ALA A 58 -6.50 -10.47 -1.00
CA ALA A 58 -6.20 -11.58 -0.10
C ALA A 58 -4.69 -11.66 0.10
N ASP A 59 -3.97 -11.43 -0.98
CA ASP A 59 -2.51 -11.48 -0.94
C ASP A 59 -1.99 -10.34 -0.07
N ALA A 60 -2.85 -9.35 0.11
CA ALA A 60 -2.49 -8.19 0.92
C ALA A 60 -2.94 -8.42 2.36
N GLU A 61 -4.04 -9.13 2.50
CA GLU A 61 -4.59 -9.43 3.82
C GLU A 61 -3.72 -10.46 4.53
N ARG A 62 -3.24 -11.42 3.76
CA ARG A 62 -2.39 -12.47 4.31
C ARG A 62 -1.15 -11.86 4.97
N VAL A 63 -0.86 -10.63 4.58
CA VAL A 63 0.29 -9.92 5.11
C VAL A 63 -0.13 -9.15 6.36
N LEU A 64 -1.24 -8.44 6.24
CA LEU A 64 -1.77 -7.65 7.34
C LEU A 64 -2.03 -8.58 8.54
N ALA A 65 -2.56 -9.75 8.23
CA ALA A 65 -2.87 -10.73 9.26
C ALA A 65 -1.76 -10.73 10.31
N GLN A 66 -0.56 -10.42 9.84
CA GLN A 66 0.60 -10.38 10.73
C GLN A 66 0.72 -9.01 11.38
N ALA A 67 0.58 -9.00 12.70
CA ALA A 67 0.67 -7.76 13.46
C ALA A 67 2.13 -7.38 13.64
N ASP A 68 3.00 -8.19 13.04
CA ASP A 68 4.44 -7.94 13.12
C ASP A 68 5.03 -7.97 11.71
N HIS A 69 6.06 -7.16 11.53
CA HIS A 69 6.73 -7.08 10.24
C HIS A 69 8.19 -6.64 10.45
N GLU A 70 9.09 -7.45 9.90
CA GLU A 70 10.51 -7.16 10.02
C GLU A 70 11.15 -7.11 8.63
N LEU A 71 11.89 -6.03 8.39
CA LEU A 71 12.55 -5.84 7.12
C LEU A 71 13.83 -5.03 7.34
N HIS A 72 14.95 -5.74 7.26
CA HIS A 72 16.25 -5.10 7.44
C HIS A 72 16.34 -4.50 8.85
N GLY A 73 16.37 -5.39 9.83
CA GLY A 73 16.45 -4.97 11.23
C GLY A 73 15.61 -3.71 11.46
N ALA A 74 14.34 -3.94 11.78
CA ALA A 74 13.43 -2.84 12.04
C ALA A 74 12.00 -3.39 12.16
N GLN A 75 11.21 -2.73 12.99
CA GLN A 75 9.83 -3.13 13.21
C GLN A 75 8.89 -2.25 12.41
N LEU A 76 8.36 -2.81 11.32
CA LEU A 76 7.44 -2.09 10.47
C LEU A 76 6.01 -2.33 10.94
N SER A 77 5.27 -1.24 11.08
CA SER A 77 3.89 -1.32 11.52
C SER A 77 2.94 -1.26 10.32
N LEU A 78 2.48 -2.43 9.91
CA LEU A 78 1.58 -2.53 8.78
C LEU A 78 0.14 -2.34 9.26
N ARG A 79 -0.63 -1.60 8.47
CA ARG A 79 -2.01 -1.33 8.79
C ARG A 79 -2.82 -1.08 7.52
N PRO A 80 -4.17 -1.19 7.67
CA PRO A 80 -5.06 -0.98 6.55
C PRO A 80 -5.19 0.51 6.22
N ALA A 81 -4.70 0.87 5.04
CA ALA A 81 -4.75 2.26 4.60
C ALA A 81 -6.21 2.66 4.37
N PRO A 82 -6.40 3.98 4.14
CA PRO A 82 -7.74 4.52 3.91
C PRO A 82 -8.23 4.17 2.50
N PRO A 83 -9.57 4.02 2.38
CA PRO A 83 -10.17 3.69 1.10
C PRO A 83 -10.20 4.91 0.18
N ARG A 84 -10.33 4.63 -1.11
CA ARG A 84 -10.37 5.70 -2.10
C ARG A 84 -9.16 6.62 -1.94
N ALA A 85 -8.07 6.24 -2.58
CA ALA A 85 -6.85 7.03 -2.51
C ALA A 85 -6.37 7.10 -1.06
N PRO A 86 -5.04 7.30 -0.90
CA PRO A 86 -4.46 7.40 0.43
C PRO A 86 -4.77 8.75 1.07
N ALA A 87 -4.53 9.80 0.31
CA ALA A 87 -4.78 11.15 0.79
C ALA A 87 -4.66 12.14 -0.37
N ARG A 88 -5.62 12.04 -1.29
CA ARG A 88 -5.63 12.91 -2.45
C ARG A 88 -6.82 13.87 -2.39
N LEU A 89 -6.83 14.68 -1.35
CA LEU A 89 -7.90 15.64 -1.15
C LEU A 89 -7.52 16.97 -1.81
N LEU A 90 -6.52 17.61 -1.22
CA LEU A 90 -6.04 18.88 -1.74
C LEU A 90 -7.23 19.83 -1.90
N LEU A 91 -7.60 20.46 -0.78
CA LEU A 91 -8.70 21.39 -0.78
C LEU A 91 -8.40 22.54 -1.74
N GLN A 92 -9.45 23.02 -2.40
CA GLN A 92 -9.31 24.12 -3.34
C GLN A 92 -9.32 25.46 -2.61
N GLY A 93 -8.27 26.23 -2.85
CA GLY A 93 -8.15 27.54 -2.23
C GLY A 93 -7.56 28.57 -3.20
N LEU A 94 -8.41 29.52 -3.57
CA LEU A 94 -7.99 30.56 -4.49
C LEU A 94 -8.90 31.79 -4.33
N PRO A 95 -8.32 32.98 -4.62
CA PRO A 95 -9.07 34.21 -4.50
C PRO A 95 -10.05 34.38 -5.65
N PRO A 96 -10.96 35.38 -5.51
CA PRO A 96 -11.96 35.64 -6.53
C PRO A 96 -11.33 36.34 -7.74
N GLY A 97 -11.96 36.14 -8.89
CA GLY A 97 -11.47 36.74 -10.12
C GLY A 97 -12.55 36.70 -11.22
N THR A 98 -13.17 37.85 -11.44
CA THR A 98 -14.21 37.95 -12.44
C THR A 98 -14.13 39.31 -13.17
N SER A 99 -13.83 39.24 -14.45
CA SER A 99 -13.72 40.45 -15.25
C SER A 99 -14.23 40.18 -16.67
N GLY A 100 -14.65 41.25 -17.32
CA GLY A 100 -15.17 41.15 -18.68
C GLY A 100 -16.21 40.03 -18.79
N PRO A 101 -17.46 40.38 -18.36
CA PRO A 101 -18.55 39.42 -18.41
C PRO A 101 -19.05 39.23 -19.85
N SER A 102 -20.00 38.32 -19.98
CA SER A 102 -20.57 38.02 -21.29
C SER A 102 -21.51 36.83 -21.19
N SER A 103 -22.61 36.92 -21.93
CA SER A 103 -23.60 35.85 -21.93
C SER A 103 -24.70 36.17 -22.94
N GLY A 104 -25.09 35.16 -23.70
CA GLY A 104 -26.13 35.32 -24.70
C GLY A 104 -26.20 34.10 -25.61
N GLY A 1 -14.30 -8.41 7.90
CA GLY A 1 -14.16 -7.46 6.82
C GLY A 1 -14.66 -6.07 7.24
N SER A 2 -14.02 -5.06 6.68
CA SER A 2 -14.39 -3.68 6.98
C SER A 2 -13.96 -2.76 5.83
N SER A 3 -12.65 -2.78 5.56
CA SER A 3 -12.11 -1.96 4.50
C SER A 3 -12.00 -2.77 3.21
N GLY A 4 -12.58 -2.24 2.15
CA GLY A 4 -12.55 -2.90 0.86
C GLY A 4 -13.68 -2.38 -0.05
N SER A 5 -13.62 -2.80 -1.30
CA SER A 5 -14.61 -2.40 -2.28
C SER A 5 -14.46 -0.90 -2.58
N SER A 6 -13.58 -0.61 -3.54
CA SER A 6 -13.33 0.76 -3.94
C SER A 6 -12.62 0.79 -5.29
N GLY A 7 -11.50 0.09 -5.35
CA GLY A 7 -10.71 0.03 -6.57
C GLY A 7 -9.61 -1.03 -6.47
N GLY A 8 -8.64 -0.74 -5.62
CA GLY A 8 -7.53 -1.65 -5.42
C GLY A 8 -7.31 -1.93 -3.94
N VAL A 9 -6.17 -2.52 -3.63
CA VAL A 9 -5.82 -2.86 -2.26
C VAL A 9 -4.55 -2.11 -1.85
N ALA A 10 -4.66 -1.35 -0.78
CA ALA A 10 -3.53 -0.58 -0.28
C ALA A 10 -3.41 -0.78 1.23
N VAL A 11 -2.16 -0.83 1.69
CA VAL A 11 -1.90 -1.02 3.10
C VAL A 11 -0.95 0.08 3.59
N GLU A 12 -1.42 0.84 4.56
CA GLU A 12 -0.61 1.93 5.11
C GLU A 12 0.50 1.36 6.01
N VAL A 13 1.73 1.57 5.56
CA VAL A 13 2.89 1.09 6.30
C VAL A 13 3.42 2.22 7.19
N ARG A 14 3.72 1.86 8.42
CA ARG A 14 4.25 2.82 9.38
C ARG A 14 5.45 2.24 10.12
N GLY A 15 6.38 3.12 10.45
CA GLY A 15 7.57 2.70 11.18
C GLY A 15 8.55 1.98 10.23
N LEU A 16 9.06 2.74 9.28
CA LEU A 16 10.00 2.18 8.31
C LEU A 16 11.22 3.08 8.23
N PRO A 17 12.41 2.46 8.42
CA PRO A 17 13.67 3.19 8.37
C PRO A 17 14.04 3.53 6.93
N PRO A 18 14.79 4.67 6.78
CA PRO A 18 15.22 5.12 5.48
C PRO A 18 16.36 4.25 4.94
N ALA A 19 17.30 3.98 5.83
CA ALA A 19 18.46 3.17 5.46
C ALA A 19 18.00 2.02 4.56
N VAL A 20 16.83 1.49 4.89
CA VAL A 20 16.27 0.38 4.12
C VAL A 20 15.61 0.93 2.85
N PRO A 21 16.10 0.43 1.69
CA PRO A 21 15.57 0.86 0.40
C PRO A 21 14.19 0.23 0.14
N ASP A 22 13.64 0.57 -1.00
CA ASP A 22 12.34 0.06 -1.40
C ASP A 22 12.49 -1.39 -1.87
N GLU A 23 13.48 -1.60 -2.71
CA GLU A 23 13.75 -2.93 -3.24
C GLU A 23 13.43 -4.00 -2.19
N LEU A 24 14.00 -3.80 -1.00
CA LEU A 24 13.80 -4.73 0.09
C LEU A 24 12.33 -4.68 0.53
N LEU A 25 11.87 -3.47 0.80
CA LEU A 25 10.51 -3.27 1.24
C LEU A 25 9.58 -4.18 0.43
N THR A 26 9.92 -4.34 -0.84
CA THR A 26 9.13 -5.19 -1.72
C THR A 26 9.62 -6.63 -1.66
N LEU A 27 10.94 -6.78 -1.78
CA LEU A 27 11.54 -8.10 -1.74
C LEU A 27 10.96 -8.89 -0.56
N TYR A 28 10.58 -8.15 0.47
CA TYR A 28 10.00 -8.76 1.66
C TYR A 28 8.51 -9.03 1.47
N PHE A 29 7.76 -7.94 1.31
CA PHE A 29 6.32 -8.05 1.12
C PHE A 29 5.99 -8.97 -0.04
N GLU A 30 6.93 -9.06 -0.97
CA GLU A 30 6.74 -9.91 -2.14
C GLU A 30 6.95 -11.38 -1.77
N ASN A 31 8.01 -11.62 -1.01
CA ASN A 31 8.33 -12.97 -0.58
C ASN A 31 7.24 -13.46 0.39
N ARG A 32 6.87 -14.72 0.22
CA ARG A 32 5.86 -15.33 1.06
C ARG A 32 6.47 -15.83 2.37
N ARG A 33 7.69 -16.35 2.24
CA ARG A 33 8.40 -16.87 3.40
C ARG A 33 8.69 -15.74 4.40
N ARG A 34 9.24 -14.66 3.87
CA ARG A 34 9.57 -13.51 4.69
C ARG A 34 8.32 -12.99 5.40
N SER A 35 7.34 -12.61 4.58
CA SER A 35 6.09 -12.10 5.12
C SER A 35 4.99 -13.15 5.00
N GLY A 36 4.42 -13.23 3.81
CA GLY A 36 3.35 -14.20 3.55
C GLY A 36 2.11 -13.50 2.99
N GLY A 37 2.17 -13.23 1.69
CA GLY A 37 1.06 -12.57 1.02
C GLY A 37 1.09 -12.86 -0.48
N GLY A 38 1.78 -12.00 -1.21
CA GLY A 38 1.90 -12.14 -2.65
C GLY A 38 2.78 -11.04 -3.24
N PRO A 39 2.51 -10.73 -4.54
CA PRO A 39 3.26 -9.70 -5.24
C PRO A 39 2.83 -8.30 -4.78
N VAL A 40 3.60 -7.31 -5.21
CA VAL A 40 3.31 -5.93 -4.86
C VAL A 40 3.11 -5.12 -6.12
N LEU A 41 1.95 -4.49 -6.22
CA LEU A 41 1.62 -3.67 -7.37
C LEU A 41 2.56 -2.47 -7.42
N SER A 42 2.58 -1.73 -6.32
CA SER A 42 3.42 -0.55 -6.22
C SER A 42 3.75 -0.26 -4.76
N TRP A 43 4.54 0.80 -4.56
CA TRP A 43 4.93 1.19 -3.21
C TRP A 43 5.05 2.72 -3.18
N GLN A 44 4.29 3.32 -2.29
CA GLN A 44 4.30 4.76 -2.14
C GLN A 44 4.93 5.16 -0.81
N ARG A 45 6.17 5.64 -0.89
CA ARG A 45 6.88 6.05 0.31
C ARG A 45 6.49 7.48 0.68
N LEU A 46 5.97 7.61 1.90
CA LEU A 46 5.55 8.91 2.40
C LEU A 46 6.16 9.14 3.79
N GLY A 47 7.36 9.67 3.80
CA GLY A 47 8.05 9.94 5.05
C GLY A 47 8.82 8.71 5.53
N CYS A 48 8.42 8.22 6.69
CA CYS A 48 9.06 7.05 7.27
C CYS A 48 8.47 5.81 6.61
N GLY A 49 7.14 5.75 6.61
CA GLY A 49 6.44 4.63 6.03
C GLY A 49 5.94 4.95 4.63
N GLY A 50 4.64 4.87 4.44
CA GLY A 50 4.03 5.16 3.16
C GLY A 50 2.91 4.16 2.84
N VAL A 51 2.12 4.51 1.84
CA VAL A 51 1.02 3.65 1.43
C VAL A 51 1.51 2.67 0.37
N LEU A 52 1.31 1.40 0.66
CA LEU A 52 1.72 0.34 -0.26
C LEU A 52 0.48 -0.31 -0.88
N THR A 53 0.67 -0.85 -2.07
CA THR A 53 -0.41 -1.50 -2.78
C THR A 53 -0.06 -2.97 -3.07
N PHE A 54 -1.05 -3.83 -2.87
CA PHE A 54 -0.86 -5.25 -3.10
C PHE A 54 -1.69 -5.72 -4.30
N ARG A 55 -0.99 -6.34 -5.26
CA ARG A 55 -1.65 -6.84 -6.45
C ARG A 55 -3.02 -7.43 -6.09
N GLU A 56 -2.99 -8.44 -5.25
CA GLU A 56 -4.23 -9.09 -4.83
C GLU A 56 -4.66 -8.57 -3.46
N PRO A 57 -5.99 -8.68 -3.19
CA PRO A 57 -6.54 -8.23 -1.92
C PRO A 57 -6.19 -9.20 -0.80
N ALA A 58 -6.52 -10.47 -1.03
CA ALA A 58 -6.24 -11.51 -0.04
C ALA A 58 -4.74 -11.58 0.21
N ASP A 59 -3.97 -11.44 -0.86
CA ASP A 59 -2.53 -11.49 -0.77
C ASP A 59 -2.05 -10.35 0.13
N ALA A 60 -2.86 -9.31 0.21
CA ALA A 60 -2.52 -8.17 1.03
C ALA A 60 -2.89 -8.46 2.48
N GLU A 61 -4.15 -8.84 2.67
CA GLU A 61 -4.63 -9.16 4.01
C GLU A 61 -3.77 -10.24 4.65
N ARG A 62 -3.33 -11.17 3.82
CA ARG A 62 -2.50 -12.26 4.30
C ARG A 62 -1.27 -11.71 5.02
N VAL A 63 -0.88 -10.51 4.63
CA VAL A 63 0.28 -9.87 5.24
C VAL A 63 -0.17 -9.13 6.50
N LEU A 64 -1.27 -8.41 6.37
CA LEU A 64 -1.81 -7.65 7.48
C LEU A 64 -2.06 -8.58 8.66
N ALA A 65 -2.53 -9.79 8.34
CA ALA A 65 -2.82 -10.78 9.36
C ALA A 65 -1.72 -10.74 10.43
N GLN A 66 -0.50 -10.48 9.97
CA GLN A 66 0.63 -10.41 10.87
C GLN A 66 0.79 -8.98 11.41
N ALA A 67 0.64 -8.86 12.72
CA ALA A 67 0.76 -7.57 13.37
C ALA A 67 2.24 -7.23 13.55
N ASP A 68 3.08 -8.12 13.04
CA ASP A 68 4.52 -7.94 13.14
C ASP A 68 5.13 -8.03 11.74
N HIS A 69 6.17 -7.23 11.53
CA HIS A 69 6.85 -7.21 10.25
C HIS A 69 8.33 -6.88 10.46
N GLU A 70 9.17 -7.66 9.79
CA GLU A 70 10.61 -7.46 9.89
C GLU A 70 11.21 -7.13 8.52
N LEU A 71 12.03 -6.09 8.50
CA LEU A 71 12.67 -5.66 7.27
C LEU A 71 14.00 -4.98 7.60
N HIS A 72 15.06 -5.76 7.53
CA HIS A 72 16.39 -5.24 7.82
C HIS A 72 16.44 -4.71 9.25
N GLY A 73 16.19 -5.63 10.19
CA GLY A 73 16.21 -5.26 11.60
C GLY A 73 15.38 -4.01 11.85
N ALA A 74 14.06 -4.19 11.85
CA ALA A 74 13.15 -3.09 12.08
C ALA A 74 11.71 -3.62 12.09
N GLN A 75 10.97 -3.20 13.09
CA GLN A 75 9.58 -3.62 13.23
C GLN A 75 8.66 -2.66 12.45
N LEU A 76 8.31 -3.08 11.24
CA LEU A 76 7.45 -2.28 10.39
C LEU A 76 6.00 -2.46 10.85
N SER A 77 5.36 -1.32 11.13
CA SER A 77 3.98 -1.33 11.57
C SER A 77 3.05 -1.23 10.36
N LEU A 78 2.50 -2.37 9.98
CA LEU A 78 1.59 -2.42 8.85
C LEU A 78 0.16 -2.13 9.33
N ARG A 79 -0.58 -1.43 8.48
CA ARG A 79 -1.95 -1.07 8.81
C ARG A 79 -2.78 -0.91 7.53
N PRO A 80 -4.12 -1.03 7.69
CA PRO A 80 -5.02 -0.89 6.56
C PRO A 80 -5.17 0.57 6.14
N ALA A 81 -4.72 0.85 4.94
CA ALA A 81 -4.79 2.20 4.40
C ALA A 81 -6.25 2.58 4.20
N PRO A 82 -6.51 3.92 4.15
CA PRO A 82 -7.85 4.42 3.96
C PRO A 82 -8.28 4.27 2.50
N PRO A 83 -9.64 4.32 2.28
CA PRO A 83 -10.18 4.19 0.95
C PRO A 83 -9.97 5.47 0.13
N ARG A 84 -10.20 5.35 -1.16
CA ARG A 84 -10.03 6.49 -2.06
C ARG A 84 -8.70 7.19 -1.77
N ALA A 85 -7.70 6.83 -2.55
CA ALA A 85 -6.38 7.42 -2.40
C ALA A 85 -5.98 8.13 -3.70
N PRO A 86 -5.12 9.17 -3.55
CA PRO A 86 -4.66 9.92 -4.69
C PRO A 86 -3.62 9.14 -5.49
N ALA A 87 -3.52 9.47 -6.77
CA ALA A 87 -2.57 8.80 -7.65
C ALA A 87 -2.59 9.48 -9.02
N ARG A 88 -3.65 9.22 -9.76
CA ARG A 88 -3.80 9.79 -11.08
C ARG A 88 -5.18 9.44 -11.66
N LEU A 89 -5.82 10.45 -12.23
CA LEU A 89 -7.13 10.26 -12.82
C LEU A 89 -7.03 10.42 -14.34
N LEU A 90 -7.74 9.55 -15.04
CA LEU A 90 -7.73 9.59 -16.50
C LEU A 90 -8.98 8.87 -17.02
N LEU A 91 -9.72 9.58 -17.86
CA LEU A 91 -10.93 9.02 -18.44
C LEU A 91 -10.57 7.78 -19.27
N GLN A 92 -11.54 6.87 -19.35
CA GLN A 92 -11.33 5.64 -20.10
C GLN A 92 -12.16 5.67 -21.39
N GLY A 93 -11.78 4.81 -22.33
CA GLY A 93 -12.47 4.73 -23.59
C GLY A 93 -13.29 3.44 -23.70
N LEU A 94 -14.29 3.47 -24.56
CA LEU A 94 -15.14 2.31 -24.75
C LEU A 94 -14.57 1.45 -25.88
N PRO A 95 -14.72 0.11 -25.71
CA PRO A 95 -14.23 -0.84 -26.69
C PRO A 95 -15.13 -0.86 -27.93
N PRO A 96 -14.64 -1.57 -28.99
CA PRO A 96 -15.38 -1.67 -30.22
C PRO A 96 -16.57 -2.63 -30.08
N GLY A 97 -17.35 -2.72 -31.15
CA GLY A 97 -18.50 -3.60 -31.15
C GLY A 97 -18.90 -3.98 -32.58
N THR A 98 -18.92 -5.28 -32.83
CA THR A 98 -19.28 -5.79 -34.15
C THR A 98 -19.27 -7.31 -34.14
N SER A 99 -20.44 -7.88 -34.43
CA SER A 99 -20.58 -9.33 -34.47
C SER A 99 -21.90 -9.70 -35.13
N GLY A 100 -22.15 -11.00 -35.19
CA GLY A 100 -23.37 -11.50 -35.81
C GLY A 100 -23.86 -12.76 -35.08
N PRO A 101 -25.20 -12.77 -34.81
CA PRO A 101 -25.80 -13.91 -34.12
C PRO A 101 -25.96 -15.10 -35.07
N SER A 102 -26.09 -16.27 -34.47
CA SER A 102 -26.24 -17.49 -35.23
C SER A 102 -26.46 -18.69 -34.29
N SER A 103 -27.00 -19.75 -34.86
CA SER A 103 -27.26 -20.95 -34.09
C SER A 103 -26.99 -22.19 -34.94
N GLY A 104 -26.95 -23.34 -34.27
CA GLY A 104 -26.70 -24.59 -34.96
C GLY A 104 -25.23 -24.98 -34.87
N GLY A 1 -22.82 -4.28 7.66
CA GLY A 1 -21.54 -3.82 8.15
C GLY A 1 -20.70 -3.23 7.01
N SER A 2 -19.39 -3.33 7.17
CA SER A 2 -18.47 -2.81 6.17
C SER A 2 -17.12 -3.52 6.27
N SER A 3 -16.74 -4.17 5.17
CA SER A 3 -15.49 -4.88 5.13
C SER A 3 -15.21 -5.36 3.70
N GLY A 4 -14.56 -4.50 2.94
CA GLY A 4 -14.23 -4.81 1.56
C GLY A 4 -13.00 -4.02 1.09
N SER A 5 -12.81 -4.01 -0.22
CA SER A 5 -11.69 -3.30 -0.80
C SER A 5 -12.17 -2.42 -1.95
N SER A 6 -12.84 -3.05 -2.90
CA SER A 6 -13.37 -2.34 -4.06
C SER A 6 -12.20 -1.77 -4.88
N GLY A 7 -11.90 -2.46 -5.97
CA GLY A 7 -10.82 -2.03 -6.85
C GLY A 7 -9.48 -2.57 -6.36
N GLY A 8 -8.50 -1.66 -6.28
CA GLY A 8 -7.17 -2.05 -5.84
C GLY A 8 -7.12 -2.18 -4.31
N VAL A 9 -5.92 -2.40 -3.81
CA VAL A 9 -5.72 -2.57 -2.39
C VAL A 9 -4.52 -1.73 -1.95
N ALA A 10 -4.65 -1.13 -0.77
CA ALA A 10 -3.59 -0.30 -0.23
C ALA A 10 -3.41 -0.62 1.26
N VAL A 11 -2.16 -0.56 1.70
CA VAL A 11 -1.84 -0.84 3.09
C VAL A 11 -0.92 0.25 3.62
N GLU A 12 -1.40 0.95 4.63
CA GLU A 12 -0.63 2.02 5.24
C GLU A 12 0.48 1.44 6.12
N VAL A 13 1.72 1.73 5.71
CA VAL A 13 2.88 1.24 6.44
C VAL A 13 3.48 2.39 7.26
N ARG A 14 3.83 2.07 8.50
CA ARG A 14 4.41 3.05 9.39
C ARG A 14 5.56 2.44 10.19
N GLY A 15 6.53 3.28 10.51
CA GLY A 15 7.70 2.83 11.26
C GLY A 15 8.71 2.13 10.36
N LEU A 16 8.91 2.73 9.18
CA LEU A 16 9.84 2.17 8.23
C LEU A 16 11.05 3.11 8.09
N PRO A 17 12.25 2.53 8.33
CA PRO A 17 13.48 3.30 8.24
C PRO A 17 13.86 3.55 6.78
N PRO A 18 14.51 4.73 6.55
CA PRO A 18 14.92 5.10 5.21
C PRO A 18 16.16 4.31 4.78
N ALA A 19 16.99 4.00 5.76
CA ALA A 19 18.20 3.24 5.50
C ALA A 19 17.87 2.02 4.63
N VAL A 20 16.67 1.52 4.82
CA VAL A 20 16.21 0.37 4.06
C VAL A 20 15.58 0.84 2.75
N PRO A 21 16.12 0.30 1.63
CA PRO A 21 15.62 0.65 0.31
C PRO A 21 14.28 -0.02 0.02
N ASP A 22 13.57 0.53 -0.95
CA ASP A 22 12.27 -0.01 -1.33
C ASP A 22 12.44 -1.44 -1.84
N GLU A 23 13.52 -1.64 -2.59
CA GLU A 23 13.81 -2.95 -3.14
C GLU A 23 13.50 -4.05 -2.12
N LEU A 24 14.12 -3.91 -0.96
CA LEU A 24 13.91 -4.88 0.11
C LEU A 24 12.45 -4.85 0.55
N LEU A 25 11.96 -3.65 0.82
CA LEU A 25 10.59 -3.46 1.25
C LEU A 25 9.69 -4.40 0.44
N THR A 26 9.97 -4.46 -0.85
CA THR A 26 9.19 -5.30 -1.75
C THR A 26 9.71 -6.74 -1.72
N LEU A 27 11.02 -6.87 -1.89
CA LEU A 27 11.65 -8.18 -1.88
C LEU A 27 11.08 -9.01 -0.73
N TYR A 28 10.71 -8.31 0.34
CA TYR A 28 10.16 -8.96 1.51
C TYR A 28 8.67 -9.24 1.32
N PHE A 29 7.91 -8.17 1.22
CA PHE A 29 6.46 -8.28 1.05
C PHE A 29 6.14 -9.22 -0.12
N GLU A 30 6.78 -8.96 -1.25
CA GLU A 30 6.57 -9.77 -2.44
C GLU A 30 6.73 -11.26 -2.10
N ASN A 31 7.84 -11.57 -1.45
CA ASN A 31 8.13 -12.94 -1.07
C ASN A 31 6.97 -13.48 -0.24
N ARG A 32 6.73 -14.78 -0.38
CA ARG A 32 5.66 -15.44 0.35
C ARG A 32 6.14 -15.84 1.75
N ARG A 33 7.10 -16.74 1.77
CA ARG A 33 7.66 -17.22 3.02
C ARG A 33 7.87 -16.06 3.98
N ARG A 34 8.56 -15.04 3.48
CA ARG A 34 8.84 -13.86 4.29
C ARG A 34 7.57 -13.40 5.02
N SER A 35 6.61 -12.94 4.24
CA SER A 35 5.35 -12.48 4.80
C SER A 35 4.21 -13.38 4.32
N GLY A 36 3.86 -13.23 3.05
CA GLY A 36 2.79 -14.01 2.47
C GLY A 36 1.84 -13.14 1.65
N GLY A 37 2.42 -12.52 0.63
CA GLY A 37 1.65 -11.65 -0.25
C GLY A 37 1.85 -12.02 -1.72
N GLY A 38 1.72 -11.02 -2.58
CA GLY A 38 1.89 -11.23 -4.01
C GLY A 38 2.74 -10.12 -4.63
N PRO A 39 2.52 -9.90 -5.95
CA PRO A 39 3.25 -8.88 -6.67
C PRO A 39 2.74 -7.48 -6.31
N VAL A 40 3.46 -6.84 -5.39
CA VAL A 40 3.09 -5.51 -4.95
C VAL A 40 2.77 -4.63 -6.17
N LEU A 41 1.54 -4.16 -6.21
CA LEU A 41 1.10 -3.32 -7.32
C LEU A 41 2.00 -2.09 -7.40
N SER A 42 2.11 -1.39 -6.28
CA SER A 42 2.93 -0.19 -6.22
C SER A 42 3.40 0.04 -4.78
N TRP A 43 4.28 1.03 -4.63
CA TRP A 43 4.81 1.37 -3.32
C TRP A 43 5.04 2.88 -3.29
N GLN A 44 4.54 3.50 -2.23
CA GLN A 44 4.69 4.94 -2.07
C GLN A 44 5.30 5.25 -0.70
N ARG A 45 6.61 5.46 -0.71
CA ARG A 45 7.32 5.77 0.52
C ARG A 45 6.99 7.19 0.99
N LEU A 46 6.46 7.27 2.20
CA LEU A 46 6.10 8.56 2.77
C LEU A 46 7.03 8.87 3.95
N GLY A 47 6.64 9.88 4.71
CA GLY A 47 7.42 10.30 5.86
C GLY A 47 7.91 9.08 6.65
N CYS A 48 7.07 8.65 7.59
CA CYS A 48 7.40 7.50 8.41
C CYS A 48 7.72 6.32 7.50
N GLY A 49 6.68 5.72 6.96
CA GLY A 49 6.83 4.59 6.07
C GLY A 49 6.32 4.92 4.66
N GLY A 50 5.03 4.72 4.48
CA GLY A 50 4.40 5.00 3.19
C GLY A 50 3.27 4.02 2.91
N VAL A 51 2.39 4.42 2.00
CA VAL A 51 1.26 3.58 1.63
C VAL A 51 1.68 2.63 0.51
N LEU A 52 1.42 1.35 0.73
CA LEU A 52 1.77 0.34 -0.23
C LEU A 52 0.49 -0.23 -0.86
N THR A 53 0.60 -0.62 -2.12
CA THR A 53 -0.53 -1.18 -2.83
C THR A 53 -0.29 -2.65 -3.18
N PHE A 54 -1.18 -3.51 -2.71
CA PHE A 54 -1.07 -4.93 -2.97
C PHE A 54 -1.97 -5.36 -4.12
N ARG A 55 -1.33 -5.77 -5.21
CA ARG A 55 -2.06 -6.19 -6.39
C ARG A 55 -3.30 -6.99 -5.98
N GLU A 56 -3.12 -7.86 -4.99
CA GLU A 56 -4.20 -8.68 -4.50
C GLU A 56 -4.47 -8.39 -3.02
N PRO A 57 -5.77 -8.22 -2.70
CA PRO A 57 -6.18 -7.93 -1.33
C PRO A 57 -6.08 -9.19 -0.46
N ALA A 58 -6.42 -10.32 -1.07
CA ALA A 58 -6.37 -11.59 -0.36
C ALA A 58 -4.94 -11.87 0.08
N ASP A 59 -4.00 -11.51 -0.78
CA ASP A 59 -2.60 -11.72 -0.50
C ASP A 59 -2.10 -10.63 0.46
N ALA A 60 -2.80 -9.51 0.44
CA ALA A 60 -2.46 -8.39 1.29
C ALA A 60 -2.94 -8.67 2.72
N GLU A 61 -4.14 -9.21 2.80
CA GLU A 61 -4.73 -9.53 4.09
C GLU A 61 -3.78 -10.40 4.91
N ARG A 62 -3.26 -11.42 4.26
CA ARG A 62 -2.33 -12.34 4.92
C ARG A 62 -1.15 -11.55 5.50
N VAL A 63 -0.79 -10.49 4.82
CA VAL A 63 0.32 -9.65 5.26
C VAL A 63 -0.14 -8.79 6.44
N LEU A 64 -1.38 -8.37 6.38
CA LEU A 64 -1.95 -7.55 7.44
C LEU A 64 -2.16 -8.41 8.69
N ALA A 65 -2.68 -9.61 8.46
CA ALA A 65 -2.94 -10.54 9.56
C ALA A 65 -1.79 -10.46 10.55
N GLN A 66 -0.60 -10.21 10.03
CA GLN A 66 0.58 -10.11 10.86
C GLN A 66 0.84 -8.64 11.25
N ALA A 67 0.56 -8.33 12.49
CA ALA A 67 0.75 -6.98 13.00
C ALA A 67 2.25 -6.74 13.22
N ASP A 68 3.03 -7.77 12.94
CA ASP A 68 4.47 -7.69 13.11
C ASP A 68 5.15 -7.91 11.76
N HIS A 69 6.19 -7.12 11.52
CA HIS A 69 6.94 -7.22 10.28
C HIS A 69 8.39 -6.81 10.52
N GLU A 70 9.30 -7.61 9.97
CA GLU A 70 10.72 -7.33 10.11
C GLU A 70 11.36 -7.16 8.74
N LEU A 71 12.01 -6.01 8.57
CA LEU A 71 12.68 -5.71 7.31
C LEU A 71 13.95 -4.91 7.60
N HIS A 72 15.08 -5.59 7.53
CA HIS A 72 16.36 -4.97 7.77
C HIS A 72 16.37 -4.36 9.18
N GLY A 73 16.31 -5.25 10.16
CA GLY A 73 16.33 -4.82 11.55
C GLY A 73 15.43 -3.59 11.76
N ALA A 74 14.16 -3.86 11.99
CA ALA A 74 13.19 -2.79 12.19
C ALA A 74 11.78 -3.36 12.15
N GLN A 75 10.95 -2.87 13.05
CA GLN A 75 9.56 -3.32 13.12
C GLN A 75 8.66 -2.40 12.30
N LEU A 76 8.16 -2.94 11.19
CA LEU A 76 7.29 -2.17 10.32
C LEU A 76 5.83 -2.38 10.75
N SER A 77 5.13 -1.27 10.87
CA SER A 77 3.73 -1.33 11.28
C SER A 77 2.83 -1.34 10.04
N LEU A 78 2.28 -2.50 9.75
CA LEU A 78 1.39 -2.67 8.61
C LEU A 78 -0.05 -2.48 9.05
N ARG A 79 -0.79 -1.69 8.27
CA ARG A 79 -2.18 -1.42 8.58
C ARG A 79 -2.95 -1.11 7.29
N PRO A 80 -4.30 -1.23 7.38
CA PRO A 80 -5.16 -0.95 6.24
C PRO A 80 -5.27 0.54 5.98
N ALA A 81 -4.76 0.95 4.83
CA ALA A 81 -4.80 2.36 4.45
C ALA A 81 -6.25 2.78 4.20
N PRO A 82 -6.48 4.11 4.21
CA PRO A 82 -7.81 4.65 3.99
C PRO A 82 -8.19 4.55 2.52
N PRO A 83 -9.22 3.71 2.25
CA PRO A 83 -9.70 3.52 0.88
C PRO A 83 -10.53 4.72 0.43
N ARG A 84 -11.01 4.63 -0.81
CA ARG A 84 -11.82 5.69 -1.37
C ARG A 84 -11.09 7.04 -1.26
N ALA A 85 -10.51 7.45 -2.39
CA ALA A 85 -9.78 8.70 -2.43
C ALA A 85 -8.46 8.55 -1.67
N PRO A 86 -7.51 9.47 -1.95
CA PRO A 86 -6.20 9.45 -1.31
C PRO A 86 -6.31 9.95 0.13
N ALA A 87 -7.14 10.95 0.32
CA ALA A 87 -7.34 11.53 1.64
C ALA A 87 -5.97 11.84 2.27
N ARG A 88 -5.48 13.04 2.00
CA ARG A 88 -4.20 13.46 2.52
C ARG A 88 -4.32 14.84 3.18
N LEU A 89 -3.46 15.07 4.15
CA LEU A 89 -3.45 16.33 4.86
C LEU A 89 -3.06 17.46 3.90
N LEU A 90 -3.73 18.59 4.05
CA LEU A 90 -3.46 19.74 3.20
C LEU A 90 -3.02 20.92 4.07
N LEU A 91 -2.04 21.65 3.57
CA LEU A 91 -1.53 22.81 4.29
C LEU A 91 -2.70 23.70 4.72
N GLN A 92 -2.93 23.74 6.02
CA GLN A 92 -4.01 24.54 6.56
C GLN A 92 -3.78 24.81 8.05
N GLY A 93 -3.26 26.00 8.33
CA GLY A 93 -2.98 26.39 9.70
C GLY A 93 -2.27 27.74 9.76
N LEU A 94 -2.89 28.67 10.48
CA LEU A 94 -2.33 30.00 10.61
C LEU A 94 -1.28 30.00 11.72
N PRO A 95 -0.30 30.93 11.57
CA PRO A 95 0.78 31.04 12.54
C PRO A 95 0.29 31.72 13.82
N PRO A 96 1.19 31.73 14.85
CA PRO A 96 0.86 32.34 16.12
C PRO A 96 0.90 33.86 16.03
N GLY A 97 0.46 34.51 17.10
CA GLY A 97 0.44 35.96 17.15
C GLY A 97 -0.02 36.45 18.52
N THR A 98 0.89 36.38 19.48
CA THR A 98 0.58 36.82 20.84
C THR A 98 1.57 37.91 21.28
N SER A 99 1.03 38.92 21.92
CA SER A 99 1.84 40.03 22.40
C SER A 99 1.03 40.89 23.37
N GLY A 100 1.74 41.72 24.12
CA GLY A 100 1.12 42.60 25.08
C GLY A 100 2.08 42.97 26.20
N PRO A 101 2.64 44.21 26.09
CA PRO A 101 3.58 44.70 27.08
C PRO A 101 2.86 45.11 28.37
N SER A 102 3.65 45.38 29.39
CA SER A 102 3.10 45.79 30.67
C SER A 102 4.18 46.46 31.52
N SER A 103 3.76 47.41 32.32
CA SER A 103 4.68 48.15 33.18
C SER A 103 3.90 49.09 34.10
N GLY A 104 3.15 49.98 33.49
CA GLY A 104 2.36 50.94 34.24
C GLY A 104 3.16 52.21 34.52
N GLY A 1 -3.76 4.09 -11.10
CA GLY A 1 -2.47 4.71 -11.34
C GLY A 1 -2.51 6.19 -10.98
N SER A 2 -2.62 7.02 -12.01
CA SER A 2 -2.66 8.46 -11.83
C SER A 2 -4.06 8.99 -12.17
N SER A 3 -4.41 10.08 -11.51
CA SER A 3 -5.71 10.69 -11.73
C SER A 3 -6.80 9.61 -11.84
N GLY A 4 -7.29 9.21 -10.68
CA GLY A 4 -8.32 8.18 -10.63
C GLY A 4 -8.53 7.68 -9.20
N SER A 5 -7.49 7.07 -8.65
CA SER A 5 -7.54 6.55 -7.30
C SER A 5 -8.63 5.48 -7.20
N SER A 6 -8.67 4.82 -6.05
CA SER A 6 -9.64 3.78 -5.81
C SER A 6 -9.56 2.72 -6.90
N GLY A 7 -8.67 1.76 -6.69
CA GLY A 7 -8.48 0.68 -7.65
C GLY A 7 -7.36 -0.25 -7.22
N GLY A 8 -7.76 -1.38 -6.66
CA GLY A 8 -6.80 -2.38 -6.19
C GLY A 8 -6.82 -2.49 -4.67
N VAL A 9 -5.63 -2.55 -4.09
CA VAL A 9 -5.50 -2.66 -2.65
C VAL A 9 -4.34 -1.78 -2.18
N ALA A 10 -4.54 -1.17 -1.02
CA ALA A 10 -3.52 -0.30 -0.46
C ALA A 10 -3.40 -0.57 1.05
N VAL A 11 -2.17 -0.57 1.53
CA VAL A 11 -1.92 -0.82 2.94
C VAL A 11 -1.02 0.29 3.49
N GLU A 12 -1.56 1.02 4.45
CA GLU A 12 -0.84 2.12 5.07
C GLU A 12 0.25 1.57 6.00
N VAL A 13 1.50 1.74 5.56
CA VAL A 13 2.63 1.26 6.32
C VAL A 13 3.12 2.39 7.24
N ARG A 14 3.47 2.00 8.46
CA ARG A 14 3.96 2.97 9.44
C ARG A 14 5.17 2.41 10.19
N GLY A 15 6.09 3.30 10.51
CA GLY A 15 7.30 2.92 11.21
C GLY A 15 8.26 2.16 10.29
N LEU A 16 8.77 2.89 9.30
CA LEU A 16 9.70 2.30 8.35
C LEU A 16 10.87 3.25 8.13
N PRO A 17 12.10 2.70 8.33
CA PRO A 17 13.31 3.49 8.16
C PRO A 17 13.61 3.73 6.68
N PRO A 18 14.19 4.91 6.40
CA PRO A 18 14.53 5.28 5.02
C PRO A 18 15.78 4.51 4.54
N ALA A 19 16.69 4.29 5.48
CA ALA A 19 17.92 3.58 5.17
C ALA A 19 17.59 2.39 4.26
N VAL A 20 16.55 1.68 4.62
CA VAL A 20 16.12 0.52 3.85
C VAL A 20 15.50 1.00 2.53
N PRO A 21 16.02 0.44 1.41
CA PRO A 21 15.51 0.79 0.09
C PRO A 21 14.16 0.14 -0.17
N ASP A 22 13.52 0.58 -1.24
CA ASP A 22 12.22 0.05 -1.61
C ASP A 22 12.39 -1.35 -2.19
N GLU A 23 13.60 -1.62 -2.68
CA GLU A 23 13.90 -2.92 -3.24
C GLU A 23 13.59 -4.03 -2.25
N LEU A 24 14.15 -3.88 -1.05
CA LEU A 24 13.94 -4.86 0.00
C LEU A 24 12.48 -4.83 0.44
N LEU A 25 12.00 -3.61 0.70
CA LEU A 25 10.62 -3.43 1.13
C LEU A 25 9.72 -4.36 0.33
N THR A 26 9.94 -4.40 -0.98
CA THR A 26 9.16 -5.24 -1.86
C THR A 26 9.63 -6.69 -1.77
N LEU A 27 10.93 -6.86 -1.92
CA LEU A 27 11.52 -8.19 -1.86
C LEU A 27 10.92 -8.96 -0.68
N TYR A 28 10.58 -8.21 0.36
CA TYR A 28 9.99 -8.81 1.55
C TYR A 28 8.51 -9.10 1.34
N PHE A 29 7.74 -8.03 1.20
CA PHE A 29 6.31 -8.15 0.98
C PHE A 29 6.00 -9.10 -0.18
N GLU A 30 6.92 -9.13 -1.12
CA GLU A 30 6.76 -9.99 -2.28
C GLU A 30 6.98 -11.46 -1.91
N ASN A 31 8.04 -11.68 -1.14
CA ASN A 31 8.38 -13.02 -0.70
C ASN A 31 7.28 -13.54 0.22
N ARG A 32 6.92 -14.80 0.02
CA ARG A 32 5.89 -15.43 0.83
C ARG A 32 6.48 -15.99 2.12
N ARG A 33 7.68 -16.54 1.99
CA ARG A 33 8.38 -17.11 3.12
C ARG A 33 8.67 -16.04 4.18
N ARG A 34 9.17 -14.90 3.69
CA ARG A 34 9.49 -13.79 4.57
C ARG A 34 8.25 -13.34 5.33
N SER A 35 7.27 -12.86 4.58
CA SER A 35 6.03 -12.39 5.17
C SER A 35 4.92 -13.43 4.95
N GLY A 36 4.46 -13.51 3.71
CA GLY A 36 3.41 -14.45 3.36
C GLY A 36 2.26 -13.75 2.67
N GLY A 37 2.54 -13.22 1.48
CA GLY A 37 1.54 -12.52 0.71
C GLY A 37 1.66 -12.85 -0.79
N GLY A 38 1.66 -11.80 -1.58
CA GLY A 38 1.78 -11.96 -3.03
C GLY A 38 2.64 -10.85 -3.63
N PRO A 39 2.41 -10.60 -4.95
CA PRO A 39 3.16 -9.57 -5.66
C PRO A 39 2.68 -8.17 -5.26
N VAL A 40 3.62 -7.24 -5.22
CA VAL A 40 3.32 -5.87 -4.87
C VAL A 40 3.18 -5.04 -6.14
N LEU A 41 2.08 -4.31 -6.23
CA LEU A 41 1.82 -3.47 -7.38
C LEU A 41 2.78 -2.27 -7.36
N SER A 42 2.75 -1.55 -6.25
CA SER A 42 3.59 -0.39 -6.09
C SER A 42 3.83 -0.10 -4.60
N TRP A 43 4.61 0.93 -4.34
CA TRP A 43 4.92 1.31 -2.97
C TRP A 43 5.10 2.83 -2.93
N GLN A 44 4.45 3.44 -1.95
CA GLN A 44 4.54 4.88 -1.79
C GLN A 44 5.10 5.24 -0.41
N ARG A 45 6.39 5.49 -0.38
CA ARG A 45 7.06 5.85 0.86
C ARG A 45 6.70 7.27 1.28
N LEU A 46 6.29 7.41 2.53
CA LEU A 46 5.91 8.71 3.05
C LEU A 46 6.61 8.93 4.40
N GLY A 47 7.72 9.66 4.34
CA GLY A 47 8.48 9.95 5.55
C GLY A 47 8.77 8.68 6.33
N CYS A 48 8.25 8.64 7.56
CA CYS A 48 8.44 7.48 8.41
C CYS A 48 7.33 6.48 8.13
N GLY A 49 7.30 6.00 6.90
CA GLY A 49 6.28 5.04 6.49
C GLY A 49 5.89 5.24 5.02
N GLY A 50 4.61 5.10 4.76
CA GLY A 50 4.10 5.27 3.42
C GLY A 50 3.00 4.23 3.11
N VAL A 51 2.23 4.52 2.08
CA VAL A 51 1.15 3.63 1.68
C VAL A 51 1.66 2.67 0.60
N LEU A 52 1.40 1.40 0.82
CA LEU A 52 1.82 0.38 -0.12
C LEU A 52 0.60 -0.19 -0.84
N THR A 53 0.83 -0.64 -2.07
CA THR A 53 -0.23 -1.21 -2.87
C THR A 53 0.03 -2.69 -3.15
N PHE A 54 -0.90 -3.52 -2.72
CA PHE A 54 -0.77 -4.96 -2.92
C PHE A 54 -1.66 -5.43 -4.08
N ARG A 55 -1.00 -6.00 -5.08
CA ARG A 55 -1.71 -6.49 -6.24
C ARG A 55 -3.00 -7.20 -5.83
N GLU A 56 -2.82 -8.20 -4.97
CA GLU A 56 -3.96 -8.97 -4.48
C GLU A 56 -4.28 -8.58 -3.04
N PRO A 57 -5.60 -8.35 -2.78
CA PRO A 57 -6.05 -7.97 -1.46
C PRO A 57 -6.04 -9.17 -0.51
N ALA A 58 -6.36 -10.34 -1.07
CA ALA A 58 -6.39 -11.56 -0.30
C ALA A 58 -5.02 -11.80 0.32
N ASP A 59 -3.99 -11.74 -0.52
CA ASP A 59 -2.63 -11.95 -0.07
C ASP A 59 -2.24 -10.82 0.90
N ALA A 60 -2.69 -9.62 0.57
CA ALA A 60 -2.39 -8.47 1.39
C ALA A 60 -2.90 -8.71 2.81
N GLU A 61 -4.09 -9.31 2.88
CA GLU A 61 -4.71 -9.61 4.17
C GLU A 61 -3.80 -10.52 4.98
N ARG A 62 -3.30 -11.55 4.33
CA ARG A 62 -2.42 -12.51 4.98
C ARG A 62 -1.18 -11.80 5.52
N VAL A 63 -0.87 -10.67 4.91
CA VAL A 63 0.29 -9.89 5.31
C VAL A 63 -0.09 -9.00 6.50
N LEU A 64 -1.29 -8.45 6.42
CA LEU A 64 -1.78 -7.58 7.47
C LEU A 64 -2.02 -8.40 8.74
N ALA A 65 -2.61 -9.57 8.55
CA ALA A 65 -2.89 -10.45 9.67
C ALA A 65 -1.71 -10.42 10.65
N GLN A 66 -0.53 -10.19 10.10
CA GLN A 66 0.67 -10.13 10.91
C GLN A 66 0.91 -8.70 11.39
N ALA A 67 0.78 -8.52 12.70
CA ALA A 67 0.97 -7.21 13.29
C ALA A 67 2.48 -6.94 13.43
N ASP A 68 3.27 -7.89 12.95
CA ASP A 68 4.70 -7.77 13.01
C ASP A 68 5.28 -7.89 11.60
N HIS A 69 6.30 -7.08 11.34
CA HIS A 69 6.94 -7.09 10.04
C HIS A 69 8.43 -6.75 10.20
N GLU A 70 9.26 -7.69 9.74
CA GLU A 70 10.70 -7.51 9.83
C GLU A 70 11.28 -7.20 8.46
N LEU A 71 12.10 -6.15 8.42
CA LEU A 71 12.72 -5.74 7.17
C LEU A 71 14.06 -5.07 7.48
N HIS A 72 15.12 -5.85 7.41
CA HIS A 72 16.45 -5.34 7.68
C HIS A 72 16.52 -4.81 9.11
N GLY A 73 16.07 -5.65 10.03
CA GLY A 73 16.08 -5.28 11.44
C GLY A 73 15.24 -4.02 11.67
N ALA A 74 13.94 -4.20 11.62
CA ALA A 74 13.02 -3.08 11.83
C ALA A 74 11.58 -3.61 11.84
N GLN A 75 10.87 -3.25 12.89
CA GLN A 75 9.49 -3.67 13.04
C GLN A 75 8.54 -2.67 12.36
N LEU A 76 8.23 -2.97 11.11
CA LEU A 76 7.34 -2.09 10.35
C LEU A 76 5.90 -2.33 10.80
N SER A 77 5.19 -1.22 10.98
CA SER A 77 3.80 -1.29 11.41
C SER A 77 2.87 -1.22 10.19
N LEU A 78 2.39 -2.39 9.79
CA LEU A 78 1.50 -2.47 8.64
C LEU A 78 0.05 -2.25 9.11
N ARG A 79 -0.67 -1.46 8.33
CA ARG A 79 -2.05 -1.17 8.66
C ARG A 79 -2.84 -0.85 7.38
N PRO A 80 -4.19 -1.04 7.48
CA PRO A 80 -5.06 -0.78 6.34
C PRO A 80 -5.25 0.72 6.12
N ALA A 81 -4.90 1.15 4.92
CA ALA A 81 -5.01 2.56 4.56
C ALA A 81 -6.50 2.95 4.52
N PRO A 82 -6.75 4.27 4.66
CA PRO A 82 -8.12 4.78 4.63
C PRO A 82 -8.67 4.78 3.21
N PRO A 83 -9.94 4.32 3.08
CA PRO A 83 -10.60 4.27 1.79
C PRO A 83 -11.04 5.67 1.34
N ARG A 84 -11.20 5.80 0.03
CA ARG A 84 -11.61 7.07 -0.54
C ARG A 84 -13.13 7.23 -0.43
N ALA A 85 -13.56 7.91 0.62
CA ALA A 85 -14.97 8.15 0.85
C ALA A 85 -15.67 6.81 1.10
N PRO A 86 -16.80 6.88 1.84
CA PRO A 86 -17.56 5.68 2.16
C PRO A 86 -18.37 5.21 0.94
N ALA A 87 -18.15 3.94 0.59
CA ALA A 87 -18.84 3.36 -0.55
C ALA A 87 -18.90 4.39 -1.68
N ARG A 88 -17.87 4.35 -2.51
CA ARG A 88 -17.80 5.27 -3.65
C ARG A 88 -16.79 4.76 -4.67
N LEU A 89 -17.32 4.08 -5.68
CA LEU A 89 -16.49 3.54 -6.74
C LEU A 89 -16.77 4.29 -8.05
N LEU A 90 -15.73 4.90 -8.57
CA LEU A 90 -15.85 5.65 -9.80
C LEU A 90 -15.61 4.72 -10.99
N LEU A 91 -16.68 4.41 -11.70
CA LEU A 91 -16.59 3.54 -12.85
C LEU A 91 -15.32 3.86 -13.64
N GLN A 92 -14.52 2.84 -13.87
CA GLN A 92 -13.27 3.00 -14.61
C GLN A 92 -13.24 2.06 -15.81
N GLY A 93 -12.41 2.41 -16.77
CA GLY A 93 -12.28 1.60 -17.97
C GLY A 93 -11.02 1.98 -18.75
N LEU A 94 -10.26 0.97 -19.13
CA LEU A 94 -9.03 1.17 -19.87
C LEU A 94 -9.27 0.84 -21.35
N PRO A 95 -8.50 1.53 -22.22
CA PRO A 95 -8.62 1.32 -23.66
C PRO A 95 -7.96 0.00 -24.07
N PRO A 96 -8.15 -0.36 -25.37
CA PRO A 96 -7.58 -1.59 -25.90
C PRO A 96 -6.08 -1.43 -26.13
N GLY A 97 -5.40 -2.58 -26.20
CA GLY A 97 -3.96 -2.58 -26.41
C GLY A 97 -3.57 -3.64 -27.44
N THR A 98 -3.40 -3.18 -28.68
CA THR A 98 -3.02 -4.07 -29.76
C THR A 98 -2.53 -3.27 -30.97
N SER A 99 -1.61 -3.87 -31.70
CA SER A 99 -1.05 -3.22 -32.88
C SER A 99 -0.09 -4.18 -33.60
N GLY A 100 0.04 -3.97 -34.89
CA GLY A 100 0.92 -4.79 -35.70
C GLY A 100 0.37 -4.95 -37.12
N PRO A 101 0.97 -4.15 -38.05
CA PRO A 101 0.54 -4.18 -39.44
C PRO A 101 1.07 -5.44 -40.14
N SER A 102 0.68 -5.59 -41.40
CA SER A 102 1.11 -6.74 -42.18
C SER A 102 2.15 -6.30 -43.23
N SER A 103 2.99 -7.25 -43.61
CA SER A 103 4.03 -6.98 -44.59
C SER A 103 4.88 -8.22 -44.79
N GLY A 104 5.43 -8.34 -46.00
CA GLY A 104 6.28 -9.47 -46.34
C GLY A 104 5.82 -10.12 -47.65
N GLY A 1 -15.51 0.42 -9.61
CA GLY A 1 -16.40 1.56 -9.45
C GLY A 1 -15.65 2.74 -8.81
N SER A 2 -15.30 2.55 -7.55
CA SER A 2 -14.58 3.59 -6.82
C SER A 2 -13.14 3.68 -7.31
N SER A 3 -12.95 4.48 -8.35
CA SER A 3 -11.62 4.66 -8.92
C SER A 3 -11.05 6.00 -8.51
N GLY A 4 -9.73 6.13 -8.63
CA GLY A 4 -9.05 7.36 -8.26
C GLY A 4 -7.54 7.14 -8.15
N SER A 5 -6.85 7.45 -9.24
CA SER A 5 -5.41 7.30 -9.28
C SER A 5 -5.00 5.99 -8.59
N SER A 6 -5.06 4.91 -9.37
CA SER A 6 -4.70 3.61 -8.86
C SER A 6 -5.68 3.20 -7.74
N GLY A 7 -6.59 2.30 -8.10
CA GLY A 7 -7.58 1.82 -7.15
C GLY A 7 -7.55 0.30 -7.05
N GLY A 8 -7.57 -0.18 -5.81
CA GLY A 8 -7.53 -1.61 -5.56
C GLY A 8 -7.36 -1.90 -4.07
N VAL A 9 -6.18 -2.42 -3.73
CA VAL A 9 -5.88 -2.74 -2.35
C VAL A 9 -4.59 -2.02 -1.93
N ALA A 10 -4.70 -1.26 -0.86
CA ALA A 10 -3.56 -0.51 -0.35
C ALA A 10 -3.40 -0.80 1.15
N VAL A 11 -2.16 -0.69 1.60
CA VAL A 11 -1.85 -0.95 3.00
C VAL A 11 -0.90 0.15 3.51
N GLU A 12 -1.38 0.89 4.50
CA GLU A 12 -0.59 1.96 5.08
C GLU A 12 0.50 1.38 5.98
N VAL A 13 1.74 1.52 5.53
CA VAL A 13 2.88 1.01 6.28
C VAL A 13 3.37 2.11 7.24
N ARG A 14 3.66 1.69 8.47
CA ARG A 14 4.14 2.62 9.47
C ARG A 14 5.39 2.05 10.16
N GLY A 15 6.31 2.95 10.45
CA GLY A 15 7.55 2.55 11.11
C GLY A 15 8.50 1.86 10.13
N LEU A 16 9.01 2.64 9.19
CA LEU A 16 9.92 2.12 8.19
C LEU A 16 11.11 3.07 8.03
N PRO A 17 12.33 2.50 8.22
CA PRO A 17 13.55 3.29 8.10
C PRO A 17 13.86 3.59 6.64
N PRO A 18 14.53 4.77 6.43
CA PRO A 18 14.90 5.19 5.08
C PRO A 18 16.09 4.38 4.57
N ALA A 19 17.03 4.15 5.45
CA ALA A 19 18.22 3.39 5.09
C ALA A 19 17.82 2.19 4.23
N VAL A 20 16.72 1.55 4.63
CA VAL A 20 16.22 0.40 3.90
C VAL A 20 15.62 0.87 2.58
N PRO A 21 16.19 0.33 1.47
CA PRO A 21 15.71 0.68 0.14
C PRO A 21 14.38 -0.02 -0.16
N ASP A 22 13.58 0.65 -0.97
CA ASP A 22 12.27 0.11 -1.35
C ASP A 22 12.46 -1.32 -1.88
N GLU A 23 13.54 -1.51 -2.61
CA GLU A 23 13.83 -2.81 -3.18
C GLU A 23 13.55 -3.92 -2.16
N LEU A 24 14.17 -3.78 -1.00
CA LEU A 24 13.99 -4.76 0.07
C LEU A 24 12.54 -4.72 0.54
N LEU A 25 12.08 -3.52 0.86
CA LEU A 25 10.71 -3.33 1.32
C LEU A 25 9.78 -4.24 0.53
N THR A 26 9.99 -4.25 -0.78
CA THR A 26 9.18 -5.07 -1.66
C THR A 26 9.65 -6.53 -1.63
N LEU A 27 10.96 -6.69 -1.74
CA LEU A 27 11.55 -8.02 -1.72
C LEU A 27 11.00 -8.80 -0.52
N TYR A 28 10.84 -8.09 0.58
CA TYR A 28 10.32 -8.69 1.80
C TYR A 28 8.84 -9.02 1.66
N PHE A 29 8.05 -7.99 1.43
CA PHE A 29 6.62 -8.15 1.27
C PHE A 29 6.29 -9.17 0.17
N GLU A 30 7.06 -9.07 -0.92
CA GLU A 30 6.87 -9.98 -2.04
C GLU A 30 7.09 -11.43 -1.60
N ASN A 31 8.20 -11.64 -0.92
CA ASN A 31 8.54 -12.97 -0.43
C ASN A 31 7.42 -13.49 0.46
N ARG A 32 7.17 -14.79 0.34
CA ARG A 32 6.13 -15.42 1.12
C ARG A 32 6.62 -15.69 2.56
N ARG A 33 7.68 -16.48 2.63
CA ARG A 33 8.26 -16.83 3.92
C ARG A 33 8.44 -15.57 4.77
N ARG A 34 9.12 -14.59 4.19
CA ARG A 34 9.38 -13.35 4.88
C ARG A 34 8.11 -12.87 5.61
N SER A 35 7.07 -12.65 4.83
CA SER A 35 5.81 -12.21 5.39
C SER A 35 4.68 -13.15 4.96
N GLY A 36 4.38 -13.11 3.67
CA GLY A 36 3.33 -13.96 3.11
C GLY A 36 2.23 -13.11 2.46
N GLY A 37 2.56 -12.59 1.29
CA GLY A 37 1.61 -11.77 0.55
C GLY A 37 1.55 -12.18 -0.92
N GLY A 38 2.22 -11.40 -1.76
CA GLY A 38 2.24 -11.68 -3.18
C GLY A 38 3.02 -10.59 -3.93
N PRO A 39 2.69 -10.46 -5.25
CA PRO A 39 3.34 -9.48 -6.09
C PRO A 39 2.84 -8.06 -5.78
N VAL A 40 3.66 -7.32 -5.04
CA VAL A 40 3.30 -5.96 -4.67
C VAL A 40 3.04 -5.15 -5.94
N LEU A 41 1.82 -4.62 -6.02
CA LEU A 41 1.43 -3.82 -7.17
C LEU A 41 2.34 -2.60 -7.27
N SER A 42 2.36 -1.83 -6.19
CA SER A 42 3.19 -0.63 -6.14
C SER A 42 3.61 -0.33 -4.69
N TRP A 43 4.37 0.73 -4.55
CA TRP A 43 4.85 1.13 -3.22
C TRP A 43 4.97 2.66 -3.21
N GLN A 44 4.14 3.28 -2.38
CA GLN A 44 4.14 4.72 -2.26
C GLN A 44 4.80 5.14 -0.95
N ARG A 45 6.07 5.50 -1.04
CA ARG A 45 6.82 5.92 0.12
C ARG A 45 6.45 7.35 0.51
N LEU A 46 6.08 7.51 1.77
CA LEU A 46 5.69 8.82 2.28
C LEU A 46 6.64 9.22 3.41
N GLY A 47 7.86 9.59 3.02
CA GLY A 47 8.86 9.99 3.99
C GLY A 47 9.42 8.79 4.75
N CYS A 48 8.78 8.49 5.87
CA CYS A 48 9.19 7.36 6.69
C CYS A 48 8.62 6.09 6.08
N GLY A 49 7.34 5.87 6.31
CA GLY A 49 6.66 4.69 5.79
C GLY A 49 6.10 4.96 4.39
N GLY A 50 4.78 4.97 4.32
CA GLY A 50 4.10 5.20 3.05
C GLY A 50 3.01 4.17 2.82
N VAL A 51 2.19 4.44 1.81
CA VAL A 51 1.09 3.54 1.47
C VAL A 51 1.56 2.58 0.38
N LEU A 52 1.33 1.29 0.63
CA LEU A 52 1.72 0.26 -0.31
C LEU A 52 0.47 -0.33 -0.96
N THR A 53 0.65 -0.85 -2.17
CA THR A 53 -0.46 -1.45 -2.90
C THR A 53 -0.16 -2.92 -3.19
N PHE A 54 -1.17 -3.75 -2.98
CA PHE A 54 -1.03 -5.18 -3.22
C PHE A 54 -1.93 -5.62 -4.38
N ARG A 55 -1.30 -6.22 -5.38
CA ARG A 55 -2.02 -6.69 -6.54
C ARG A 55 -3.37 -7.29 -6.12
N GLU A 56 -3.28 -8.31 -5.28
CA GLU A 56 -4.48 -8.98 -4.80
C GLU A 56 -4.86 -8.46 -3.41
N PRO A 57 -6.17 -8.55 -3.09
CA PRO A 57 -6.68 -8.09 -1.81
C PRO A 57 -6.29 -9.06 -0.68
N ALA A 58 -6.62 -10.33 -0.91
CA ALA A 58 -6.32 -11.37 0.06
C ALA A 58 -4.80 -11.41 0.30
N ASP A 59 -4.06 -11.17 -0.78
CA ASP A 59 -2.61 -11.18 -0.70
C ASP A 59 -2.14 -10.03 0.19
N ALA A 60 -3.03 -9.08 0.40
CA ALA A 60 -2.72 -7.92 1.22
C ALA A 60 -3.17 -8.20 2.66
N GLU A 61 -4.34 -8.81 2.77
CA GLU A 61 -4.90 -9.13 4.08
C GLU A 61 -3.97 -10.10 4.82
N ARG A 62 -3.44 -11.05 4.08
CA ARG A 62 -2.55 -12.04 4.65
C ARG A 62 -1.35 -11.35 5.30
N VAL A 63 -0.91 -10.26 4.67
CA VAL A 63 0.22 -9.51 5.18
C VAL A 63 -0.21 -8.73 6.42
N LEU A 64 -1.41 -8.18 6.35
CA LEU A 64 -1.95 -7.40 7.45
C LEU A 64 -2.17 -8.32 8.65
N ALA A 65 -2.74 -9.48 8.37
CA ALA A 65 -3.00 -10.45 9.42
C ALA A 65 -1.85 -10.45 10.42
N GLN A 66 -0.66 -10.16 9.90
CA GLN A 66 0.53 -10.12 10.73
C GLN A 66 0.85 -8.68 11.14
N ALA A 67 0.61 -8.40 12.41
CA ALA A 67 0.86 -7.07 12.94
C ALA A 67 2.37 -6.89 13.15
N ASP A 68 3.11 -7.94 12.82
CA ASP A 68 4.56 -7.91 12.97
C ASP A 68 5.21 -8.08 11.60
N HIS A 69 6.22 -7.25 11.35
CA HIS A 69 6.93 -7.30 10.09
C HIS A 69 8.36 -6.80 10.29
N GLU A 70 9.31 -7.62 9.90
CA GLU A 70 10.71 -7.27 10.02
C GLU A 70 11.33 -7.00 8.65
N LEU A 71 12.22 -6.01 8.61
CA LEU A 71 12.87 -5.65 7.37
C LEU A 71 14.22 -4.99 7.69
N HIS A 72 15.26 -5.82 7.64
CA HIS A 72 16.60 -5.34 7.92
C HIS A 72 16.63 -4.65 9.28
N GLY A 73 16.42 -5.44 10.32
CA GLY A 73 16.42 -4.92 11.68
C GLY A 73 15.51 -3.69 11.80
N ALA A 74 14.21 -3.96 11.94
CA ALA A 74 13.24 -2.89 12.07
C ALA A 74 11.83 -3.48 11.93
N GLN A 75 11.01 -3.18 12.93
CA GLN A 75 9.64 -3.66 12.94
C GLN A 75 8.73 -2.70 12.18
N LEU A 76 8.23 -3.18 11.04
CA LEU A 76 7.34 -2.37 10.22
C LEU A 76 5.90 -2.61 10.65
N SER A 77 5.24 -1.53 11.05
CA SER A 77 3.85 -1.61 11.48
C SER A 77 2.92 -1.47 10.27
N LEU A 78 2.35 -2.59 9.86
CA LEU A 78 1.44 -2.61 8.73
C LEU A 78 0.03 -2.29 9.21
N ARG A 79 -0.68 -1.53 8.40
CA ARG A 79 -2.05 -1.14 8.73
C ARG A 79 -2.84 -0.88 7.46
N PRO A 80 -4.20 -0.95 7.60
CA PRO A 80 -5.08 -0.73 6.47
C PRO A 80 -5.17 0.77 6.14
N ALA A 81 -4.72 1.10 4.94
CA ALA A 81 -4.74 2.48 4.48
C ALA A 81 -6.20 2.94 4.31
N PRO A 82 -6.36 4.28 4.12
CA PRO A 82 -7.68 4.84 3.94
C PRO A 82 -8.23 4.54 2.55
N PRO A 83 -9.35 3.76 2.53
CA PRO A 83 -9.98 3.38 1.27
C PRO A 83 -10.75 4.57 0.68
N ARG A 84 -11.12 4.41 -0.59
CA ARG A 84 -11.85 5.45 -1.28
C ARG A 84 -13.36 5.27 -1.07
N ALA A 85 -13.98 6.33 -0.59
CA ALA A 85 -15.41 6.31 -0.33
C ALA A 85 -15.89 7.71 0.06
N PRO A 86 -17.15 8.03 -0.32
CA PRO A 86 -17.73 9.32 -0.01
C PRO A 86 -18.12 9.41 1.46
N ALA A 87 -18.42 10.63 1.89
CA ALA A 87 -18.81 10.86 3.26
C ALA A 87 -19.37 12.29 3.40
N ARG A 88 -20.56 12.48 2.87
CA ARG A 88 -21.20 13.79 2.92
C ARG A 88 -22.21 13.84 4.07
N LEU A 89 -22.23 14.97 4.75
CA LEU A 89 -23.13 15.16 5.87
C LEU A 89 -24.54 15.43 5.34
N LEU A 90 -25.11 14.41 4.71
CA LEU A 90 -26.44 14.51 4.16
C LEU A 90 -27.23 13.25 4.50
N LEU A 91 -28.54 13.35 4.35
CA LEU A 91 -29.43 12.24 4.64
C LEU A 91 -28.92 10.99 3.91
N GLN A 92 -28.78 9.92 4.68
CA GLN A 92 -28.30 8.66 4.12
C GLN A 92 -28.59 7.51 5.09
N GLY A 93 -29.57 6.70 4.73
CA GLY A 93 -29.94 5.56 5.55
C GLY A 93 -31.29 5.00 5.11
N LEU A 94 -31.24 3.82 4.50
CA LEU A 94 -32.44 3.16 4.02
C LEU A 94 -32.73 1.96 4.91
N PRO A 95 -34.06 1.69 5.10
CA PRO A 95 -34.49 0.57 5.92
C PRO A 95 -34.30 -0.75 5.19
N PRO A 96 -34.50 -1.87 5.95
CA PRO A 96 -34.35 -3.19 5.38
C PRO A 96 -35.54 -3.55 4.48
N GLY A 97 -35.46 -4.72 3.88
CA GLY A 97 -36.51 -5.19 3.00
C GLY A 97 -37.43 -6.19 3.72
N THR A 98 -38.28 -6.84 2.93
CA THR A 98 -39.20 -7.81 3.47
C THR A 98 -39.64 -8.79 2.38
N SER A 99 -40.10 -9.95 2.82
CA SER A 99 -40.55 -10.98 1.90
C SER A 99 -41.28 -12.09 2.66
N GLY A 100 -42.29 -12.64 2.02
CA GLY A 100 -43.07 -13.71 2.63
C GLY A 100 -43.88 -14.48 1.57
N PRO A 101 -43.29 -15.62 1.11
CA PRO A 101 -43.95 -16.44 0.10
C PRO A 101 -45.10 -17.23 0.71
N SER A 102 -45.80 -17.95 -0.15
CA SER A 102 -46.93 -18.76 0.29
C SER A 102 -46.65 -20.24 0.01
N SER A 103 -47.19 -21.07 0.89
CA SER A 103 -47.02 -22.51 0.75
C SER A 103 -47.44 -22.96 -0.66
N GLY A 104 -46.94 -24.12 -1.05
CA GLY A 104 -47.25 -24.66 -2.36
C GLY A 104 -46.49 -25.97 -2.61
N GLY A 1 -22.34 -4.18 -15.62
CA GLY A 1 -21.43 -3.37 -14.82
C GLY A 1 -22.20 -2.54 -13.79
N SER A 2 -22.81 -3.25 -12.85
CA SER A 2 -23.58 -2.60 -11.80
C SER A 2 -22.83 -2.69 -10.46
N SER A 3 -22.57 -3.92 -10.07
CA SER A 3 -21.86 -4.17 -8.82
C SER A 3 -20.42 -3.65 -8.91
N GLY A 4 -19.88 -3.28 -7.76
CA GLY A 4 -18.52 -2.77 -7.71
C GLY A 4 -17.57 -3.67 -8.50
N SER A 5 -16.37 -3.15 -8.71
CA SER A 5 -15.36 -3.89 -9.44
C SER A 5 -14.04 -3.12 -9.45
N SER A 6 -14.10 -1.90 -9.98
CA SER A 6 -12.92 -1.05 -10.06
C SER A 6 -12.47 -0.68 -8.65
N GLY A 7 -11.16 -0.57 -8.49
CA GLY A 7 -10.57 -0.22 -7.21
C GLY A 7 -9.15 -0.77 -7.07
N GLY A 8 -8.77 -1.06 -5.84
CA GLY A 8 -7.44 -1.58 -5.57
C GLY A 8 -7.28 -1.89 -4.08
N VAL A 9 -6.10 -2.39 -3.74
CA VAL A 9 -5.79 -2.73 -2.36
C VAL A 9 -4.52 -2.00 -1.93
N ALA A 10 -4.66 -1.21 -0.87
CA ALA A 10 -3.53 -0.45 -0.35
C ALA A 10 -3.43 -0.67 1.16
N VAL A 11 -2.20 -0.72 1.63
CA VAL A 11 -1.95 -0.92 3.05
C VAL A 11 -1.01 0.17 3.57
N GLU A 12 -1.48 0.87 4.59
CA GLU A 12 -0.71 1.95 5.19
C GLU A 12 0.45 1.37 6.01
N VAL A 13 1.67 1.69 5.56
CA VAL A 13 2.86 1.21 6.25
C VAL A 13 3.36 2.30 7.20
N ARG A 14 3.65 1.89 8.43
CA ARG A 14 4.14 2.81 9.43
C ARG A 14 5.35 2.21 10.15
N GLY A 15 6.26 3.11 10.54
CA GLY A 15 7.47 2.69 11.23
C GLY A 15 8.43 2.00 10.27
N LEU A 16 8.97 2.78 9.36
CA LEU A 16 9.91 2.25 8.39
C LEU A 16 11.11 3.19 8.27
N PRO A 17 12.32 2.61 8.48
CA PRO A 17 13.55 3.39 8.41
C PRO A 17 13.91 3.71 6.95
N PRO A 18 14.63 4.85 6.78
CA PRO A 18 15.04 5.27 5.45
C PRO A 18 16.22 4.43 4.95
N ALA A 19 17.16 4.19 5.84
CA ALA A 19 18.33 3.40 5.51
C ALA A 19 17.90 2.19 4.66
N VAL A 20 16.67 1.75 4.89
CA VAL A 20 16.12 0.63 4.16
C VAL A 20 15.45 1.12 2.88
N PRO A 21 15.96 0.60 1.73
CA PRO A 21 15.42 0.98 0.44
C PRO A 21 14.06 0.31 0.19
N ASP A 22 13.50 0.60 -0.98
CA ASP A 22 12.21 0.04 -1.34
C ASP A 22 12.40 -1.42 -1.78
N GLU A 23 13.41 -1.62 -2.62
CA GLU A 23 13.71 -2.96 -3.12
C GLU A 23 13.43 -4.00 -2.03
N LEU A 24 13.99 -3.76 -0.85
CA LEU A 24 13.81 -4.66 0.26
C LEU A 24 12.35 -4.66 0.69
N LEU A 25 11.84 -3.45 0.93
CA LEU A 25 10.46 -3.29 1.35
C LEU A 25 9.58 -4.28 0.57
N THR A 26 9.90 -4.43 -0.70
CA THR A 26 9.14 -5.32 -1.57
C THR A 26 9.68 -6.75 -1.43
N LEU A 27 10.99 -6.87 -1.58
CA LEU A 27 11.64 -8.17 -1.48
C LEU A 27 11.05 -8.95 -0.30
N TYR A 28 10.64 -8.20 0.71
CA TYR A 28 10.05 -8.80 1.89
C TYR A 28 8.57 -9.11 1.68
N PHE A 29 7.80 -8.05 1.46
CA PHE A 29 6.38 -8.19 1.24
C PHE A 29 6.08 -9.17 0.11
N GLU A 30 6.84 -9.02 -0.97
CA GLU A 30 6.68 -9.88 -2.14
C GLU A 30 6.97 -11.33 -1.75
N ASN A 31 8.05 -11.51 -1.01
CA ASN A 31 8.45 -12.83 -0.58
C ASN A 31 7.29 -13.50 0.17
N ARG A 32 7.05 -14.75 -0.18
CA ARG A 32 5.98 -15.51 0.45
C ARG A 32 6.47 -16.17 1.74
N ARG A 33 7.76 -16.48 1.75
CA ARG A 33 8.36 -17.12 2.91
C ARG A 33 8.65 -16.08 3.99
N ARG A 34 9.21 -14.97 3.56
CA ARG A 34 9.55 -13.89 4.48
C ARG A 34 8.28 -13.35 5.14
N SER A 35 7.31 -13.00 4.30
CA SER A 35 6.05 -12.47 4.78
C SER A 35 4.95 -13.51 4.62
N GLY A 36 4.48 -13.65 3.38
CA GLY A 36 3.43 -14.61 3.08
C GLY A 36 2.17 -13.90 2.60
N GLY A 37 2.24 -13.41 1.37
CA GLY A 37 1.12 -12.71 0.77
C GLY A 37 1.07 -12.93 -0.74
N GLY A 38 1.89 -12.15 -1.45
CA GLY A 38 1.96 -12.25 -2.89
C GLY A 38 2.78 -11.11 -3.49
N PRO A 39 2.51 -10.83 -4.79
CA PRO A 39 3.22 -9.76 -5.48
C PRO A 39 2.70 -8.38 -5.05
N VAL A 40 3.57 -7.39 -5.18
CA VAL A 40 3.21 -6.03 -4.80
C VAL A 40 2.94 -5.22 -6.07
N LEU A 41 1.74 -4.66 -6.12
CA LEU A 41 1.33 -3.86 -7.26
C LEU A 41 2.23 -2.62 -7.36
N SER A 42 2.32 -1.90 -6.25
CA SER A 42 3.14 -0.71 -6.19
C SER A 42 3.52 -0.40 -4.73
N TRP A 43 4.27 0.68 -4.57
CA TRP A 43 4.71 1.08 -3.24
C TRP A 43 4.81 2.62 -3.23
N GLN A 44 4.11 3.21 -2.28
CA GLN A 44 4.12 4.65 -2.14
C GLN A 44 4.75 5.06 -0.82
N ARG A 45 6.02 5.45 -0.89
CA ARG A 45 6.76 5.86 0.28
C ARG A 45 6.42 7.32 0.64
N LEU A 46 6.10 7.53 1.90
CA LEU A 46 5.76 8.86 2.38
C LEU A 46 6.60 9.19 3.61
N GLY A 47 5.94 9.73 4.62
CA GLY A 47 6.62 10.09 5.85
C GLY A 47 7.09 8.84 6.61
N CYS A 48 8.38 8.56 6.47
CA CYS A 48 8.97 7.41 7.13
C CYS A 48 8.43 6.14 6.46
N GLY A 49 7.13 5.94 6.62
CA GLY A 49 6.47 4.78 6.05
C GLY A 49 5.96 5.08 4.63
N GLY A 50 4.64 5.06 4.49
CA GLY A 50 4.02 5.33 3.21
C GLY A 50 2.89 4.34 2.93
N VAL A 51 2.19 4.59 1.83
CA VAL A 51 1.10 3.72 1.44
C VAL A 51 1.59 2.71 0.40
N LEU A 52 1.33 1.45 0.68
CA LEU A 52 1.74 0.38 -0.22
C LEU A 52 0.50 -0.23 -0.88
N THR A 53 0.71 -0.76 -2.07
CA THR A 53 -0.38 -1.38 -2.82
C THR A 53 -0.04 -2.84 -3.13
N PHE A 54 -1.00 -3.71 -2.87
CA PHE A 54 -0.82 -5.13 -3.13
C PHE A 54 -1.64 -5.57 -4.35
N ARG A 55 -1.00 -6.39 -5.18
CA ARG A 55 -1.64 -6.89 -6.38
C ARG A 55 -3.07 -7.36 -6.06
N GLU A 56 -3.15 -8.36 -5.19
CA GLU A 56 -4.44 -8.90 -4.80
C GLU A 56 -4.82 -8.42 -3.40
N PRO A 57 -6.13 -8.50 -3.10
CA PRO A 57 -6.64 -8.07 -1.81
C PRO A 57 -6.29 -9.09 -0.72
N ALA A 58 -6.53 -10.36 -1.03
CA ALA A 58 -6.25 -11.43 -0.10
C ALA A 58 -4.75 -11.45 0.21
N ASP A 59 -3.95 -11.31 -0.85
CA ASP A 59 -2.51 -11.31 -0.71
C ASP A 59 -2.10 -10.19 0.26
N ALA A 60 -2.73 -9.04 0.09
CA ALA A 60 -2.44 -7.90 0.93
C ALA A 60 -2.90 -8.19 2.36
N GLU A 61 -4.02 -8.89 2.45
CA GLU A 61 -4.58 -9.25 3.75
C GLU A 61 -3.75 -10.35 4.40
N ARG A 62 -3.22 -11.23 3.56
CA ARG A 62 -2.41 -12.33 4.04
C ARG A 62 -1.15 -11.80 4.73
N VAL A 63 -0.83 -10.55 4.41
CA VAL A 63 0.35 -9.92 4.99
C VAL A 63 -0.06 -9.16 6.25
N LEU A 64 -1.17 -8.44 6.14
CA LEU A 64 -1.67 -7.66 7.26
C LEU A 64 -1.90 -8.59 8.46
N ALA A 65 -2.40 -9.78 8.15
CA ALA A 65 -2.67 -10.76 9.18
C ALA A 65 -1.57 -10.71 10.23
N GLN A 66 -0.37 -10.40 9.77
CA GLN A 66 0.78 -10.31 10.65
C GLN A 66 0.93 -8.89 11.20
N ALA A 67 0.76 -8.78 12.51
CA ALA A 67 0.88 -7.49 13.17
C ALA A 67 2.35 -7.14 13.36
N ASP A 68 3.20 -8.03 12.85
CA ASP A 68 4.64 -7.83 12.95
C ASP A 68 5.27 -7.96 11.57
N HIS A 69 6.33 -7.19 11.35
CA HIS A 69 7.03 -7.21 10.09
C HIS A 69 8.51 -6.89 10.31
N GLU A 70 9.36 -7.66 9.64
CA GLU A 70 10.79 -7.47 9.76
C GLU A 70 11.40 -7.17 8.38
N LEU A 71 12.11 -6.06 8.32
CA LEU A 71 12.74 -5.66 7.07
C LEU A 71 14.08 -4.97 7.38
N HIS A 72 15.15 -5.74 7.26
CA HIS A 72 16.48 -5.22 7.52
C HIS A 72 16.54 -4.68 8.94
N GLY A 73 16.25 -5.55 9.90
CA GLY A 73 16.27 -5.18 11.30
C GLY A 73 15.42 -3.93 11.55
N ALA A 74 14.13 -4.17 11.71
CA ALA A 74 13.19 -3.08 11.96
C ALA A 74 11.76 -3.63 11.97
N GLN A 75 11.01 -3.23 12.98
CA GLN A 75 9.63 -3.66 13.11
C GLN A 75 8.69 -2.71 12.37
N LEU A 76 8.36 -3.09 11.14
CA LEU A 76 7.48 -2.29 10.32
C LEU A 76 6.03 -2.49 10.78
N SER A 77 5.38 -1.38 11.07
CA SER A 77 4.00 -1.41 11.52
C SER A 77 3.06 -1.26 10.33
N LEU A 78 2.54 -2.41 9.88
CA LEU A 78 1.62 -2.41 8.75
C LEU A 78 0.19 -2.22 9.25
N ARG A 79 -0.58 -1.50 8.46
CA ARG A 79 -1.97 -1.23 8.81
C ARG A 79 -2.80 -1.01 7.55
N PRO A 80 -4.15 -1.13 7.73
CA PRO A 80 -5.06 -0.95 6.63
C PRO A 80 -5.21 0.54 6.27
N ALA A 81 -4.84 0.86 5.05
CA ALA A 81 -4.92 2.23 4.57
C ALA A 81 -6.38 2.64 4.45
N PRO A 82 -6.60 3.98 4.34
CA PRO A 82 -7.95 4.51 4.22
C PRO A 82 -8.51 4.26 2.82
N PRO A 83 -9.84 3.95 2.77
CA PRO A 83 -10.50 3.69 1.51
C PRO A 83 -10.74 4.99 0.74
N ARG A 84 -9.65 5.72 0.51
CA ARG A 84 -9.74 6.98 -0.21
C ARG A 84 -8.73 6.99 -1.36
N ALA A 85 -9.13 7.65 -2.44
CA ALA A 85 -8.27 7.75 -3.61
C ALA A 85 -8.84 8.80 -4.57
N PRO A 86 -7.92 9.42 -5.36
CA PRO A 86 -8.31 10.43 -6.31
C PRO A 86 -9.00 9.81 -7.53
N ALA A 87 -10.27 10.15 -7.70
CA ALA A 87 -11.04 9.63 -8.80
C ALA A 87 -12.12 10.65 -9.20
N ARG A 88 -12.04 11.09 -10.44
CA ARG A 88 -12.98 12.07 -10.95
C ARG A 88 -13.80 11.47 -12.10
N LEU A 89 -14.93 10.89 -11.74
CA LEU A 89 -15.80 10.27 -12.73
C LEU A 89 -17.25 10.39 -12.26
N LEU A 90 -17.98 11.27 -12.93
CA LEU A 90 -19.39 11.48 -12.60
C LEU A 90 -20.05 12.33 -13.70
N LEU A 91 -20.60 11.63 -14.68
CA LEU A 91 -21.25 12.30 -15.79
C LEU A 91 -22.23 13.33 -15.24
N GLN A 92 -22.06 14.57 -15.70
CA GLN A 92 -22.91 15.65 -15.26
C GLN A 92 -24.35 15.40 -15.69
N GLY A 93 -25.11 14.82 -14.79
CA GLY A 93 -26.51 14.51 -15.06
C GLY A 93 -27.06 13.49 -14.07
N LEU A 94 -28.34 13.20 -14.20
CA LEU A 94 -29.00 12.25 -13.32
C LEU A 94 -30.32 11.79 -13.95
N PRO A 95 -30.78 10.59 -13.52
CA PRO A 95 -32.03 10.04 -14.03
C PRO A 95 -33.24 10.76 -13.44
N PRO A 96 -34.42 10.46 -14.02
CA PRO A 96 -35.66 11.07 -13.56
C PRO A 96 -36.11 10.47 -12.23
N GLY A 97 -37.22 11.00 -11.71
CA GLY A 97 -37.75 10.52 -10.46
C GLY A 97 -39.19 11.02 -10.25
N THR A 98 -40.13 10.24 -10.77
CA THR A 98 -41.54 10.59 -10.65
C THR A 98 -42.42 9.41 -11.07
N SER A 99 -43.43 9.16 -10.26
CA SER A 99 -44.35 8.07 -10.54
C SER A 99 -45.43 8.01 -9.46
N GLY A 100 -46.67 8.15 -9.90
CA GLY A 100 -47.80 8.11 -8.99
C GLY A 100 -49.13 8.03 -9.74
N PRO A 101 -49.39 6.82 -10.31
CA PRO A 101 -50.61 6.59 -11.07
C PRO A 101 -51.82 6.46 -10.13
N SER A 102 -52.97 6.25 -10.74
CA SER A 102 -54.20 6.09 -9.98
C SER A 102 -55.29 5.47 -10.86
N SER A 103 -56.32 4.97 -10.20
CA SER A 103 -57.43 4.35 -10.91
C SER A 103 -58.65 4.25 -9.98
N GLY A 104 -59.81 4.11 -10.60
CA GLY A 104 -61.05 4.01 -9.85
C GLY A 104 -61.24 2.59 -9.32
N GLY A 1 -14.26 17.63 -14.60
CA GLY A 1 -13.13 18.08 -13.81
C GLY A 1 -11.82 17.49 -14.33
N SER A 2 -10.92 17.21 -13.39
CA SER A 2 -9.63 16.64 -13.74
C SER A 2 -8.93 16.10 -12.48
N SER A 3 -7.92 15.29 -12.71
CA SER A 3 -7.16 14.71 -11.61
C SER A 3 -8.08 13.86 -10.74
N GLY A 4 -7.81 12.56 -10.75
CA GLY A 4 -8.61 11.61 -9.97
C GLY A 4 -7.73 10.46 -9.46
N SER A 5 -8.12 9.95 -8.30
CA SER A 5 -7.40 8.85 -7.69
C SER A 5 -8.27 7.59 -7.69
N SER A 6 -7.60 6.45 -7.90
CA SER A 6 -8.30 5.18 -7.92
C SER A 6 -7.29 4.03 -7.85
N GLY A 7 -7.62 3.05 -7.04
CA GLY A 7 -6.75 1.90 -6.86
C GLY A 7 -7.56 0.65 -6.50
N GLY A 8 -6.85 -0.36 -6.01
CA GLY A 8 -7.49 -1.61 -5.62
C GLY A 8 -7.28 -1.89 -4.13
N VAL A 9 -6.10 -2.41 -3.82
CA VAL A 9 -5.76 -2.73 -2.44
C VAL A 9 -4.52 -1.95 -2.03
N ALA A 10 -4.61 -1.29 -0.89
CA ALA A 10 -3.51 -0.51 -0.37
C ALA A 10 -3.33 -0.78 1.12
N VAL A 11 -2.08 -0.81 1.55
CA VAL A 11 -1.77 -1.06 2.94
C VAL A 11 -0.87 0.05 3.47
N GLU A 12 -1.36 0.76 4.48
CA GLU A 12 -0.62 1.84 5.07
C GLU A 12 0.49 1.29 5.99
N VAL A 13 1.72 1.57 5.61
CA VAL A 13 2.86 1.11 6.39
C VAL A 13 3.34 2.23 7.31
N ARG A 14 3.69 1.85 8.52
CA ARG A 14 4.16 2.81 9.50
C ARG A 14 5.41 2.28 10.21
N GLY A 15 6.28 3.22 10.56
CA GLY A 15 7.52 2.85 11.24
C GLY A 15 8.47 2.12 10.30
N LEU A 16 8.95 2.85 9.30
CA LEU A 16 9.86 2.29 8.32
C LEU A 16 11.09 3.19 8.20
N PRO A 17 12.28 2.57 8.40
CA PRO A 17 13.53 3.31 8.32
C PRO A 17 13.90 3.60 6.86
N PRO A 18 14.61 4.74 6.67
CA PRO A 18 15.04 5.13 5.34
C PRO A 18 16.20 4.28 4.85
N ALA A 19 17.08 3.94 5.78
CA ALA A 19 18.24 3.12 5.46
C ALA A 19 17.81 1.97 4.56
N VAL A 20 16.59 1.48 4.81
CA VAL A 20 16.05 0.38 4.04
C VAL A 20 15.38 0.92 2.78
N PRO A 21 15.89 0.47 1.60
CA PRO A 21 15.35 0.91 0.33
C PRO A 21 14.00 0.23 0.05
N ASP A 22 13.43 0.57 -1.10
CA ASP A 22 12.15 -0.01 -1.50
C ASP A 22 12.38 -1.43 -2.01
N GLU A 23 13.38 -1.57 -2.85
CA GLU A 23 13.71 -2.88 -3.41
C GLU A 23 13.45 -3.98 -2.38
N LEU A 24 13.98 -3.77 -1.18
CA LEU A 24 13.81 -4.72 -0.11
C LEU A 24 12.34 -4.73 0.35
N LEU A 25 11.86 -3.54 0.67
CA LEU A 25 10.49 -3.39 1.12
C LEU A 25 9.58 -4.31 0.29
N THR A 26 9.89 -4.38 -1.00
CA THR A 26 9.11 -5.22 -1.90
C THR A 26 9.60 -6.67 -1.84
N LEU A 27 10.91 -6.82 -1.89
CA LEU A 27 11.52 -8.14 -1.84
C LEU A 27 10.95 -8.91 -0.64
N TYR A 28 10.60 -8.16 0.39
CA TYR A 28 10.04 -8.76 1.59
C TYR A 28 8.56 -9.06 1.42
N PHE A 29 7.83 -8.06 0.95
CA PHE A 29 6.40 -8.21 0.74
C PHE A 29 6.13 -9.02 -0.54
N GLU A 30 7.20 -9.43 -1.19
CA GLU A 30 7.09 -10.20 -2.41
C GLU A 30 7.32 -11.68 -2.13
N ASN A 31 8.28 -11.95 -1.26
CA ASN A 31 8.61 -13.32 -0.89
C ASN A 31 7.52 -13.86 0.03
N ARG A 32 7.00 -15.02 -0.34
CA ARG A 32 5.96 -15.66 0.44
C ARG A 32 6.50 -16.11 1.79
N ARG A 33 7.60 -16.85 1.74
CA ARG A 33 8.23 -17.35 2.95
C ARG A 33 8.49 -16.20 3.91
N ARG A 34 9.10 -15.15 3.39
CA ARG A 34 9.42 -13.98 4.19
C ARG A 34 8.17 -13.48 4.91
N SER A 35 7.20 -13.07 4.11
CA SER A 35 5.95 -12.57 4.65
C SER A 35 4.83 -13.61 4.48
N GLY A 36 4.39 -13.75 3.23
CA GLY A 36 3.33 -14.70 2.92
C GLY A 36 2.13 -13.99 2.30
N GLY A 37 2.42 -13.18 1.29
CA GLY A 37 1.36 -12.45 0.59
C GLY A 37 1.38 -12.75 -0.90
N GLY A 38 1.96 -11.83 -1.65
CA GLY A 38 2.05 -11.97 -3.09
C GLY A 38 2.86 -10.84 -3.71
N PRO A 39 2.57 -10.58 -5.02
CA PRO A 39 3.26 -9.53 -5.74
C PRO A 39 2.75 -8.14 -5.32
N VAL A 40 3.69 -7.21 -5.22
CA VAL A 40 3.34 -5.85 -4.82
C VAL A 40 3.17 -4.99 -6.08
N LEU A 41 1.98 -4.41 -6.19
CA LEU A 41 1.67 -3.57 -7.34
C LEU A 41 2.62 -2.36 -7.35
N SER A 42 2.63 -1.65 -6.24
CA SER A 42 3.49 -0.49 -6.11
C SER A 42 3.76 -0.20 -4.63
N TRP A 43 4.55 0.85 -4.40
CA TRP A 43 4.91 1.23 -3.04
C TRP A 43 5.15 2.73 -3.03
N GLN A 44 4.55 3.40 -2.06
CA GLN A 44 4.70 4.83 -1.92
C GLN A 44 5.22 5.19 -0.52
N ARG A 45 6.53 5.39 -0.45
CA ARG A 45 7.17 5.73 0.81
C ARG A 45 6.77 7.14 1.24
N LEU A 46 6.47 7.27 2.52
CA LEU A 46 6.07 8.56 3.07
C LEU A 46 6.64 8.70 4.48
N GLY A 47 7.31 9.83 4.70
CA GLY A 47 7.91 10.10 6.00
C GLY A 47 8.49 8.82 6.61
N CYS A 48 7.91 8.43 7.74
CA CYS A 48 8.36 7.23 8.43
C CYS A 48 7.38 6.09 8.11
N GLY A 49 7.15 5.90 6.83
CA GLY A 49 6.25 4.86 6.38
C GLY A 49 5.90 5.04 4.90
N GLY A 50 4.60 5.03 4.62
CA GLY A 50 4.12 5.19 3.27
C GLY A 50 3.00 4.19 2.95
N VAL A 51 2.24 4.50 1.92
CA VAL A 51 1.13 3.65 1.51
C VAL A 51 1.64 2.64 0.47
N LEU A 52 1.35 1.38 0.73
CA LEU A 52 1.76 0.32 -0.16
C LEU A 52 0.53 -0.26 -0.86
N THR A 53 0.77 -0.86 -2.03
CA THR A 53 -0.30 -1.46 -2.79
C THR A 53 -0.01 -2.93 -3.06
N PHE A 54 -1.04 -3.75 -2.85
CA PHE A 54 -0.91 -5.18 -3.05
C PHE A 54 -1.76 -5.65 -4.23
N ARG A 55 -1.11 -6.24 -5.21
CA ARG A 55 -1.80 -6.73 -6.40
C ARG A 55 -3.14 -7.34 -6.01
N GLU A 56 -3.06 -8.35 -5.13
CA GLU A 56 -4.25 -9.03 -4.68
C GLU A 56 -4.68 -8.49 -3.31
N PRO A 57 -6.01 -8.57 -3.05
CA PRO A 57 -6.55 -8.10 -1.78
C PRO A 57 -6.25 -9.08 -0.66
N ALA A 58 -6.57 -10.34 -0.91
CA ALA A 58 -6.34 -11.38 0.08
C ALA A 58 -4.85 -11.42 0.43
N ASP A 59 -4.03 -11.34 -0.61
CA ASP A 59 -2.59 -11.37 -0.43
C ASP A 59 -2.18 -10.25 0.53
N ALA A 60 -2.91 -9.14 0.43
CA ALA A 60 -2.63 -7.99 1.28
C ALA A 60 -2.95 -8.35 2.73
N GLU A 61 -4.20 -8.71 2.96
CA GLU A 61 -4.64 -9.07 4.30
C GLU A 61 -3.70 -10.10 4.91
N ARG A 62 -3.37 -11.11 4.11
CA ARG A 62 -2.48 -12.17 4.55
C ARG A 62 -1.25 -11.57 5.23
N VAL A 63 -0.81 -10.43 4.70
CA VAL A 63 0.36 -9.76 5.23
C VAL A 63 -0.05 -9.01 6.51
N LEU A 64 -1.25 -8.47 6.48
CA LEU A 64 -1.76 -7.72 7.62
C LEU A 64 -1.99 -8.68 8.79
N ALA A 65 -2.47 -9.87 8.45
CA ALA A 65 -2.75 -10.88 9.45
C ALA A 65 -1.65 -10.85 10.51
N GLN A 66 -0.45 -10.49 10.07
CA GLN A 66 0.69 -10.41 10.98
C GLN A 66 0.85 -8.99 11.51
N ALA A 67 0.64 -8.85 12.81
CA ALA A 67 0.75 -7.55 13.45
C ALA A 67 2.23 -7.20 13.62
N ASP A 68 3.08 -8.11 13.17
CA ASP A 68 4.51 -7.91 13.25
C ASP A 68 5.13 -8.06 11.87
N HIS A 69 6.13 -7.22 11.60
CA HIS A 69 6.81 -7.26 10.32
C HIS A 69 8.22 -6.68 10.47
N GLU A 70 9.20 -7.51 10.19
CA GLU A 70 10.59 -7.10 10.28
C GLU A 70 11.23 -7.02 8.89
N LEU A 71 11.94 -5.92 8.66
CA LEU A 71 12.59 -5.70 7.38
C LEU A 71 13.84 -4.85 7.59
N HIS A 72 14.98 -5.53 7.64
CA HIS A 72 16.25 -4.85 7.84
C HIS A 72 16.29 -4.23 9.24
N GLY A 73 16.36 -5.09 10.24
CA GLY A 73 16.40 -4.63 11.61
C GLY A 73 15.49 -3.42 11.82
N ALA A 74 14.22 -3.70 12.10
CA ALA A 74 13.25 -2.65 12.32
C ALA A 74 11.85 -3.27 12.40
N GLN A 75 11.00 -2.62 13.18
CA GLN A 75 9.64 -3.09 13.36
C GLN A 75 8.68 -2.28 12.48
N LEU A 76 8.31 -2.87 11.36
CA LEU A 76 7.40 -2.21 10.43
C LEU A 76 5.96 -2.56 10.81
N SER A 77 5.16 -1.52 10.97
CA SER A 77 3.76 -1.70 11.32
C SER A 77 2.88 -1.61 10.06
N LEU A 78 2.38 -2.77 9.66
CA LEU A 78 1.53 -2.85 8.48
C LEU A 78 0.08 -2.68 8.90
N ARG A 79 -0.65 -1.89 8.12
CA ARG A 79 -2.05 -1.64 8.40
C ARG A 79 -2.80 -1.32 7.11
N PRO A 80 -4.15 -1.49 7.17
CA PRO A 80 -4.99 -1.21 6.02
C PRO A 80 -5.16 0.29 5.79
N ALA A 81 -4.73 0.74 4.62
CA ALA A 81 -4.83 2.15 4.28
C ALA A 81 -6.31 2.54 4.15
N PRO A 82 -6.56 3.86 4.30
CA PRO A 82 -7.92 4.38 4.20
C PRO A 82 -8.39 4.43 2.74
N PRO A 83 -9.40 3.57 2.45
CA PRO A 83 -9.95 3.49 1.10
C PRO A 83 -10.83 4.71 0.80
N ARG A 84 -10.90 5.05 -0.48
CA ARG A 84 -11.71 6.18 -0.91
C ARG A 84 -13.00 5.70 -1.57
N ALA A 85 -14.02 5.53 -0.75
CA ALA A 85 -15.31 5.07 -1.23
C ALA A 85 -15.21 3.59 -1.60
N PRO A 86 -16.04 2.77 -0.89
CA PRO A 86 -16.05 1.34 -1.13
C PRO A 86 -16.79 1.01 -2.42
N ALA A 87 -16.05 0.42 -3.36
CA ALA A 87 -16.62 0.04 -4.64
C ALA A 87 -17.40 1.23 -5.21
N ARG A 88 -16.66 2.23 -5.65
CA ARG A 88 -17.27 3.42 -6.22
C ARG A 88 -17.51 3.23 -7.71
N LEU A 89 -18.61 3.82 -8.18
CA LEU A 89 -18.96 3.72 -9.59
C LEU A 89 -20.14 4.67 -9.88
N LEU A 90 -19.79 5.87 -10.32
CA LEU A 90 -20.79 6.87 -10.64
C LEU A 90 -20.26 7.78 -11.74
N LEU A 91 -21.11 8.02 -12.73
CA LEU A 91 -20.74 8.87 -13.85
C LEU A 91 -20.27 10.22 -13.31
N GLN A 92 -19.02 10.54 -13.60
CA GLN A 92 -18.43 11.79 -13.16
C GLN A 92 -17.25 12.17 -14.05
N GLY A 93 -17.31 13.37 -14.58
CA GLY A 93 -16.25 13.87 -15.46
C GLY A 93 -16.73 13.97 -16.90
N LEU A 94 -17.53 14.99 -17.15
CA LEU A 94 -18.06 15.22 -18.49
C LEU A 94 -18.01 16.72 -18.81
N PRO A 95 -17.96 17.02 -20.12
CA PRO A 95 -17.90 18.41 -20.57
C PRO A 95 -19.28 19.07 -20.45
N PRO A 96 -19.29 20.41 -20.65
CA PRO A 96 -20.52 21.17 -20.56
C PRO A 96 -21.40 20.95 -21.79
N GLY A 97 -22.56 21.58 -21.78
CA GLY A 97 -23.49 21.45 -22.89
C GLY A 97 -24.94 21.44 -22.39
N THR A 98 -25.58 22.59 -22.48
CA THR A 98 -26.96 22.72 -22.05
C THR A 98 -27.80 23.40 -23.14
N SER A 99 -28.50 22.56 -23.90
CA SER A 99 -29.35 23.06 -24.97
C SER A 99 -30.77 23.26 -24.47
N GLY A 100 -31.41 24.30 -24.98
CA GLY A 100 -32.77 24.60 -24.59
C GLY A 100 -33.74 24.43 -25.77
N PRO A 101 -35.03 24.22 -25.43
CA PRO A 101 -36.06 24.03 -26.44
C PRO A 101 -36.41 25.37 -27.12
N SER A 102 -36.32 25.37 -28.43
CA SER A 102 -36.63 26.57 -29.20
C SER A 102 -36.96 26.19 -30.65
N SER A 103 -38.09 26.68 -31.11
CA SER A 103 -38.52 26.40 -32.47
C SER A 103 -38.78 24.90 -32.64
N GLY A 104 -39.67 24.59 -33.59
CA GLY A 104 -40.00 23.21 -33.87
C GLY A 104 -40.41 23.03 -35.33
N GLY A 1 -21.81 -5.52 3.36
CA GLY A 1 -22.84 -5.18 2.39
C GLY A 1 -22.71 -3.73 1.95
N SER A 2 -23.26 -3.45 0.78
CA SER A 2 -23.22 -2.10 0.24
C SER A 2 -21.78 -1.58 0.23
N SER A 3 -21.07 -1.91 -0.83
CA SER A 3 -19.69 -1.48 -0.97
C SER A 3 -19.38 -1.18 -2.44
N GLY A 4 -19.56 -2.19 -3.28
CA GLY A 4 -19.31 -2.05 -4.69
C GLY A 4 -17.82 -1.80 -4.96
N SER A 5 -17.49 -1.67 -6.24
CA SER A 5 -16.12 -1.43 -6.65
C SER A 5 -15.19 -2.45 -5.97
N SER A 6 -14.98 -3.55 -6.66
CA SER A 6 -14.12 -4.60 -6.15
C SER A 6 -12.75 -4.55 -6.84
N GLY A 7 -11.80 -3.93 -6.16
CA GLY A 7 -10.46 -3.80 -6.69
C GLY A 7 -9.67 -2.72 -5.96
N GLY A 8 -8.37 -2.68 -6.22
CA GLY A 8 -7.50 -1.70 -5.59
C GLY A 8 -7.32 -2.01 -4.10
N VAL A 9 -6.10 -2.37 -3.75
CA VAL A 9 -5.77 -2.70 -2.38
C VAL A 9 -4.50 -1.97 -1.97
N ALA A 10 -4.61 -1.22 -0.88
CA ALA A 10 -3.46 -0.47 -0.38
C ALA A 10 -3.29 -0.75 1.12
N VAL A 11 -2.04 -0.77 1.55
CA VAL A 11 -1.73 -1.03 2.94
C VAL A 11 -0.79 0.07 3.46
N GLU A 12 -1.29 0.80 4.44
CA GLU A 12 -0.51 1.88 5.04
C GLU A 12 0.59 1.31 5.95
N VAL A 13 1.83 1.53 5.53
CA VAL A 13 2.97 1.05 6.29
C VAL A 13 3.49 2.17 7.18
N ARG A 14 3.79 1.81 8.42
CA ARG A 14 4.31 2.77 9.38
C ARG A 14 5.51 2.20 10.12
N GLY A 15 6.42 3.08 10.47
CA GLY A 15 7.63 2.68 11.18
C GLY A 15 8.60 1.95 10.25
N LEU A 16 9.14 2.71 9.30
CA LEU A 16 10.07 2.16 8.33
C LEU A 16 11.31 3.05 8.25
N PRO A 17 12.49 2.45 8.55
CA PRO A 17 13.74 3.18 8.51
C PRO A 17 14.19 3.42 7.07
N PRO A 18 15.02 4.49 6.89
CA PRO A 18 15.52 4.82 5.57
C PRO A 18 16.63 3.85 5.14
N ALA A 19 17.48 3.52 6.10
CA ALA A 19 18.58 2.60 5.84
C ALA A 19 18.09 1.46 4.94
N VAL A 20 16.82 1.11 5.11
CA VAL A 20 16.21 0.05 4.32
C VAL A 20 15.71 0.63 3.00
N PRO A 21 16.20 0.04 1.89
CA PRO A 21 15.80 0.49 0.56
C PRO A 21 14.40 0.01 0.23
N ASP A 22 13.88 0.52 -0.88
CA ASP A 22 12.54 0.16 -1.33
C ASP A 22 12.55 -1.29 -1.83
N GLU A 23 13.44 -1.55 -2.77
CA GLU A 23 13.56 -2.88 -3.33
C GLU A 23 13.33 -3.94 -2.25
N LEU A 24 13.94 -3.71 -1.10
CA LEU A 24 13.81 -4.63 0.02
C LEU A 24 12.35 -4.63 0.49
N LEU A 25 11.93 -3.49 1.02
CA LEU A 25 10.57 -3.36 1.52
C LEU A 25 9.63 -4.16 0.62
N THR A 26 9.91 -4.12 -0.67
CA THR A 26 9.09 -4.84 -1.64
C THR A 26 9.47 -6.33 -1.65
N LEU A 27 10.77 -6.56 -1.73
CA LEU A 27 11.28 -7.93 -1.76
C LEU A 27 10.61 -8.74 -0.64
N TYR A 28 10.47 -8.10 0.51
CA TYR A 28 9.85 -8.75 1.65
C TYR A 28 8.36 -8.99 1.40
N PHE A 29 7.67 -7.92 1.03
CA PHE A 29 6.25 -8.00 0.76
C PHE A 29 5.97 -8.84 -0.50
N GLU A 30 7.04 -9.10 -1.23
CA GLU A 30 6.92 -9.89 -2.45
C GLU A 30 7.07 -11.38 -2.14
N ASN A 31 8.06 -11.69 -1.32
CA ASN A 31 8.32 -13.06 -0.93
C ASN A 31 7.15 -13.58 -0.08
N ARG A 32 6.54 -14.65 -0.55
CA ARG A 32 5.42 -15.25 0.15
C ARG A 32 5.90 -15.94 1.43
N ARG A 33 7.18 -16.26 1.43
CA ARG A 33 7.78 -16.93 2.59
C ARG A 33 8.01 -15.93 3.72
N ARG A 34 8.55 -14.78 3.35
CA ARG A 34 8.82 -13.72 4.32
C ARG A 34 7.53 -13.25 4.97
N SER A 35 6.59 -12.85 4.12
CA SER A 35 5.30 -12.38 4.60
C SER A 35 4.20 -13.36 4.20
N GLY A 36 3.84 -13.31 2.92
CA GLY A 36 2.80 -14.17 2.39
C GLY A 36 1.81 -13.39 1.54
N GLY A 37 2.34 -12.75 0.51
CA GLY A 37 1.52 -11.96 -0.40
C GLY A 37 1.79 -12.35 -1.85
N GLY A 38 2.12 -11.34 -2.64
CA GLY A 38 2.40 -11.56 -4.06
C GLY A 38 3.25 -10.42 -4.64
N PRO A 39 3.08 -10.21 -5.96
CA PRO A 39 3.83 -9.15 -6.64
C PRO A 39 3.25 -7.78 -6.31
N VAL A 40 3.86 -7.14 -5.34
CA VAL A 40 3.42 -5.81 -4.92
C VAL A 40 3.13 -4.96 -6.15
N LEU A 41 1.90 -4.50 -6.24
CA LEU A 41 1.48 -3.67 -7.36
C LEU A 41 2.36 -2.42 -7.42
N SER A 42 2.35 -1.68 -6.31
CA SER A 42 3.13 -0.46 -6.23
C SER A 42 3.59 -0.24 -4.78
N TRP A 43 4.37 0.82 -4.61
CA TRP A 43 4.88 1.15 -3.29
C TRP A 43 5.09 2.67 -3.22
N GLN A 44 4.43 3.28 -2.26
CA GLN A 44 4.53 4.72 -2.08
C GLN A 44 5.13 5.05 -0.72
N ARG A 45 6.43 5.30 -0.72
CA ARG A 45 7.13 5.62 0.51
C ARG A 45 6.78 7.04 0.96
N LEU A 46 6.52 7.17 2.26
CA LEU A 46 6.17 8.47 2.82
C LEU A 46 6.98 8.69 4.11
N GLY A 47 6.45 9.55 4.97
CA GLY A 47 7.11 9.86 6.22
C GLY A 47 7.07 8.65 7.16
N CYS A 48 8.25 8.21 7.56
CA CYS A 48 8.36 7.07 8.45
C CYS A 48 7.31 6.04 8.06
N GLY A 49 7.36 5.62 6.81
CA GLY A 49 6.43 4.63 6.29
C GLY A 49 5.99 4.98 4.87
N GLY A 50 4.72 4.76 4.60
CA GLY A 50 4.17 5.04 3.28
C GLY A 50 3.03 4.08 2.94
N VAL A 51 2.30 4.43 1.90
CA VAL A 51 1.18 3.61 1.46
C VAL A 51 1.65 2.64 0.38
N LEU A 52 1.42 1.36 0.64
CA LEU A 52 1.81 0.32 -0.31
C LEU A 52 0.57 -0.28 -0.95
N THR A 53 0.75 -0.81 -2.16
CA THR A 53 -0.34 -1.41 -2.89
C THR A 53 -0.04 -2.89 -3.18
N PHE A 54 -1.03 -3.72 -2.90
CA PHE A 54 -0.89 -5.15 -3.12
C PHE A 54 -1.74 -5.61 -4.31
N ARG A 55 -1.06 -6.22 -5.28
CA ARG A 55 -1.74 -6.71 -6.46
C ARG A 55 -3.06 -7.36 -6.09
N GLU A 56 -2.98 -8.35 -5.22
CA GLU A 56 -4.16 -9.06 -4.77
C GLU A 56 -4.60 -8.54 -3.40
N PRO A 57 -5.94 -8.63 -3.16
CA PRO A 57 -6.51 -8.16 -1.90
C PRO A 57 -6.22 -9.16 -0.78
N ALA A 58 -6.53 -10.42 -1.05
CA ALA A 58 -6.30 -11.47 -0.08
C ALA A 58 -4.83 -11.50 0.31
N ASP A 59 -3.97 -11.41 -0.70
CA ASP A 59 -2.54 -11.43 -0.48
C ASP A 59 -2.18 -10.31 0.51
N ALA A 60 -2.89 -9.20 0.38
CA ALA A 60 -2.64 -8.06 1.26
C ALA A 60 -2.99 -8.43 2.70
N GLU A 61 -4.20 -8.96 2.87
CA GLU A 61 -4.66 -9.36 4.18
C GLU A 61 -3.66 -10.33 4.82
N ARG A 62 -3.34 -11.37 4.06
CA ARG A 62 -2.40 -12.37 4.55
C ARG A 62 -1.20 -11.70 5.22
N VAL A 63 -0.73 -10.64 4.59
CA VAL A 63 0.40 -9.90 5.11
C VAL A 63 -0.01 -9.19 6.40
N LEU A 64 -1.24 -8.71 6.41
CA LEU A 64 -1.77 -8.00 7.56
C LEU A 64 -1.98 -9.00 8.71
N ALA A 65 -2.32 -10.22 8.33
CA ALA A 65 -2.54 -11.27 9.30
C ALA A 65 -1.50 -11.15 10.42
N GLN A 66 -0.33 -10.67 10.04
CA GLN A 66 0.76 -10.51 11.00
C GLN A 66 0.90 -9.03 11.40
N ALA A 67 0.63 -8.77 12.66
CA ALA A 67 0.72 -7.41 13.18
C ALA A 67 2.20 -7.05 13.39
N ASP A 68 3.05 -8.02 13.09
CA ASP A 68 4.48 -7.82 13.24
C ASP A 68 5.17 -8.03 11.89
N HIS A 69 6.14 -7.17 11.62
CA HIS A 69 6.88 -7.26 10.38
C HIS A 69 8.31 -6.77 10.60
N GLU A 70 9.26 -7.60 10.17
CA GLU A 70 10.67 -7.27 10.31
C GLU A 70 11.35 -7.24 8.95
N LEU A 71 12.03 -6.14 8.67
CA LEU A 71 12.73 -5.99 7.41
C LEU A 71 14.01 -5.19 7.64
N HIS A 72 15.11 -5.92 7.76
CA HIS A 72 16.41 -5.29 7.98
C HIS A 72 16.42 -4.63 9.36
N GLY A 73 16.40 -5.46 10.38
CA GLY A 73 16.42 -4.97 11.75
C GLY A 73 15.54 -3.74 11.90
N ALA A 74 14.27 -3.98 12.18
CA ALA A 74 13.31 -2.89 12.34
C ALA A 74 11.89 -3.47 12.39
N GLN A 75 11.05 -2.81 13.16
CA GLN A 75 9.67 -3.23 13.32
C GLN A 75 8.75 -2.36 12.45
N LEU A 76 8.29 -2.95 11.36
CA LEU A 76 7.40 -2.24 10.45
C LEU A 76 5.95 -2.52 10.84
N SER A 77 5.21 -1.44 11.04
CA SER A 77 3.82 -1.54 11.43
C SER A 77 2.93 -1.49 10.18
N LEU A 78 2.47 -2.66 9.76
CA LEU A 78 1.62 -2.75 8.58
C LEU A 78 0.16 -2.55 8.99
N ARG A 79 -0.55 -1.77 8.20
CA ARG A 79 -1.95 -1.49 8.47
C ARG A 79 -2.69 -1.18 7.17
N PRO A 80 -4.04 -1.36 7.22
CA PRO A 80 -4.87 -1.10 6.06
C PRO A 80 -5.03 0.39 5.81
N ALA A 81 -4.65 0.81 4.62
CA ALA A 81 -4.74 2.22 4.26
C ALA A 81 -6.22 2.61 4.16
N PRO A 82 -6.48 3.93 4.35
CA PRO A 82 -7.83 4.45 4.28
C PRO A 82 -8.32 4.54 2.84
N PRO A 83 -9.67 4.53 2.68
CA PRO A 83 -10.27 4.61 1.36
C PRO A 83 -10.17 6.03 0.79
N ARG A 84 -10.06 6.10 -0.52
CA ARG A 84 -9.95 7.38 -1.20
C ARG A 84 -10.92 7.43 -2.38
N ALA A 85 -11.08 8.64 -2.93
CA ALA A 85 -11.97 8.84 -4.05
C ALA A 85 -11.17 9.34 -5.25
N PRO A 86 -11.75 9.12 -6.45
CA PRO A 86 -11.09 9.54 -7.68
C PRO A 86 -11.19 11.06 -7.87
N ALA A 87 -10.06 11.66 -8.19
CA ALA A 87 -10.01 13.10 -8.39
C ALA A 87 -8.64 13.48 -8.94
N ARG A 88 -8.54 13.48 -10.27
CA ARG A 88 -7.30 13.83 -10.93
C ARG A 88 -7.53 14.96 -11.94
N LEU A 89 -6.88 16.08 -11.68
CA LEU A 89 -7.01 17.23 -12.55
C LEU A 89 -5.95 18.28 -12.17
N LEU A 90 -4.75 18.06 -12.68
CA LEU A 90 -3.64 18.97 -12.40
C LEU A 90 -3.23 19.67 -13.69
N LEU A 91 -3.20 21.00 -13.62
CA LEU A 91 -2.81 21.79 -14.78
C LEU A 91 -1.28 21.76 -14.93
N GLN A 92 -0.86 21.70 -16.19
CA GLN A 92 0.57 21.67 -16.49
C GLN A 92 0.88 22.51 -17.72
N GLY A 93 1.95 23.28 -17.62
CA GLY A 93 2.36 24.14 -18.71
C GLY A 93 3.78 24.65 -18.50
N LEU A 94 4.15 25.62 -19.33
CA LEU A 94 5.48 26.20 -19.24
C LEU A 94 5.56 27.45 -20.14
N PRO A 95 6.52 28.33 -19.81
CA PRO A 95 6.70 29.56 -20.58
C PRO A 95 7.36 29.28 -21.93
N PRO A 96 7.29 30.29 -22.83
CA PRO A 96 7.87 30.17 -24.15
C PRO A 96 9.40 30.28 -24.10
N GLY A 97 10.03 30.06 -25.24
CA GLY A 97 11.48 30.13 -25.34
C GLY A 97 11.90 30.81 -26.63
N THR A 98 12.79 31.79 -26.49
CA THR A 98 13.29 32.52 -27.64
C THR A 98 14.77 32.87 -27.44
N SER A 99 15.57 32.49 -28.43
CA SER A 99 17.00 32.74 -28.38
C SER A 99 17.41 33.57 -29.61
N GLY A 100 18.65 34.01 -29.57
CA GLY A 100 19.20 34.81 -30.67
C GLY A 100 20.71 34.99 -30.52
N PRO A 101 21.46 34.20 -31.33
CA PRO A 101 22.92 34.28 -31.29
C PRO A 101 23.42 35.54 -31.99
N SER A 102 24.74 35.66 -32.06
CA SER A 102 25.36 36.81 -32.69
C SER A 102 26.50 36.35 -33.60
N SER A 103 27.02 37.30 -34.38
CA SER A 103 28.10 37.00 -35.29
C SER A 103 29.16 38.11 -35.22
N GLY A 104 30.28 37.85 -35.89
CA GLY A 104 31.37 38.82 -35.91
C GLY A 104 30.90 40.18 -36.42
N GLY A 1 -13.21 -10.66 -3.80
CA GLY A 1 -14.54 -11.24 -3.75
C GLY A 1 -15.22 -11.16 -5.12
N SER A 2 -15.97 -12.21 -5.43
CA SER A 2 -16.68 -12.27 -6.70
C SER A 2 -17.73 -11.17 -6.77
N SER A 3 -18.64 -11.21 -5.81
CA SER A 3 -19.72 -10.23 -5.75
C SER A 3 -19.16 -8.84 -6.08
N GLY A 4 -20.00 -8.05 -6.74
CA GLY A 4 -19.61 -6.70 -7.13
C GLY A 4 -18.37 -6.72 -8.02
N SER A 5 -17.32 -6.08 -7.52
CA SER A 5 -16.07 -6.02 -8.26
C SER A 5 -14.93 -5.59 -7.33
N SER A 6 -13.71 -5.82 -7.79
CA SER A 6 -12.53 -5.46 -7.02
C SER A 6 -11.79 -4.30 -7.69
N GLY A 7 -11.40 -3.33 -6.87
CA GLY A 7 -10.69 -2.17 -7.37
C GLY A 7 -9.18 -2.29 -7.09
N GLY A 8 -8.78 -1.70 -5.98
CA GLY A 8 -7.38 -1.74 -5.58
C GLY A 8 -7.23 -1.99 -4.08
N VAL A 9 -6.07 -2.51 -3.71
CA VAL A 9 -5.79 -2.80 -2.31
C VAL A 9 -4.54 -2.05 -1.88
N ALA A 10 -4.70 -1.28 -0.80
CA ALA A 10 -3.59 -0.50 -0.28
C ALA A 10 -3.47 -0.76 1.23
N VAL A 11 -2.24 -0.69 1.72
CA VAL A 11 -1.98 -0.90 3.13
C VAL A 11 -1.05 0.20 3.65
N GLU A 12 -1.52 0.89 4.68
CA GLU A 12 -0.75 1.97 5.27
C GLU A 12 0.41 1.40 6.09
N VAL A 13 1.62 1.66 5.61
CA VAL A 13 2.82 1.18 6.29
C VAL A 13 3.35 2.28 7.20
N ARG A 14 3.60 1.90 8.45
CA ARG A 14 4.12 2.84 9.43
C ARG A 14 5.33 2.24 10.15
N GLY A 15 6.27 3.12 10.49
CA GLY A 15 7.47 2.69 11.18
C GLY A 15 8.43 1.97 10.23
N LEU A 16 8.95 2.74 9.28
CA LEU A 16 9.89 2.19 8.31
C LEU A 16 11.07 3.15 8.15
N PRO A 17 12.29 2.57 8.33
CA PRO A 17 13.51 3.37 8.21
C PRO A 17 13.83 3.66 6.74
N PRO A 18 14.44 4.85 6.52
CA PRO A 18 14.81 5.26 5.17
C PRO A 18 16.03 4.49 4.68
N ALA A 19 16.91 4.17 5.62
CA ALA A 19 18.13 3.43 5.30
C ALA A 19 17.77 2.25 4.39
N VAL A 20 16.67 1.59 4.73
CA VAL A 20 16.22 0.44 3.97
C VAL A 20 15.55 0.93 2.68
N PRO A 21 16.07 0.41 1.53
CA PRO A 21 15.54 0.77 0.24
C PRO A 21 14.20 0.09 -0.03
N ASP A 22 13.50 0.59 -1.03
CA ASP A 22 12.20 0.05 -1.39
C ASP A 22 12.39 -1.39 -1.90
N GLU A 23 13.45 -1.58 -2.68
CA GLU A 23 13.75 -2.89 -3.23
C GLU A 23 13.44 -3.98 -2.20
N LEU A 24 14.05 -3.84 -1.03
CA LEU A 24 13.85 -4.80 0.03
C LEU A 24 12.39 -4.75 0.49
N LEU A 25 11.93 -3.55 0.78
CA LEU A 25 10.57 -3.36 1.23
C LEU A 25 9.64 -4.28 0.43
N THR A 26 9.87 -4.33 -0.86
CA THR A 26 9.08 -5.17 -1.73
C THR A 26 9.55 -6.62 -1.68
N LEU A 27 10.86 -6.78 -1.85
CA LEU A 27 11.46 -8.11 -1.81
C LEU A 27 10.89 -8.89 -0.63
N TYR A 28 10.62 -8.16 0.44
CA TYR A 28 10.07 -8.78 1.65
C TYR A 28 8.60 -9.11 1.46
N PHE A 29 7.79 -8.07 1.30
CA PHE A 29 6.36 -8.25 1.12
C PHE A 29 6.07 -9.20 -0.03
N GLU A 30 6.90 -9.12 -1.06
CA GLU A 30 6.75 -9.98 -2.22
C GLU A 30 6.92 -11.44 -1.83
N ASN A 31 8.00 -11.71 -1.10
CA ASN A 31 8.28 -13.06 -0.66
C ASN A 31 7.25 -13.48 0.38
N ARG A 32 6.88 -14.75 0.32
CA ARG A 32 5.89 -15.30 1.25
C ARG A 32 6.55 -15.58 2.60
N ARG A 33 7.51 -16.50 2.58
CA ARG A 33 8.21 -16.87 3.79
C ARG A 33 8.48 -15.63 4.65
N ARG A 34 8.98 -14.60 4.00
CA ARG A 34 9.29 -13.36 4.69
C ARG A 34 8.08 -12.89 5.49
N SER A 35 7.02 -12.56 4.77
CA SER A 35 5.79 -12.10 5.39
C SER A 35 4.64 -13.05 5.06
N GLY A 36 4.35 -13.13 3.76
CA GLY A 36 3.27 -14.00 3.30
C GLY A 36 2.24 -13.19 2.49
N GLY A 37 2.67 -12.79 1.30
CA GLY A 37 1.80 -12.02 0.42
C GLY A 37 2.04 -12.39 -1.05
N GLY A 38 1.80 -11.42 -1.92
CA GLY A 38 1.98 -11.62 -3.34
C GLY A 38 2.89 -10.55 -3.94
N PRO A 39 2.79 -10.40 -5.29
CA PRO A 39 3.60 -9.42 -6.00
C PRO A 39 3.04 -8.00 -5.77
N VAL A 40 3.66 -7.32 -4.81
CA VAL A 40 3.25 -5.96 -4.49
C VAL A 40 3.09 -5.16 -5.78
N LEU A 41 1.89 -4.65 -5.99
CA LEU A 41 1.61 -3.86 -7.18
C LEU A 41 2.58 -2.69 -7.25
N SER A 42 2.54 -1.86 -6.21
CA SER A 42 3.41 -0.70 -6.15
C SER A 42 3.75 -0.39 -4.69
N TRP A 43 4.55 0.66 -4.52
CA TRP A 43 4.95 1.08 -3.19
C TRP A 43 5.15 2.59 -3.21
N GLN A 44 4.38 3.27 -2.38
CA GLN A 44 4.45 4.72 -2.29
C GLN A 44 5.08 5.14 -0.95
N ARG A 45 6.37 5.42 -1.00
CA ARG A 45 7.10 5.84 0.18
C ARG A 45 6.70 7.25 0.58
N LEU A 46 6.42 7.42 1.87
CA LEU A 46 6.03 8.72 2.39
C LEU A 46 6.92 9.07 3.58
N GLY A 47 8.10 9.60 3.28
CA GLY A 47 9.04 9.99 4.31
C GLY A 47 9.55 8.76 5.07
N CYS A 48 8.79 8.35 6.08
CA CYS A 48 9.16 7.21 6.87
C CYS A 48 8.50 5.96 6.28
N GLY A 49 7.20 5.85 6.54
CA GLY A 49 6.43 4.71 6.03
C GLY A 49 6.01 4.95 4.58
N GLY A 50 4.70 4.98 4.38
CA GLY A 50 4.14 5.20 3.06
C GLY A 50 3.01 4.21 2.77
N VAL A 51 2.20 4.57 1.78
CA VAL A 51 1.08 3.72 1.39
C VAL A 51 1.55 2.70 0.35
N LEU A 52 1.30 1.44 0.66
CA LEU A 52 1.69 0.36 -0.25
C LEU A 52 0.45 -0.25 -0.88
N THR A 53 0.64 -0.79 -2.08
CA THR A 53 -0.47 -1.41 -2.80
C THR A 53 -0.15 -2.87 -3.10
N PHE A 54 -1.12 -3.73 -2.83
CA PHE A 54 -0.95 -5.15 -3.08
C PHE A 54 -1.80 -5.60 -4.27
N ARG A 55 -1.14 -6.30 -5.19
CA ARG A 55 -1.82 -6.79 -6.37
C ARG A 55 -3.23 -7.26 -6.03
N GLU A 56 -3.28 -8.28 -5.18
CA GLU A 56 -4.56 -8.83 -4.76
C GLU A 56 -4.88 -8.38 -3.33
N PRO A 57 -6.19 -8.50 -2.98
CA PRO A 57 -6.65 -8.11 -1.65
C PRO A 57 -6.25 -9.15 -0.60
N ALA A 58 -6.48 -10.41 -0.95
CA ALA A 58 -6.14 -11.50 -0.04
C ALA A 58 -4.63 -11.50 0.20
N ASP A 59 -3.88 -11.29 -0.88
CA ASP A 59 -2.43 -11.27 -0.78
C ASP A 59 -2.00 -10.19 0.23
N ALA A 60 -2.74 -9.10 0.22
CA ALA A 60 -2.46 -8.00 1.13
C ALA A 60 -2.89 -8.38 2.55
N GLU A 61 -4.10 -8.93 2.63
CA GLU A 61 -4.64 -9.34 3.92
C GLU A 61 -3.73 -10.39 4.56
N ARG A 62 -3.37 -11.38 3.77
CA ARG A 62 -2.52 -12.46 4.24
C ARG A 62 -1.26 -11.87 4.91
N VAL A 63 -0.97 -10.64 4.55
CA VAL A 63 0.20 -9.95 5.09
C VAL A 63 -0.20 -9.24 6.39
N LEU A 64 -1.26 -8.45 6.29
CA LEU A 64 -1.75 -7.70 7.43
C LEU A 64 -2.01 -8.66 8.59
N ALA A 65 -2.51 -9.83 8.23
CA ALA A 65 -2.82 -10.85 9.23
C ALA A 65 -1.71 -10.86 10.29
N GLN A 66 -0.50 -10.62 9.83
CA GLN A 66 0.65 -10.61 10.73
C GLN A 66 0.81 -9.22 11.35
N ALA A 67 0.71 -9.19 12.67
CA ALA A 67 0.85 -7.94 13.40
C ALA A 67 2.33 -7.63 13.61
N ASP A 68 3.16 -8.46 12.99
CA ASP A 68 4.60 -8.28 13.10
C ASP A 68 5.22 -8.29 11.70
N HIS A 69 6.18 -7.40 11.50
CA HIS A 69 6.85 -7.30 10.22
C HIS A 69 8.31 -6.89 10.44
N GLU A 70 9.21 -7.62 9.79
CA GLU A 70 10.62 -7.35 9.90
C GLU A 70 11.22 -7.03 8.52
N LEU A 71 12.04 -6.00 8.50
CA LEU A 71 12.68 -5.59 7.25
C LEU A 71 13.99 -4.86 7.58
N HIS A 72 15.07 -5.62 7.52
CA HIS A 72 16.39 -5.07 7.79
C HIS A 72 16.43 -4.53 9.23
N GLY A 73 16.25 -5.45 10.17
CA GLY A 73 16.27 -5.10 11.58
C GLY A 73 15.40 -3.87 11.84
N ALA A 74 14.10 -4.09 11.88
CA ALA A 74 13.16 -3.01 12.12
C ALA A 74 11.74 -3.56 12.13
N GLN A 75 10.96 -3.13 13.11
CA GLN A 75 9.59 -3.56 13.24
C GLN A 75 8.65 -2.64 12.46
N LEU A 76 8.32 -3.07 11.26
CA LEU A 76 7.43 -2.29 10.40
C LEU A 76 5.99 -2.47 10.87
N SER A 77 5.34 -1.34 11.11
CA SER A 77 3.96 -1.36 11.57
C SER A 77 3.01 -1.24 10.37
N LEU A 78 2.52 -2.39 9.93
CA LEU A 78 1.61 -2.43 8.80
C LEU A 78 0.18 -2.25 9.31
N ARG A 79 -0.60 -1.52 8.51
CA ARG A 79 -1.99 -1.25 8.86
C ARG A 79 -2.82 -1.02 7.60
N PRO A 80 -4.16 -1.18 7.76
CA PRO A 80 -5.07 -0.99 6.64
C PRO A 80 -5.24 0.50 6.32
N ALA A 81 -4.88 0.84 5.09
CA ALA A 81 -4.99 2.23 4.65
C ALA A 81 -6.47 2.61 4.56
N PRO A 82 -6.72 3.94 4.61
CA PRO A 82 -8.08 4.46 4.55
C PRO A 82 -8.61 4.38 3.10
N PRO A 83 -9.95 4.15 3.00
CA PRO A 83 -10.59 4.06 1.70
C PRO A 83 -10.75 5.44 1.07
N ARG A 84 -10.99 5.44 -0.24
CA ARG A 84 -11.16 6.68 -0.96
C ARG A 84 -11.61 6.39 -2.40
N ALA A 85 -10.74 5.69 -3.12
CA ALA A 85 -11.02 5.34 -4.50
C ALA A 85 -9.95 4.38 -5.01
N PRO A 86 -10.37 3.51 -5.98
CA PRO A 86 -9.45 2.54 -6.56
C PRO A 86 -8.48 3.21 -7.52
N ALA A 87 -7.56 2.40 -8.04
CA ALA A 87 -6.56 2.91 -8.98
C ALA A 87 -6.26 1.82 -10.02
N ARG A 88 -6.39 2.20 -11.28
CA ARG A 88 -6.13 1.27 -12.36
C ARG A 88 -5.79 2.04 -13.65
N LEU A 89 -6.71 2.91 -14.03
CA LEU A 89 -6.53 3.70 -15.24
C LEU A 89 -6.40 2.78 -16.44
N LEU A 90 -7.54 2.45 -17.02
CA LEU A 90 -7.58 1.57 -18.18
C LEU A 90 -8.76 1.97 -19.08
N LEU A 91 -9.95 1.83 -18.52
CA LEU A 91 -11.16 2.17 -19.25
C LEU A 91 -10.92 3.45 -20.06
N GLN A 92 -10.65 4.53 -19.34
CA GLN A 92 -10.41 5.81 -19.97
C GLN A 92 -10.09 6.87 -18.92
N GLY A 93 -11.11 7.17 -18.11
CA GLY A 93 -10.95 8.16 -17.06
C GLY A 93 -11.98 9.28 -17.22
N LEU A 94 -13.22 8.96 -16.85
CA LEU A 94 -14.29 9.93 -16.94
C LEU A 94 -14.74 10.31 -15.53
N PRO A 95 -15.40 11.50 -15.44
CA PRO A 95 -15.89 12.00 -14.17
C PRO A 95 -17.13 11.24 -13.73
N PRO A 96 -17.50 11.43 -12.43
CA PRO A 96 -18.67 10.77 -11.87
C PRO A 96 -19.95 11.43 -12.36
N GLY A 97 -21.06 10.72 -12.18
CA GLY A 97 -22.35 11.23 -12.60
C GLY A 97 -22.94 12.18 -11.56
N THR A 98 -23.49 13.28 -12.06
CA THR A 98 -24.08 14.29 -11.19
C THR A 98 -25.60 14.23 -11.27
N SER A 99 -26.09 13.76 -12.41
CA SER A 99 -27.52 13.66 -12.62
C SER A 99 -28.20 15.01 -12.37
N GLY A 100 -28.37 15.76 -13.44
CA GLY A 100 -29.00 17.07 -13.35
C GLY A 100 -29.70 17.45 -14.66
N PRO A 101 -30.88 16.82 -14.87
CA PRO A 101 -31.66 17.08 -16.07
C PRO A 101 -32.34 18.45 -16.00
N SER A 102 -33.06 18.77 -17.07
CA SER A 102 -33.77 20.03 -17.14
C SER A 102 -35.13 19.91 -16.45
N SER A 103 -35.46 20.94 -15.68
CA SER A 103 -36.72 20.96 -14.96
C SER A 103 -37.04 22.39 -14.52
N GLY A 104 -38.34 22.69 -14.50
CA GLY A 104 -38.78 24.02 -14.09
C GLY A 104 -40.30 24.15 -14.26
N GLY A 1 -10.06 9.77 -13.39
CA GLY A 1 -9.75 8.37 -13.18
C GLY A 1 -9.36 8.11 -11.72
N SER A 2 -8.14 7.64 -11.55
CA SER A 2 -7.63 7.34 -10.22
C SER A 2 -6.16 7.76 -10.12
N SER A 3 -5.85 8.43 -9.01
CA SER A 3 -4.49 8.89 -8.78
C SER A 3 -3.87 8.11 -7.63
N GLY A 4 -2.56 8.27 -7.48
CA GLY A 4 -1.83 7.58 -6.43
C GLY A 4 -2.36 7.99 -5.05
N SER A 5 -3.24 7.16 -4.52
CA SER A 5 -3.83 7.42 -3.21
C SER A 5 -4.67 6.23 -2.77
N SER A 6 -5.65 5.89 -3.60
CA SER A 6 -6.52 4.77 -3.30
C SER A 6 -7.01 4.13 -4.60
N GLY A 7 -6.74 2.84 -4.73
CA GLY A 7 -7.14 2.09 -5.91
C GLY A 7 -7.76 0.75 -5.53
N GLY A 8 -7.01 -0.31 -5.80
CA GLY A 8 -7.47 -1.66 -5.50
C GLY A 8 -7.28 -1.98 -4.01
N VAL A 9 -6.08 -2.41 -3.68
CA VAL A 9 -5.76 -2.76 -2.30
C VAL A 9 -4.51 -1.98 -1.87
N ALA A 10 -4.69 -1.20 -0.80
CA ALA A 10 -3.59 -0.40 -0.28
C ALA A 10 -3.49 -0.63 1.24
N VAL A 11 -2.25 -0.72 1.70
CA VAL A 11 -2.00 -0.93 3.12
C VAL A 11 -1.12 0.19 3.65
N GLU A 12 -1.61 0.86 4.68
CA GLU A 12 -0.89 1.96 5.29
C GLU A 12 0.28 1.42 6.13
N VAL A 13 1.48 1.71 5.66
CA VAL A 13 2.68 1.26 6.36
C VAL A 13 3.21 2.40 7.23
N ARG A 14 3.58 2.04 8.45
CA ARG A 14 4.09 3.01 9.39
C ARG A 14 5.30 2.44 10.15
N GLY A 15 6.24 3.32 10.45
CA GLY A 15 7.44 2.92 11.16
C GLY A 15 8.40 2.17 10.23
N LEU A 16 8.97 2.91 9.29
CA LEU A 16 9.91 2.33 8.34
C LEU A 16 11.10 3.26 8.18
N PRO A 17 12.31 2.68 8.41
CA PRO A 17 13.54 3.45 8.30
C PRO A 17 13.90 3.68 6.82
N PRO A 18 14.58 4.83 6.57
CA PRO A 18 15.00 5.19 5.23
C PRO A 18 16.19 4.34 4.77
N ALA A 19 17.07 4.06 5.72
CA ALA A 19 18.24 3.26 5.43
C ALA A 19 17.84 2.05 4.57
N VAL A 20 16.71 1.46 4.94
CA VAL A 20 16.20 0.31 4.20
C VAL A 20 15.63 0.76 2.86
N PRO A 21 16.20 0.19 1.77
CA PRO A 21 15.75 0.53 0.43
C PRO A 21 14.40 -0.13 0.12
N ASP A 22 13.69 0.48 -0.82
CA ASP A 22 12.39 -0.03 -1.22
C ASP A 22 12.53 -1.46 -1.72
N GLU A 23 13.65 -1.70 -2.39
CA GLU A 23 13.92 -3.03 -2.93
C GLU A 23 13.56 -4.10 -1.91
N LEU A 24 14.15 -3.98 -0.73
CA LEU A 24 13.90 -4.93 0.34
C LEU A 24 12.42 -4.87 0.73
N LEU A 25 11.96 -3.65 1.00
CA LEU A 25 10.58 -3.45 1.40
C LEU A 25 9.68 -4.35 0.56
N THR A 26 9.95 -4.38 -0.74
CA THR A 26 9.18 -5.20 -1.65
C THR A 26 9.64 -6.66 -1.59
N LEU A 27 10.95 -6.84 -1.73
CA LEU A 27 11.52 -8.16 -1.69
C LEU A 27 10.89 -8.96 -0.55
N TYR A 28 10.61 -8.26 0.54
CA TYR A 28 10.01 -8.89 1.71
C TYR A 28 8.52 -9.18 1.46
N PHE A 29 7.76 -8.11 1.34
CA PHE A 29 6.33 -8.24 1.10
C PHE A 29 6.05 -9.18 -0.07
N GLU A 30 6.92 -9.12 -1.06
CA GLU A 30 6.78 -9.97 -2.24
C GLU A 30 6.99 -11.43 -1.86
N ASN A 31 8.06 -11.67 -1.11
CA ASN A 31 8.38 -13.02 -0.68
C ASN A 31 7.22 -13.57 0.16
N ARG A 32 6.92 -14.84 -0.06
CA ARG A 32 5.85 -15.51 0.66
C ARG A 32 6.38 -16.12 1.96
N ARG A 33 7.62 -16.59 1.89
CA ARG A 33 8.25 -17.20 3.04
C ARG A 33 8.59 -16.15 4.09
N ARG A 34 8.99 -14.98 3.60
CA ARG A 34 9.34 -13.87 4.49
C ARG A 34 8.11 -13.41 5.27
N SER A 35 7.08 -13.05 4.52
CA SER A 35 5.84 -12.59 5.12
C SER A 35 4.71 -13.56 4.80
N GLY A 36 4.46 -13.70 3.51
CA GLY A 36 3.40 -14.60 3.05
C GLY A 36 2.18 -13.80 2.56
N GLY A 37 2.33 -13.22 1.39
CA GLY A 37 1.26 -12.43 0.80
C GLY A 37 1.17 -12.68 -0.71
N GLY A 38 2.05 -12.02 -1.44
CA GLY A 38 2.07 -12.15 -2.90
C GLY A 38 2.82 -11.00 -3.54
N PRO A 39 2.53 -10.77 -4.85
CA PRO A 39 3.17 -9.71 -5.60
C PRO A 39 2.61 -8.35 -5.20
N VAL A 40 3.47 -7.34 -5.24
CA VAL A 40 3.07 -5.99 -4.89
C VAL A 40 2.87 -5.17 -6.18
N LEU A 41 1.75 -4.47 -6.23
CA LEU A 41 1.43 -3.66 -7.38
C LEU A 41 2.38 -2.45 -7.42
N SER A 42 2.35 -1.68 -6.34
CA SER A 42 3.20 -0.50 -6.24
C SER A 42 3.59 -0.26 -4.78
N TRP A 43 4.38 0.79 -4.58
CA TRP A 43 4.82 1.13 -3.24
C TRP A 43 4.98 2.66 -3.18
N GLN A 44 4.20 3.26 -2.30
CA GLN A 44 4.24 4.71 -2.13
C GLN A 44 4.87 5.07 -0.78
N ARG A 45 6.16 5.38 -0.83
CA ARG A 45 6.89 5.73 0.37
C ARG A 45 6.53 7.16 0.80
N LEU A 46 6.27 7.30 2.10
CA LEU A 46 5.91 8.60 2.65
C LEU A 46 6.71 8.84 3.93
N GLY A 47 6.21 9.78 4.72
CA GLY A 47 6.87 10.11 5.97
C GLY A 47 6.86 8.93 6.94
N CYS A 48 8.05 8.38 7.17
CA CYS A 48 8.18 7.23 8.05
C CYS A 48 7.11 6.20 7.69
N GLY A 49 7.29 5.61 6.52
CA GLY A 49 6.34 4.61 6.05
C GLY A 49 5.87 4.92 4.62
N GLY A 50 4.56 4.88 4.44
CA GLY A 50 3.97 5.16 3.15
C GLY A 50 2.85 4.17 2.82
N VAL A 51 2.07 4.52 1.82
CA VAL A 51 0.96 3.67 1.41
C VAL A 51 1.46 2.66 0.37
N LEU A 52 1.25 1.39 0.69
CA LEU A 52 1.68 0.32 -0.20
C LEU A 52 0.45 -0.34 -0.83
N THR A 53 0.58 -0.68 -2.10
CA THR A 53 -0.51 -1.32 -2.83
C THR A 53 -0.17 -2.77 -3.14
N PHE A 54 -1.08 -3.65 -2.77
CA PHE A 54 -0.89 -5.08 -3.01
C PHE A 54 -1.70 -5.54 -4.22
N ARG A 55 -1.04 -6.28 -5.10
CA ARG A 55 -1.67 -6.80 -6.29
C ARG A 55 -3.09 -7.26 -5.97
N GLU A 56 -3.17 -8.26 -5.09
CA GLU A 56 -4.45 -8.81 -4.70
C GLU A 56 -4.82 -8.34 -3.28
N PRO A 57 -6.13 -8.45 -2.96
CA PRO A 57 -6.61 -8.05 -1.65
C PRO A 57 -6.23 -9.06 -0.57
N ALA A 58 -6.45 -10.34 -0.89
CA ALA A 58 -6.13 -11.41 0.04
C ALA A 58 -4.62 -11.42 0.28
N ASP A 59 -3.87 -11.28 -0.80
CA ASP A 59 -2.42 -11.28 -0.71
C ASP A 59 -1.98 -10.19 0.27
N ALA A 60 -2.66 -9.06 0.20
CA ALA A 60 -2.36 -7.94 1.08
C ALA A 60 -2.76 -8.29 2.51
N GLU A 61 -3.94 -8.88 2.62
CA GLU A 61 -4.46 -9.26 3.93
C GLU A 61 -3.52 -10.29 4.58
N ARG A 62 -3.21 -11.33 3.83
CA ARG A 62 -2.34 -12.38 4.32
C ARG A 62 -1.09 -11.77 4.97
N VAL A 63 -0.78 -10.55 4.55
CA VAL A 63 0.38 -9.85 5.07
C VAL A 63 -0.02 -9.11 6.35
N LEU A 64 -1.18 -8.47 6.29
CA LEU A 64 -1.68 -7.72 7.43
C LEU A 64 -1.85 -8.67 8.61
N ALA A 65 -2.37 -9.85 8.32
CA ALA A 65 -2.60 -10.86 9.35
C ALA A 65 -1.44 -10.84 10.34
N GLN A 66 -0.26 -10.52 9.81
CA GLN A 66 0.94 -10.46 10.63
C GLN A 66 1.13 -9.05 11.19
N ALA A 67 0.99 -8.94 12.50
CA ALA A 67 1.15 -7.66 13.17
C ALA A 67 2.64 -7.34 13.30
N ASP A 68 3.46 -8.24 12.77
CA ASP A 68 4.90 -8.05 12.81
C ASP A 68 5.47 -8.12 11.40
N HIS A 69 6.48 -7.32 11.15
CA HIS A 69 7.12 -7.28 9.85
C HIS A 69 8.60 -6.92 10.01
N GLU A 70 9.45 -7.90 9.72
CA GLU A 70 10.89 -7.69 9.82
C GLU A 70 11.47 -7.32 8.46
N LEU A 71 12.26 -6.26 8.46
CA LEU A 71 12.88 -5.79 7.23
C LEU A 71 14.19 -5.08 7.58
N HIS A 72 15.28 -5.83 7.50
CA HIS A 72 16.59 -5.29 7.79
C HIS A 72 16.57 -4.62 9.17
N GLY A 73 16.36 -5.46 10.18
CA GLY A 73 16.33 -4.97 11.55
C GLY A 73 15.41 -3.77 11.68
N ALA A 74 14.12 -4.05 11.88
CA ALA A 74 13.13 -2.99 12.02
C ALA A 74 11.73 -3.62 12.02
N GLN A 75 10.87 -3.06 12.86
CA GLN A 75 9.51 -3.55 12.97
C GLN A 75 8.55 -2.60 12.25
N LEU A 76 8.28 -2.93 11.00
CA LEU A 76 7.39 -2.12 10.19
C LEU A 76 5.95 -2.31 10.67
N SER A 77 5.29 -1.20 10.96
CA SER A 77 3.92 -1.24 11.43
C SER A 77 2.96 -1.18 10.24
N LEU A 78 2.47 -2.35 9.86
CA LEU A 78 1.54 -2.45 8.74
C LEU A 78 0.11 -2.23 9.25
N ARG A 79 -0.67 -1.53 8.44
CA ARG A 79 -2.05 -1.25 8.79
C ARG A 79 -2.89 -1.07 7.53
N PRO A 80 -4.23 -1.25 7.70
CA PRO A 80 -5.16 -1.11 6.59
C PRO A 80 -5.37 0.36 6.24
N ALA A 81 -4.89 0.73 5.05
CA ALA A 81 -5.02 2.11 4.59
C ALA A 81 -6.50 2.41 4.35
N PRO A 82 -6.80 3.74 4.26
CA PRO A 82 -8.16 4.18 4.02
C PRO A 82 -8.57 3.96 2.57
N PRO A 83 -9.55 3.03 2.38
CA PRO A 83 -10.03 2.71 1.05
C PRO A 83 -10.94 3.83 0.51
N ARG A 84 -10.39 5.04 0.49
CA ARG A 84 -11.14 6.19 0.02
C ARG A 84 -10.39 7.48 0.36
N ALA A 85 -11.06 8.60 0.10
CA ALA A 85 -10.47 9.89 0.37
C ALA A 85 -11.58 10.90 0.65
N PRO A 86 -11.49 11.54 1.85
CA PRO A 86 -12.48 12.53 2.25
C PRO A 86 -12.28 13.84 1.50
N ALA A 87 -13.31 14.22 0.74
CA ALA A 87 -13.25 15.45 -0.03
C ALA A 87 -14.44 15.50 -0.99
N ARG A 88 -15.62 15.34 -0.41
CA ARG A 88 -16.84 15.36 -1.21
C ARG A 88 -18.07 15.31 -0.29
N LEU A 89 -18.50 16.49 0.14
CA LEU A 89 -19.66 16.59 1.01
C LEU A 89 -19.47 15.64 2.21
N LEU A 90 -20.46 15.64 3.07
CA LEU A 90 -20.43 14.79 4.26
C LEU A 90 -21.52 13.73 4.15
N LEU A 91 -21.24 12.71 3.34
CA LEU A 91 -22.19 11.63 3.13
C LEU A 91 -22.62 11.08 4.49
N GLN A 92 -23.91 10.78 4.58
CA GLN A 92 -24.46 10.25 5.82
C GLN A 92 -25.96 9.95 5.64
N GLY A 93 -26.25 8.71 5.29
CA GLY A 93 -27.61 8.28 5.08
C GLY A 93 -27.77 6.78 5.34
N LEU A 94 -28.50 6.13 4.45
CA LEU A 94 -28.73 4.71 4.56
C LEU A 94 -27.98 3.97 3.44
N PRO A 95 -27.72 2.66 3.67
CA PRO A 95 -27.03 1.85 2.69
C PRO A 95 -27.95 1.50 1.51
N PRO A 96 -27.32 0.93 0.45
CA PRO A 96 -28.07 0.55 -0.74
C PRO A 96 -28.87 -0.72 -0.49
N GLY A 97 -29.82 -0.97 -1.38
CA GLY A 97 -30.67 -2.15 -1.27
C GLY A 97 -30.25 -3.21 -2.27
N THR A 98 -30.93 -3.23 -3.40
CA THR A 98 -30.64 -4.20 -4.45
C THR A 98 -30.67 -3.53 -5.83
N SER A 99 -29.59 -3.72 -6.57
CA SER A 99 -29.47 -3.13 -7.89
C SER A 99 -28.46 -3.93 -8.73
N GLY A 100 -28.54 -3.73 -10.04
CA GLY A 100 -27.65 -4.42 -10.95
C GLY A 100 -28.28 -4.57 -12.33
N PRO A 101 -28.12 -3.49 -13.16
CA PRO A 101 -28.67 -3.48 -14.50
C PRO A 101 -27.84 -4.36 -15.43
N SER A 102 -28.31 -4.47 -16.66
CA SER A 102 -27.62 -5.28 -17.66
C SER A 102 -27.70 -4.59 -19.03
N SER A 103 -26.61 -4.71 -19.77
CA SER A 103 -26.54 -4.11 -21.10
C SER A 103 -25.78 -5.02 -22.05
N GLY A 104 -26.13 -4.94 -23.32
CA GLY A 104 -25.49 -5.76 -24.34
C GLY A 104 -25.66 -7.24 -24.03
N GLY A 1 -13.59 -14.19 2.51
CA GLY A 1 -13.96 -14.03 3.90
C GLY A 1 -15.39 -13.51 4.02
N SER A 2 -15.50 -12.20 4.17
CA SER A 2 -16.80 -11.56 4.30
C SER A 2 -16.64 -10.04 4.30
N SER A 3 -16.98 -9.44 3.17
CA SER A 3 -16.88 -7.99 3.02
C SER A 3 -15.41 -7.57 3.14
N GLY A 4 -14.97 -6.80 2.16
CA GLY A 4 -13.60 -6.30 2.14
C GLY A 4 -13.40 -5.29 1.02
N SER A 5 -12.14 -4.99 0.75
CA SER A 5 -11.79 -4.04 -0.30
C SER A 5 -12.02 -4.67 -1.67
N SER A 6 -12.77 -3.96 -2.50
CA SER A 6 -13.07 -4.44 -3.83
C SER A 6 -12.49 -3.46 -4.87
N GLY A 7 -11.49 -3.96 -5.59
CA GLY A 7 -10.84 -3.15 -6.62
C GLY A 7 -9.89 -2.13 -5.99
N GLY A 8 -8.62 -2.53 -5.89
CA GLY A 8 -7.61 -1.66 -5.31
C GLY A 8 -7.40 -1.98 -3.83
N VAL A 9 -6.20 -2.44 -3.52
CA VAL A 9 -5.85 -2.78 -2.16
C VAL A 9 -4.56 -2.06 -1.77
N ALA A 10 -4.68 -1.20 -0.75
CA ALA A 10 -3.54 -0.45 -0.27
C ALA A 10 -3.41 -0.63 1.24
N VAL A 11 -2.18 -0.79 1.68
CA VAL A 11 -1.90 -0.97 3.10
C VAL A 11 -0.95 0.13 3.58
N GLU A 12 -1.43 0.88 4.56
CA GLU A 12 -0.63 1.97 5.11
C GLU A 12 0.49 1.40 5.99
N VAL A 13 1.72 1.62 5.54
CA VAL A 13 2.87 1.14 6.28
C VAL A 13 3.38 2.26 7.19
N ARG A 14 3.68 1.89 8.43
CA ARG A 14 4.18 2.84 9.41
C ARG A 14 5.37 2.24 10.17
N GLY A 15 6.29 3.12 10.51
CA GLY A 15 7.48 2.71 11.24
C GLY A 15 8.48 2.01 10.31
N LEU A 16 8.92 2.75 9.31
CA LEU A 16 9.88 2.23 8.35
C LEU A 16 11.05 3.21 8.20
N PRO A 17 12.28 2.66 8.40
CA PRO A 17 13.48 3.47 8.30
C PRO A 17 13.81 3.77 6.84
N PRO A 18 14.49 4.93 6.63
CA PRO A 18 14.87 5.35 5.30
C PRO A 18 16.06 4.53 4.78
N ALA A 19 16.97 4.23 5.69
CA ALA A 19 18.15 3.46 5.34
C ALA A 19 17.73 2.25 4.49
N VAL A 20 16.59 1.67 4.86
CA VAL A 20 16.08 0.53 4.15
C VAL A 20 15.41 0.99 2.85
N PRO A 21 15.95 0.46 1.71
CA PRO A 21 15.43 0.81 0.40
C PRO A 21 14.09 0.13 0.14
N ASP A 22 13.32 0.71 -0.77
CA ASP A 22 12.03 0.16 -1.12
C ASP A 22 12.21 -1.25 -1.66
N GLU A 23 13.30 -1.45 -2.39
CA GLU A 23 13.59 -2.74 -2.97
C GLU A 23 13.33 -3.85 -1.95
N LEU A 24 13.96 -3.72 -0.80
CA LEU A 24 13.81 -4.70 0.26
C LEU A 24 12.34 -4.71 0.72
N LEU A 25 11.83 -3.52 0.97
CA LEU A 25 10.45 -3.39 1.41
C LEU A 25 9.57 -4.37 0.64
N THR A 26 9.76 -4.39 -0.67
CA THR A 26 9.00 -5.27 -1.53
C THR A 26 9.57 -6.69 -1.47
N LEU A 27 10.86 -6.79 -1.73
CA LEU A 27 11.54 -8.08 -1.72
C LEU A 27 11.00 -8.91 -0.54
N TYR A 28 10.62 -8.22 0.52
CA TYR A 28 10.09 -8.88 1.70
C TYR A 28 8.61 -9.21 1.52
N PHE A 29 7.82 -8.17 1.33
CA PHE A 29 6.39 -8.35 1.16
C PHE A 29 6.09 -9.29 -0.01
N GLU A 30 6.82 -9.08 -1.09
CA GLU A 30 6.65 -9.89 -2.29
C GLU A 30 6.93 -11.37 -1.96
N ASN A 31 8.00 -11.58 -1.22
CA ASN A 31 8.38 -12.93 -0.82
C ASN A 31 7.31 -13.51 0.10
N ARG A 32 6.95 -14.76 -0.18
CA ARG A 32 5.95 -15.44 0.62
C ARG A 32 6.54 -15.86 1.97
N ARG A 33 7.53 -16.73 1.89
CA ARG A 33 8.19 -17.22 3.10
C ARG A 33 8.41 -16.07 4.09
N ARG A 34 9.01 -15.01 3.58
CA ARG A 34 9.29 -13.84 4.40
C ARG A 34 8.04 -13.42 5.15
N SER A 35 7.06 -12.92 4.41
CA SER A 35 5.81 -12.48 4.99
C SER A 35 4.69 -13.45 4.63
N GLY A 36 4.34 -13.44 3.35
CA GLY A 36 3.28 -14.32 2.86
C GLY A 36 2.08 -13.51 2.36
N GLY A 37 2.23 -12.98 1.15
CA GLY A 37 1.17 -12.19 0.54
C GLY A 37 1.08 -12.46 -0.96
N GLY A 38 1.91 -11.74 -1.71
CA GLY A 38 1.92 -11.89 -3.15
C GLY A 38 2.69 -10.73 -3.81
N PRO A 39 2.37 -10.50 -5.12
CA PRO A 39 3.01 -9.44 -5.86
C PRO A 39 2.46 -8.07 -5.46
N VAL A 40 3.36 -7.10 -5.40
CA VAL A 40 2.98 -5.76 -5.03
C VAL A 40 2.75 -4.92 -6.29
N LEU A 41 1.54 -4.40 -6.42
CA LEU A 41 1.19 -3.59 -7.57
C LEU A 41 2.12 -2.39 -7.64
N SER A 42 2.14 -1.61 -6.56
CA SER A 42 2.98 -0.44 -6.48
C SER A 42 3.39 -0.18 -5.03
N TRP A 43 4.17 0.88 -4.86
CA TRP A 43 4.64 1.25 -3.53
C TRP A 43 4.83 2.76 -3.50
N GLN A 44 4.48 3.34 -2.36
CA GLN A 44 4.60 4.78 -2.19
C GLN A 44 5.22 5.11 -0.83
N ARG A 45 6.54 5.34 -0.86
CA ARG A 45 7.26 5.66 0.36
C ARG A 45 6.95 7.09 0.80
N LEU A 46 6.47 7.21 2.02
CA LEU A 46 6.13 8.51 2.57
C LEU A 46 7.12 8.85 3.70
N GLY A 47 6.82 9.94 4.40
CA GLY A 47 7.66 10.38 5.49
C GLY A 47 8.21 9.19 6.27
N CYS A 48 7.45 8.79 7.29
CA CYS A 48 7.85 7.67 8.13
C CYS A 48 6.99 6.46 7.74
N GLY A 49 7.25 5.95 6.55
CA GLY A 49 6.51 4.79 6.06
C GLY A 49 6.06 5.01 4.60
N GLY A 50 4.76 4.91 4.40
CA GLY A 50 4.19 5.09 3.08
C GLY A 50 3.07 4.08 2.83
N VAL A 51 2.27 4.38 1.82
CA VAL A 51 1.15 3.51 1.46
C VAL A 51 1.61 2.52 0.39
N LEU A 52 1.37 1.25 0.67
CA LEU A 52 1.75 0.19 -0.25
C LEU A 52 0.49 -0.42 -0.87
N THR A 53 0.63 -0.85 -2.11
CA THR A 53 -0.48 -1.45 -2.82
C THR A 53 -0.18 -2.92 -3.13
N PHE A 54 -1.17 -3.76 -2.86
CA PHE A 54 -1.02 -5.18 -3.10
C PHE A 54 -1.87 -5.63 -4.29
N ARG A 55 -1.22 -6.30 -5.24
CA ARG A 55 -1.90 -6.77 -6.43
C ARG A 55 -3.30 -7.27 -6.07
N GLU A 56 -3.33 -8.28 -5.20
CA GLU A 56 -4.60 -8.86 -4.78
C GLU A 56 -4.95 -8.39 -3.37
N PRO A 57 -6.25 -8.51 -3.02
CA PRO A 57 -6.72 -8.11 -1.71
C PRO A 57 -6.31 -9.12 -0.64
N ALA A 58 -6.53 -10.39 -0.95
CA ALA A 58 -6.17 -11.45 -0.03
C ALA A 58 -4.67 -11.45 0.20
N ASP A 59 -3.94 -11.26 -0.88
CA ASP A 59 -2.49 -11.24 -0.82
C ASP A 59 -2.05 -10.18 0.19
N ALA A 60 -2.74 -9.05 0.17
CA ALA A 60 -2.43 -7.96 1.07
C ALA A 60 -2.79 -8.37 2.50
N GLU A 61 -4.01 -8.86 2.65
CA GLU A 61 -4.50 -9.28 3.95
C GLU A 61 -3.57 -10.34 4.54
N ARG A 62 -3.24 -11.33 3.71
CA ARG A 62 -2.36 -12.40 4.14
C ARG A 62 -1.12 -11.83 4.82
N VAL A 63 -0.81 -10.59 4.47
CA VAL A 63 0.35 -9.91 5.04
C VAL A 63 -0.08 -9.17 6.31
N LEU A 64 -1.18 -8.45 6.19
CA LEU A 64 -1.70 -7.69 7.31
C LEU A 64 -1.94 -8.62 8.50
N ALA A 65 -2.45 -9.81 8.18
CA ALA A 65 -2.73 -10.80 9.21
C ALA A 65 -1.60 -10.79 10.25
N GLN A 66 -0.40 -10.45 9.77
CA GLN A 66 0.75 -10.39 10.64
C GLN A 66 0.89 -9.00 11.25
N ALA A 67 0.73 -8.94 12.57
CA ALA A 67 0.83 -7.68 13.28
C ALA A 67 2.31 -7.33 13.47
N ASP A 68 3.16 -8.18 12.92
CA ASP A 68 4.60 -7.97 13.03
C ASP A 68 5.21 -8.02 11.62
N HIS A 69 6.27 -7.23 11.45
CA HIS A 69 6.96 -7.17 10.18
C HIS A 69 8.44 -6.84 10.40
N GLU A 70 9.29 -7.65 9.79
CA GLU A 70 10.73 -7.44 9.92
C GLU A 70 11.36 -7.19 8.55
N LEU A 71 12.08 -6.10 8.47
CA LEU A 71 12.74 -5.73 7.22
C LEU A 71 14.06 -5.02 7.53
N HIS A 72 15.13 -5.80 7.52
CA HIS A 72 16.45 -5.25 7.80
C HIS A 72 16.47 -4.66 9.21
N GLY A 73 16.28 -5.53 10.19
CA GLY A 73 16.27 -5.12 11.58
C GLY A 73 15.41 -3.86 11.77
N ALA A 74 14.11 -4.09 11.89
CA ALA A 74 13.18 -2.99 12.08
C ALA A 74 11.75 -3.55 12.08
N GLN A 75 10.99 -3.13 13.09
CA GLN A 75 9.62 -3.56 13.22
C GLN A 75 8.68 -2.63 12.45
N LEU A 76 8.34 -3.04 11.24
CA LEU A 76 7.46 -2.25 10.40
C LEU A 76 6.00 -2.46 10.85
N SER A 77 5.33 -1.34 11.09
CA SER A 77 3.94 -1.38 11.53
C SER A 77 3.01 -1.29 10.31
N LEU A 78 2.51 -2.44 9.91
CA LEU A 78 1.61 -2.51 8.76
C LEU A 78 0.18 -2.26 9.24
N ARG A 79 -0.56 -1.52 8.43
CA ARG A 79 -1.94 -1.21 8.76
C ARG A 79 -2.75 -0.96 7.48
N PRO A 80 -4.09 -1.11 7.62
CA PRO A 80 -4.98 -0.92 6.49
C PRO A 80 -5.14 0.58 6.17
N ALA A 81 -4.63 0.96 5.01
CA ALA A 81 -4.71 2.34 4.57
C ALA A 81 -6.18 2.71 4.33
N PRO A 82 -6.42 4.04 4.11
CA PRO A 82 -7.76 4.53 3.86
C PRO A 82 -8.21 4.18 2.43
N PRO A 83 -9.26 3.32 2.36
CA PRO A 83 -9.80 2.91 1.07
C PRO A 83 -10.62 4.02 0.43
N ARG A 84 -10.59 4.05 -0.89
CA ARG A 84 -11.33 5.05 -1.63
C ARG A 84 -11.02 4.96 -3.12
N ALA A 85 -12.06 4.72 -3.90
CA ALA A 85 -11.90 4.60 -5.34
C ALA A 85 -13.28 4.54 -6.01
N PRO A 86 -13.33 5.02 -7.27
CA PRO A 86 -14.58 5.02 -8.02
C PRO A 86 -14.92 3.61 -8.50
N ALA A 87 -16.06 3.52 -9.19
CA ALA A 87 -16.51 2.24 -9.72
C ALA A 87 -15.57 1.79 -10.83
N ARG A 88 -15.44 2.65 -11.84
CA ARG A 88 -14.58 2.35 -12.97
C ARG A 88 -14.61 3.50 -13.98
N LEU A 89 -13.45 3.77 -14.54
CA LEU A 89 -13.32 4.84 -15.52
C LEU A 89 -11.97 4.72 -16.23
N LEU A 90 -12.03 4.66 -17.54
CA LEU A 90 -10.82 4.55 -18.35
C LEU A 90 -11.19 4.58 -19.84
N LEU A 91 -11.56 5.76 -20.30
CA LEU A 91 -11.94 5.94 -21.69
C LEU A 91 -10.88 5.31 -22.59
N GLN A 92 -11.34 4.67 -23.66
CA GLN A 92 -10.44 4.03 -24.60
C GLN A 92 -11.23 3.41 -25.74
N GLY A 93 -10.82 3.74 -26.96
CA GLY A 93 -11.49 3.23 -28.15
C GLY A 93 -11.21 4.11 -29.36
N LEU A 94 -10.47 3.55 -30.31
CA LEU A 94 -10.12 4.27 -31.51
C LEU A 94 -9.85 3.27 -32.64
N PRO A 95 -10.31 3.65 -33.87
CA PRO A 95 -10.12 2.79 -35.03
C PRO A 95 -8.68 2.84 -35.51
N PRO A 96 -8.35 1.89 -36.43
CA PRO A 96 -7.01 1.81 -36.99
C PRO A 96 -6.77 2.93 -38.01
N GLY A 97 -5.50 3.11 -38.37
CA GLY A 97 -5.14 4.13 -39.32
C GLY A 97 -3.77 3.84 -39.94
N THR A 98 -3.79 3.54 -41.24
CA THR A 98 -2.57 3.25 -41.96
C THR A 98 -2.38 4.21 -43.13
N SER A 99 -1.17 4.73 -43.24
CA SER A 99 -0.84 5.66 -44.31
C SER A 99 0.66 5.64 -44.59
N GLY A 100 0.99 5.75 -45.87
CA GLY A 100 2.38 5.74 -46.28
C GLY A 100 2.50 5.37 -47.77
N PRO A 101 2.87 6.40 -48.58
CA PRO A 101 3.02 6.19 -50.01
C PRO A 101 4.33 5.45 -50.32
N SER A 102 4.37 4.86 -51.50
CA SER A 102 5.54 4.11 -51.93
C SER A 102 5.45 3.81 -53.43
N SER A 103 6.51 3.20 -53.94
CA SER A 103 6.56 2.84 -55.34
C SER A 103 6.47 4.10 -56.21
N GLY A 104 7.20 4.08 -57.31
CA GLY A 104 7.21 5.22 -58.22
C GLY A 104 8.46 5.21 -59.10
N GLY A 1 -20.99 -1.65 3.67
CA GLY A 1 -21.77 -2.40 2.71
C GLY A 1 -20.93 -3.47 2.03
N SER A 2 -21.14 -4.71 2.45
CA SER A 2 -20.41 -5.83 1.89
C SER A 2 -20.95 -6.18 0.51
N SER A 3 -20.11 -6.82 -0.29
CA SER A 3 -20.50 -7.21 -1.63
C SER A 3 -20.89 -5.98 -2.45
N GLY A 4 -20.08 -5.70 -3.45
CA GLY A 4 -20.33 -4.55 -4.32
C GLY A 4 -19.03 -4.02 -4.91
N SER A 5 -18.56 -2.91 -4.35
CA SER A 5 -17.32 -2.30 -4.82
C SER A 5 -16.12 -3.10 -4.32
N SER A 6 -14.99 -2.88 -4.98
CA SER A 6 -13.77 -3.57 -4.63
C SER A 6 -12.57 -2.63 -4.77
N GLY A 7 -12.40 -2.14 -5.99
CA GLY A 7 -11.29 -1.24 -6.28
C GLY A 7 -9.94 -1.92 -6.06
N GLY A 8 -8.96 -1.12 -5.69
CA GLY A 8 -7.62 -1.63 -5.45
C GLY A 8 -7.40 -1.89 -3.96
N VAL A 9 -6.23 -2.43 -3.66
CA VAL A 9 -5.88 -2.73 -2.28
C VAL A 9 -4.62 -1.96 -1.89
N ALA A 10 -4.71 -1.27 -0.78
CA ALA A 10 -3.59 -0.47 -0.28
C ALA A 10 -3.45 -0.68 1.22
N VAL A 11 -2.21 -0.72 1.66
CA VAL A 11 -1.92 -0.91 3.08
C VAL A 11 -0.99 0.21 3.56
N GLU A 12 -1.46 0.94 4.55
CA GLU A 12 -0.69 2.04 5.10
C GLU A 12 0.45 1.50 5.97
N VAL A 13 1.66 1.66 5.46
CA VAL A 13 2.84 1.19 6.18
C VAL A 13 3.36 2.30 7.08
N ARG A 14 3.60 1.95 8.33
CA ARG A 14 4.10 2.91 9.30
C ARG A 14 5.29 2.33 10.06
N GLY A 15 6.23 3.21 10.40
CA GLY A 15 7.42 2.80 11.12
C GLY A 15 8.40 2.07 10.20
N LEU A 16 8.90 2.81 9.23
CA LEU A 16 9.85 2.24 8.27
C LEU A 16 11.03 3.20 8.10
N PRO A 17 12.25 2.64 8.33
CA PRO A 17 13.46 3.43 8.20
C PRO A 17 13.82 3.67 6.73
N PRO A 18 14.46 4.84 6.48
CA PRO A 18 14.86 5.20 5.13
C PRO A 18 16.07 4.39 4.68
N ALA A 19 16.97 4.16 5.63
CA ALA A 19 18.17 3.40 5.34
C ALA A 19 17.81 2.17 4.50
N VAL A 20 16.60 1.68 4.71
CA VAL A 20 16.12 0.52 3.99
C VAL A 20 15.48 0.97 2.68
N PRO A 21 16.03 0.43 1.56
CA PRO A 21 15.52 0.77 0.24
C PRO A 21 14.18 0.07 -0.03
N ASP A 22 13.44 0.62 -0.99
CA ASP A 22 12.15 0.06 -1.35
C ASP A 22 12.35 -1.36 -1.87
N GLU A 23 13.46 -1.56 -2.57
CA GLU A 23 13.78 -2.86 -3.13
C GLU A 23 13.50 -3.96 -2.10
N LEU A 24 14.07 -3.78 -0.91
CA LEU A 24 13.89 -4.74 0.17
C LEU A 24 12.44 -4.72 0.62
N LEU A 25 11.93 -3.52 0.84
CA LEU A 25 10.56 -3.35 1.28
C LEU A 25 9.66 -4.35 0.54
N THR A 26 9.89 -4.44 -0.75
CA THR A 26 9.12 -5.36 -1.58
C THR A 26 9.67 -6.78 -1.46
N LEU A 27 10.96 -6.91 -1.70
CA LEU A 27 11.61 -8.21 -1.63
C LEU A 27 11.05 -8.99 -0.43
N TYR A 28 10.67 -8.23 0.59
CA TYR A 28 10.12 -8.84 1.80
C TYR A 28 8.64 -9.16 1.61
N PHE A 29 7.86 -8.10 1.36
CA PHE A 29 6.43 -8.27 1.17
C PHE A 29 6.13 -9.21 0.01
N GLU A 30 6.74 -8.92 -1.14
CA GLU A 30 6.55 -9.74 -2.31
C GLU A 30 6.67 -11.22 -1.96
N ASN A 31 7.78 -11.55 -1.32
CA ASN A 31 8.03 -12.93 -0.92
C ASN A 31 6.94 -13.37 0.06
N ARG A 32 6.61 -14.65 -0.01
CA ARG A 32 5.59 -15.21 0.86
C ARG A 32 6.23 -15.70 2.17
N ARG A 33 7.29 -16.47 2.02
CA ARG A 33 8.00 -17.00 3.18
C ARG A 33 8.32 -15.88 4.17
N ARG A 34 8.91 -14.82 3.63
CA ARG A 34 9.28 -13.68 4.45
C ARG A 34 8.06 -13.16 5.22
N SER A 35 7.07 -12.69 4.46
CA SER A 35 5.86 -12.17 5.05
C SER A 35 4.72 -13.18 4.90
N GLY A 36 4.27 -13.33 3.66
CA GLY A 36 3.20 -14.26 3.36
C GLY A 36 1.97 -13.53 2.81
N GLY A 37 2.01 -13.30 1.51
CA GLY A 37 0.92 -12.60 0.85
C GLY A 37 0.96 -12.84 -0.67
N GLY A 38 1.76 -12.04 -1.34
CA GLY A 38 1.90 -12.15 -2.79
C GLY A 38 2.73 -10.99 -3.35
N PRO A 39 2.52 -10.72 -4.66
CA PRO A 39 3.23 -9.65 -5.33
C PRO A 39 2.69 -8.28 -4.92
N VAL A 40 3.50 -7.26 -5.14
CA VAL A 40 3.10 -5.90 -4.80
C VAL A 40 2.87 -5.11 -6.09
N LEU A 41 1.69 -4.49 -6.16
CA LEU A 41 1.32 -3.71 -7.32
C LEU A 41 2.22 -2.46 -7.39
N SER A 42 2.27 -1.74 -6.29
CA SER A 42 3.08 -0.54 -6.21
C SER A 42 3.46 -0.26 -4.76
N TRP A 43 4.25 0.80 -4.58
CA TRP A 43 4.70 1.18 -3.25
C TRP A 43 4.92 2.70 -3.25
N GLN A 44 4.44 3.32 -2.19
CA GLN A 44 4.59 4.77 -2.05
C GLN A 44 5.14 5.12 -0.67
N ARG A 45 6.36 5.64 -0.68
CA ARG A 45 7.03 6.02 0.56
C ARG A 45 6.70 7.47 0.91
N LEU A 46 5.97 7.64 2.01
CA LEU A 46 5.58 8.95 2.46
C LEU A 46 6.35 9.30 3.74
N GLY A 47 7.64 9.02 3.71
CA GLY A 47 8.49 9.28 4.85
C GLY A 47 8.05 8.47 6.07
N CYS A 48 9.02 7.86 6.72
CA CYS A 48 8.74 7.05 7.90
C CYS A 48 7.50 6.21 7.62
N GLY A 49 7.55 5.48 6.51
CA GLY A 49 6.43 4.63 6.13
C GLY A 49 5.90 5.03 4.75
N GLY A 50 4.60 4.85 4.59
CA GLY A 50 3.95 5.19 3.33
C GLY A 50 2.82 4.20 3.02
N VAL A 51 2.11 4.48 1.93
CA VAL A 51 1.01 3.64 1.52
C VAL A 51 1.50 2.65 0.45
N LEU A 52 1.26 1.37 0.73
CA LEU A 52 1.67 0.33 -0.18
C LEU A 52 0.44 -0.29 -0.83
N THR A 53 0.63 -0.75 -2.07
CA THR A 53 -0.46 -1.37 -2.81
C THR A 53 -0.12 -2.81 -3.15
N PHE A 54 -1.02 -3.70 -2.77
CA PHE A 54 -0.83 -5.12 -3.03
C PHE A 54 -1.66 -5.57 -4.24
N ARG A 55 -1.02 -6.34 -5.10
CA ARG A 55 -1.67 -6.84 -6.30
C ARG A 55 -3.09 -7.30 -5.97
N GLU A 56 -3.17 -8.31 -5.12
CA GLU A 56 -4.46 -8.85 -4.71
C GLU A 56 -4.80 -8.40 -3.29
N PRO A 57 -6.11 -8.49 -2.96
CA PRO A 57 -6.59 -8.09 -1.63
C PRO A 57 -6.20 -9.13 -0.58
N ALA A 58 -6.46 -10.39 -0.92
CA ALA A 58 -6.14 -11.48 -0.01
C ALA A 58 -4.65 -11.51 0.25
N ASP A 59 -3.88 -11.38 -0.83
CA ASP A 59 -2.44 -11.39 -0.73
C ASP A 59 -1.98 -10.27 0.21
N ALA A 60 -2.73 -9.18 0.18
CA ALA A 60 -2.42 -8.03 1.02
C ALA A 60 -2.87 -8.33 2.45
N GLU A 61 -4.08 -8.84 2.56
CA GLU A 61 -4.64 -9.17 3.87
C GLU A 61 -3.80 -10.27 4.54
N ARG A 62 -3.34 -11.20 3.72
CA ARG A 62 -2.54 -12.31 4.22
C ARG A 62 -1.28 -11.78 4.90
N VAL A 63 -0.95 -10.54 4.58
CA VAL A 63 0.23 -9.90 5.14
C VAL A 63 -0.18 -9.10 6.38
N LEU A 64 -1.28 -8.38 6.24
CA LEU A 64 -1.79 -7.55 7.33
C LEU A 64 -2.04 -8.44 8.55
N ALA A 65 -2.58 -9.62 8.29
CA ALA A 65 -2.86 -10.56 9.36
C ALA A 65 -1.72 -10.54 10.38
N GLN A 66 -0.53 -10.25 9.87
CA GLN A 66 0.65 -10.18 10.72
C GLN A 66 0.84 -8.78 11.27
N ALA A 67 0.69 -8.65 12.58
CA ALA A 67 0.85 -7.37 13.24
C ALA A 67 2.34 -7.05 13.38
N ASP A 68 3.15 -7.96 12.87
CA ASP A 68 4.59 -7.78 12.94
C ASP A 68 5.18 -7.83 11.53
N HIS A 69 6.32 -7.19 11.36
CA HIS A 69 6.99 -7.14 10.08
C HIS A 69 8.47 -6.84 10.28
N GLU A 70 9.31 -7.69 9.70
CA GLU A 70 10.75 -7.51 9.80
C GLU A 70 11.36 -7.24 8.42
N LEU A 71 12.06 -6.12 8.34
CA LEU A 71 12.69 -5.73 7.09
C LEU A 71 14.02 -5.04 7.39
N HIS A 72 15.09 -5.82 7.31
CA HIS A 72 16.41 -5.29 7.57
C HIS A 72 16.50 -4.78 9.01
N GLY A 73 16.15 -5.67 9.94
CA GLY A 73 16.18 -5.32 11.35
C GLY A 73 15.35 -4.06 11.62
N ALA A 74 14.03 -4.23 11.59
CA ALA A 74 13.13 -3.13 11.83
C ALA A 74 11.69 -3.65 11.89
N GLN A 75 10.98 -3.22 12.92
CA GLN A 75 9.60 -3.63 13.11
C GLN A 75 8.65 -2.67 12.40
N LEU A 76 8.28 -3.04 11.17
CA LEU A 76 7.38 -2.22 10.38
C LEU A 76 5.95 -2.40 10.89
N SER A 77 5.26 -1.27 11.00
CA SER A 77 3.89 -1.29 11.47
C SER A 77 2.93 -1.23 10.29
N LEU A 78 2.46 -2.40 9.89
CA LEU A 78 1.54 -2.51 8.77
C LEU A 78 0.11 -2.33 9.28
N ARG A 79 -0.65 -1.53 8.55
CA ARG A 79 -2.04 -1.28 8.91
C ARG A 79 -2.86 -0.93 7.67
N PRO A 80 -4.20 -1.03 7.82
CA PRO A 80 -5.11 -0.73 6.72
C PRO A 80 -5.21 0.78 6.49
N ALA A 81 -4.85 1.18 5.28
CA ALA A 81 -4.90 2.60 4.93
C ALA A 81 -6.35 3.06 4.88
N PRO A 82 -6.53 4.40 4.75
CA PRO A 82 -7.86 4.98 4.70
C PRO A 82 -8.51 4.72 3.34
N PRO A 83 -9.74 4.13 3.39
CA PRO A 83 -10.48 3.84 2.18
C PRO A 83 -11.08 5.10 1.58
N ARG A 84 -11.21 5.09 0.26
CA ARG A 84 -11.76 6.23 -0.46
C ARG A 84 -11.44 6.13 -1.95
N ALA A 85 -12.40 6.53 -2.76
CA ALA A 85 -12.23 6.50 -4.20
C ALA A 85 -12.17 7.94 -4.74
N PRO A 86 -11.45 8.08 -5.89
CA PRO A 86 -11.30 9.39 -6.51
C PRO A 86 -12.60 9.80 -7.21
N ALA A 87 -13.01 8.97 -8.16
CA ALA A 87 -14.23 9.24 -8.91
C ALA A 87 -14.43 8.14 -9.96
N ARG A 88 -15.65 8.06 -10.45
CA ARG A 88 -15.99 7.06 -11.46
C ARG A 88 -15.69 7.59 -12.86
N LEU A 89 -14.45 7.42 -13.27
CA LEU A 89 -14.02 7.86 -14.58
C LEU A 89 -14.22 6.74 -15.60
N LEU A 90 -15.37 6.76 -16.25
CA LEU A 90 -15.70 5.75 -17.24
C LEU A 90 -15.21 6.22 -18.62
N LEU A 91 -14.14 5.59 -19.07
CA LEU A 91 -13.56 5.93 -20.36
C LEU A 91 -14.68 6.05 -21.39
N GLN A 92 -14.85 7.28 -21.88
CA GLN A 92 -15.87 7.55 -22.87
C GLN A 92 -15.58 8.87 -23.59
N GLY A 93 -16.13 8.99 -24.79
CA GLY A 93 -15.93 10.18 -25.59
C GLY A 93 -14.79 9.99 -26.60
N LEU A 94 -14.69 10.93 -27.52
CA LEU A 94 -13.65 10.88 -28.54
C LEU A 94 -13.06 12.27 -28.73
N PRO A 95 -11.71 12.30 -28.96
CA PRO A 95 -11.01 13.56 -29.16
C PRO A 95 -11.30 14.12 -30.55
N PRO A 96 -10.92 15.42 -30.73
CA PRO A 96 -11.12 16.09 -32.00
C PRO A 96 -10.11 15.60 -33.05
N GLY A 97 -10.64 14.96 -34.08
CA GLY A 97 -9.80 14.45 -35.14
C GLY A 97 -10.34 14.87 -36.51
N THR A 98 -10.17 16.15 -36.81
CA THR A 98 -10.63 16.69 -38.07
C THR A 98 -9.50 17.45 -38.77
N SER A 99 -9.25 17.07 -40.02
CA SER A 99 -8.21 17.70 -40.80
C SER A 99 -8.62 17.74 -42.28
N GLY A 100 -8.41 18.91 -42.87
CA GLY A 100 -8.75 19.10 -44.28
C GLY A 100 -8.37 20.49 -44.75
N PRO A 101 -7.11 20.62 -45.26
CA PRO A 101 -6.62 21.89 -45.75
C PRO A 101 -7.23 22.24 -47.10
N SER A 102 -6.94 23.44 -47.56
CA SER A 102 -7.46 23.91 -48.83
C SER A 102 -6.55 25.01 -49.39
N SER A 103 -6.72 25.27 -50.68
CA SER A 103 -5.93 26.28 -51.35
C SER A 103 -6.81 27.08 -52.32
N GLY A 104 -6.26 28.19 -52.79
CA GLY A 104 -6.99 29.05 -53.72
C GLY A 104 -6.04 30.06 -54.37
N GLY A 1 -14.55 -3.27 11.19
CA GLY A 1 -15.49 -2.38 10.53
C GLY A 1 -15.52 -2.63 9.02
N SER A 2 -14.49 -2.12 8.34
CA SER A 2 -14.39 -2.28 6.90
C SER A 2 -12.92 -2.26 6.48
N SER A 3 -12.44 -3.40 6.01
CA SER A 3 -11.06 -3.52 5.56
C SER A 3 -11.01 -3.57 4.04
N GLY A 4 -10.10 -2.78 3.48
CA GLY A 4 -9.93 -2.74 2.04
C GLY A 4 -11.26 -2.46 1.34
N SER A 5 -11.18 -2.31 0.03
CA SER A 5 -12.37 -2.04 -0.77
C SER A 5 -12.22 -2.65 -2.16
N SER A 6 -13.27 -3.33 -2.59
CA SER A 6 -13.26 -3.96 -3.90
C SER A 6 -12.76 -2.97 -4.95
N GLY A 7 -11.60 -3.28 -5.51
CA GLY A 7 -11.00 -2.44 -6.52
C GLY A 7 -9.86 -1.60 -5.94
N GLY A 8 -8.66 -2.16 -6.03
CA GLY A 8 -7.48 -1.48 -5.52
C GLY A 8 -7.29 -1.76 -4.03
N VAL A 9 -6.15 -2.38 -3.72
CA VAL A 9 -5.84 -2.72 -2.34
C VAL A 9 -4.58 -1.97 -1.92
N ALA A 10 -4.69 -1.28 -0.79
CA ALA A 10 -3.56 -0.53 -0.26
C ALA A 10 -3.46 -0.76 1.25
N VAL A 11 -2.22 -0.73 1.74
CA VAL A 11 -1.97 -0.93 3.16
C VAL A 11 -1.06 0.18 3.67
N GLU A 12 -1.57 0.92 4.65
CA GLU A 12 -0.82 2.01 5.23
C GLU A 12 0.29 1.46 6.14
N VAL A 13 1.52 1.76 5.75
CA VAL A 13 2.67 1.30 6.52
C VAL A 13 3.15 2.43 7.43
N ARG A 14 3.48 2.06 8.65
CA ARG A 14 3.95 3.03 9.63
C ARG A 14 5.21 2.51 10.33
N GLY A 15 6.11 3.43 10.64
CA GLY A 15 7.34 3.09 11.31
C GLY A 15 8.28 2.32 10.37
N LEU A 16 8.76 3.03 9.35
CA LEU A 16 9.65 2.43 8.38
C LEU A 16 10.86 3.36 8.17
N PRO A 17 12.07 2.78 8.40
CA PRO A 17 13.30 3.53 8.24
C PRO A 17 13.63 3.74 6.76
N PRO A 18 14.20 4.93 6.46
CA PRO A 18 14.57 5.26 5.09
C PRO A 18 15.84 4.51 4.67
N ALA A 19 16.62 4.12 5.67
CA ALA A 19 17.85 3.39 5.42
C ALA A 19 17.55 2.16 4.58
N VAL A 20 16.29 1.76 4.61
CA VAL A 20 15.86 0.59 3.85
C VAL A 20 15.21 1.05 2.54
N PRO A 21 15.75 0.52 1.41
CA PRO A 21 15.24 0.86 0.10
C PRO A 21 13.91 0.15 -0.17
N ASP A 22 13.35 0.44 -1.33
CA ASP A 22 12.09 -0.16 -1.73
C ASP A 22 12.33 -1.61 -2.14
N GLU A 23 13.39 -1.81 -2.90
CA GLU A 23 13.75 -3.14 -3.37
C GLU A 23 13.46 -4.18 -2.29
N LEU A 24 14.03 -3.93 -1.11
CA LEU A 24 13.85 -4.83 0.02
C LEU A 24 12.38 -4.79 0.46
N LEU A 25 11.91 -3.58 0.74
CA LEU A 25 10.55 -3.37 1.18
C LEU A 25 9.63 -4.33 0.41
N THR A 26 9.94 -4.49 -0.87
CA THR A 26 9.15 -5.37 -1.72
C THR A 26 9.65 -6.82 -1.62
N LEU A 27 10.96 -6.97 -1.76
CA LEU A 27 11.57 -8.28 -1.68
C LEU A 27 10.97 -9.05 -0.51
N TYR A 28 10.55 -8.30 0.50
CA TYR A 28 9.94 -8.89 1.68
C TYR A 28 8.46 -9.19 1.45
N PHE A 29 7.71 -8.13 1.24
CA PHE A 29 6.28 -8.25 1.01
C PHE A 29 6.00 -9.12 -0.22
N GLU A 30 7.05 -9.36 -1.00
CA GLU A 30 6.93 -10.17 -2.20
C GLU A 30 7.18 -11.65 -1.86
N ASN A 31 8.21 -11.86 -1.04
CA ASN A 31 8.55 -13.22 -0.64
C ASN A 31 7.39 -13.84 0.12
N ARG A 32 7.10 -15.09 -0.23
CA ARG A 32 6.02 -15.80 0.43
C ARG A 32 6.51 -16.48 1.70
N ARG A 33 7.80 -16.78 1.71
CA ARG A 33 8.41 -17.43 2.86
C ARG A 33 8.67 -16.40 3.97
N ARG A 34 9.14 -15.24 3.56
CA ARG A 34 9.43 -14.18 4.51
C ARG A 34 8.14 -13.71 5.18
N SER A 35 7.14 -13.43 4.37
CA SER A 35 5.86 -12.97 4.87
C SER A 35 4.78 -14.02 4.60
N GLY A 36 4.35 -14.08 3.34
CA GLY A 36 3.33 -15.03 2.94
C GLY A 36 2.15 -14.32 2.27
N GLY A 37 2.49 -13.46 1.32
CA GLY A 37 1.47 -12.71 0.60
C GLY A 37 1.55 -12.98 -0.91
N GLY A 38 1.99 -11.97 -1.63
CA GLY A 38 2.12 -12.08 -3.08
C GLY A 38 2.93 -10.91 -3.65
N PRO A 39 2.68 -10.63 -4.95
CA PRO A 39 3.36 -9.53 -5.63
C PRO A 39 2.80 -8.17 -5.19
N VAL A 40 3.66 -7.17 -5.24
CA VAL A 40 3.27 -5.83 -4.86
C VAL A 40 3.07 -4.98 -6.11
N LEU A 41 1.85 -4.48 -6.27
CA LEU A 41 1.52 -3.65 -7.41
C LEU A 41 2.43 -2.43 -7.44
N SER A 42 2.45 -1.73 -6.31
CA SER A 42 3.28 -0.53 -6.19
C SER A 42 3.62 -0.27 -4.72
N TRP A 43 4.39 0.77 -4.50
CA TRP A 43 4.79 1.14 -3.15
C TRP A 43 5.00 2.66 -3.12
N GLN A 44 4.59 3.27 -2.02
CA GLN A 44 4.74 4.70 -1.85
C GLN A 44 5.24 5.02 -0.44
N ARG A 45 6.54 5.22 -0.35
CA ARG A 45 7.16 5.53 0.93
C ARG A 45 6.92 7.00 1.29
N LEU A 46 6.29 7.20 2.44
CA LEU A 46 5.99 8.54 2.91
C LEU A 46 6.72 8.79 4.24
N GLY A 47 7.60 9.77 4.22
CA GLY A 47 8.36 10.11 5.41
C GLY A 47 9.08 8.88 5.97
N CYS A 48 8.37 8.18 6.83
CA CYS A 48 8.92 6.98 7.45
C CYS A 48 8.13 5.78 6.95
N GLY A 49 6.82 5.89 7.02
CA GLY A 49 5.94 4.82 6.58
C GLY A 49 5.71 4.89 5.07
N GLY A 50 4.45 4.98 4.70
CA GLY A 50 4.08 5.05 3.29
C GLY A 50 2.97 4.06 2.96
N VAL A 51 2.18 4.42 1.95
CA VAL A 51 1.08 3.57 1.54
C VAL A 51 1.59 2.56 0.50
N LEU A 52 1.32 1.29 0.78
CA LEU A 52 1.75 0.23 -0.12
C LEU A 52 0.51 -0.37 -0.81
N THR A 53 0.73 -0.84 -2.04
CA THR A 53 -0.34 -1.43 -2.80
C THR A 53 -0.03 -2.89 -3.13
N PHE A 54 -1.02 -3.74 -2.88
CA PHE A 54 -0.87 -5.16 -3.13
C PHE A 54 -1.69 -5.59 -4.36
N ARG A 55 -1.02 -6.33 -5.24
CA ARG A 55 -1.67 -6.81 -6.45
C ARG A 55 -3.10 -7.27 -6.13
N GLU A 56 -3.18 -8.29 -5.29
CA GLU A 56 -4.46 -8.83 -4.90
C GLU A 56 -4.83 -8.39 -3.49
N PRO A 57 -6.15 -8.50 -3.16
CA PRO A 57 -6.64 -8.11 -1.85
C PRO A 57 -6.25 -9.15 -0.79
N ALA A 58 -6.48 -10.41 -1.12
CA ALA A 58 -6.16 -11.49 -0.21
C ALA A 58 -4.65 -11.53 0.01
N ASP A 59 -3.92 -11.34 -1.07
CA ASP A 59 -2.46 -11.35 -1.00
C ASP A 59 -2.00 -10.26 -0.04
N ALA A 60 -2.84 -9.25 0.10
CA ALA A 60 -2.52 -8.14 0.99
C ALA A 60 -2.91 -8.50 2.42
N GLU A 61 -4.14 -8.97 2.57
CA GLU A 61 -4.64 -9.35 3.88
C GLU A 61 -3.74 -10.43 4.49
N ARG A 62 -3.23 -11.29 3.63
CA ARG A 62 -2.35 -12.37 4.07
C ARG A 62 -1.09 -11.78 4.73
N VAL A 63 -0.81 -10.53 4.40
CA VAL A 63 0.35 -9.86 4.94
C VAL A 63 -0.05 -9.08 6.20
N LEU A 64 -1.20 -8.43 6.11
CA LEU A 64 -1.70 -7.65 7.23
C LEU A 64 -1.96 -8.57 8.42
N ALA A 65 -2.49 -9.74 8.10
CA ALA A 65 -2.79 -10.73 9.13
C ALA A 65 -1.66 -10.73 10.17
N GLN A 66 -0.46 -10.42 9.70
CA GLN A 66 0.70 -10.38 10.57
C GLN A 66 0.91 -8.96 11.11
N ALA A 67 0.71 -8.84 12.41
CA ALA A 67 0.87 -7.54 13.07
C ALA A 67 2.36 -7.25 13.25
N ASP A 68 3.17 -8.19 12.79
CA ASP A 68 4.61 -8.05 12.89
C ASP A 68 5.23 -8.03 11.49
N HIS A 69 6.28 -7.25 11.35
CA HIS A 69 6.97 -7.13 10.08
C HIS A 69 8.41 -6.67 10.31
N GLU A 70 9.34 -7.48 9.84
CA GLU A 70 10.76 -7.17 9.98
C GLU A 70 11.42 -7.09 8.61
N LEU A 71 11.98 -5.92 8.32
CA LEU A 71 12.65 -5.70 7.05
C LEU A 71 13.85 -4.79 7.27
N HIS A 72 15.03 -5.41 7.32
CA HIS A 72 16.26 -4.65 7.52
C HIS A 72 16.29 -4.10 8.94
N GLY A 73 16.30 -5.02 9.90
CA GLY A 73 16.33 -4.64 11.30
C GLY A 73 15.44 -3.43 11.56
N ALA A 74 14.17 -3.70 11.78
CA ALA A 74 13.21 -2.64 12.05
C ALA A 74 11.80 -3.23 12.05
N GLN A 75 11.09 -2.96 13.13
CA GLN A 75 9.73 -3.45 13.28
C GLN A 75 8.74 -2.51 12.59
N LEU A 76 8.46 -2.82 11.33
CA LEU A 76 7.53 -2.01 10.55
C LEU A 76 6.11 -2.21 11.08
N SER A 77 5.32 -1.16 10.98
CA SER A 77 3.94 -1.21 11.44
C SER A 77 2.99 -1.17 10.25
N LEU A 78 2.51 -2.36 9.88
CA LEU A 78 1.60 -2.47 8.75
C LEU A 78 0.17 -2.26 9.25
N ARG A 79 -0.60 -1.53 8.45
CA ARG A 79 -1.97 -1.24 8.79
C ARG A 79 -2.80 -1.00 7.52
N PRO A 80 -4.14 -1.19 7.66
CA PRO A 80 -5.05 -1.01 6.54
C PRO A 80 -5.25 0.47 6.24
N ALA A 81 -4.88 0.86 5.02
CA ALA A 81 -5.01 2.24 4.59
C ALA A 81 -6.49 2.59 4.49
N PRO A 82 -6.76 3.91 4.33
CA PRO A 82 -8.12 4.40 4.21
C PRO A 82 -8.70 4.08 2.82
N PRO A 83 -10.04 3.87 2.79
CA PRO A 83 -10.72 3.57 1.55
C PRO A 83 -10.86 4.81 0.68
N ARG A 84 -9.73 5.44 0.41
CA ARG A 84 -9.70 6.64 -0.41
C ARG A 84 -8.33 6.82 -1.06
N ALA A 85 -8.33 6.77 -2.39
CA ALA A 85 -7.09 6.92 -3.14
C ALA A 85 -6.48 8.29 -2.82
N PRO A 86 -5.15 8.40 -3.10
CA PRO A 86 -4.43 9.63 -2.84
C PRO A 86 -4.77 10.68 -3.90
N ALA A 87 -4.55 11.94 -3.53
CA ALA A 87 -4.82 13.05 -4.43
C ALA A 87 -3.72 14.09 -4.30
N ARG A 88 -3.26 14.57 -5.44
CA ARG A 88 -2.21 15.58 -5.46
C ARG A 88 -1.83 15.92 -6.90
N LEU A 89 -1.51 17.20 -7.11
CA LEU A 89 -1.12 17.66 -8.44
C LEU A 89 -0.44 19.02 -8.31
N LEU A 90 0.85 18.98 -7.98
CA LEU A 90 1.61 20.19 -7.83
C LEU A 90 3.11 19.85 -7.76
N LEU A 91 3.80 20.11 -8.87
CA LEU A 91 5.22 19.83 -8.94
C LEU A 91 5.91 20.37 -7.68
N GLN A 92 6.47 19.45 -6.90
CA GLN A 92 7.15 19.83 -5.68
C GLN A 92 8.52 20.42 -6.01
N GLY A 93 8.96 21.34 -5.15
CA GLY A 93 10.24 21.99 -5.33
C GLY A 93 10.15 23.48 -5.02
N LEU A 94 10.64 23.83 -3.83
CA LEU A 94 10.62 25.22 -3.39
C LEU A 94 12.06 25.74 -3.32
N PRO A 95 12.19 27.09 -3.49
CA PRO A 95 13.49 27.72 -3.44
C PRO A 95 14.01 27.82 -2.01
N PRO A 96 15.32 28.12 -1.90
CA PRO A 96 15.95 28.24 -0.59
C PRO A 96 15.55 29.54 0.10
N GLY A 97 15.51 29.49 1.42
CA GLY A 97 15.14 30.66 2.21
C GLY A 97 16.31 31.13 3.07
N THR A 98 16.47 32.44 3.12
CA THR A 98 17.55 33.04 3.91
C THR A 98 17.35 34.55 4.02
N SER A 99 17.46 35.04 5.25
CA SER A 99 17.31 36.46 5.50
C SER A 99 17.54 36.75 6.99
N GLY A 100 18.38 37.75 7.24
CA GLY A 100 18.69 38.14 8.60
C GLY A 100 18.83 39.66 8.72
N PRO A 101 17.66 40.33 8.87
CA PRO A 101 17.64 41.78 8.99
C PRO A 101 18.11 42.21 10.38
N SER A 102 18.22 43.52 10.55
CA SER A 102 18.66 44.08 11.82
C SER A 102 18.11 45.51 11.97
N SER A 103 17.82 45.85 13.22
CA SER A 103 17.29 47.17 13.52
C SER A 103 17.54 47.51 15.00
N GLY A 104 17.25 48.76 15.34
CA GLY A 104 17.44 49.22 16.70
C GLY A 104 17.75 50.71 16.74
N GLY A 1 -1.37 16.34 -9.37
CA GLY A 1 -2.33 16.25 -10.45
C GLY A 1 -3.41 15.22 -10.14
N SER A 2 -3.87 14.56 -11.20
CA SER A 2 -4.91 13.55 -11.04
C SER A 2 -4.32 12.15 -11.27
N SER A 3 -3.78 11.96 -12.46
CA SER A 3 -3.18 10.69 -12.82
C SER A 3 -2.19 10.25 -11.73
N GLY A 4 -2.15 8.94 -11.51
CA GLY A 4 -1.26 8.38 -10.50
C GLY A 4 -1.36 6.85 -10.48
N SER A 5 -2.48 6.37 -9.99
CA SER A 5 -2.71 4.94 -9.91
C SER A 5 -4.17 4.62 -10.25
N SER A 6 -4.46 3.33 -10.29
CA SER A 6 -5.81 2.88 -10.60
C SER A 6 -6.62 2.76 -9.32
N GLY A 7 -6.25 1.79 -8.50
CA GLY A 7 -6.93 1.58 -7.23
C GLY A 7 -7.25 0.09 -7.05
N GLY A 8 -7.29 -0.33 -5.79
CA GLY A 8 -7.58 -1.71 -5.46
C GLY A 8 -7.33 -1.99 -3.97
N VAL A 9 -6.14 -2.49 -3.69
CA VAL A 9 -5.76 -2.82 -2.33
C VAL A 9 -4.50 -2.02 -1.96
N ALA A 10 -4.59 -1.32 -0.84
CA ALA A 10 -3.48 -0.52 -0.36
C ALA A 10 -3.32 -0.72 1.14
N VAL A 11 -2.07 -0.71 1.58
CA VAL A 11 -1.77 -0.89 2.99
C VAL A 11 -0.80 0.21 3.45
N GLU A 12 -1.18 0.86 4.54
CA GLU A 12 -0.37 1.93 5.08
C GLU A 12 0.70 1.36 6.03
N VAL A 13 1.93 1.38 5.56
CA VAL A 13 3.04 0.86 6.35
C VAL A 13 3.60 1.99 7.22
N ARG A 14 4.12 1.60 8.38
CA ARG A 14 4.69 2.56 9.31
C ARG A 14 6.06 2.08 9.80
N GLY A 15 6.76 2.97 10.48
CA GLY A 15 8.07 2.66 11.01
C GLY A 15 8.97 2.06 9.93
N LEU A 16 9.33 2.89 8.97
CA LEU A 16 10.18 2.46 7.88
C LEU A 16 11.42 3.35 7.81
N PRO A 17 12.60 2.72 8.08
CA PRO A 17 13.86 3.45 8.05
C PRO A 17 14.30 3.73 6.61
N PRO A 18 15.11 4.80 6.46
CA PRO A 18 15.61 5.19 5.15
C PRO A 18 16.72 4.24 4.69
N ALA A 19 17.54 3.83 5.64
CA ALA A 19 18.64 2.93 5.35
C ALA A 19 18.13 1.79 4.47
N VAL A 20 16.98 1.26 4.86
CA VAL A 20 16.37 0.15 4.13
C VAL A 20 15.70 0.70 2.87
N PRO A 21 16.17 0.18 1.70
CA PRO A 21 15.62 0.61 0.42
C PRO A 21 14.24 -0.01 0.18
N ASP A 22 13.46 0.66 -0.65
CA ASP A 22 12.13 0.18 -0.98
C ASP A 22 12.22 -1.21 -1.59
N GLU A 23 13.30 -1.43 -2.33
CA GLU A 23 13.52 -2.71 -2.98
C GLU A 23 13.25 -3.85 -2.00
N LEU A 24 13.92 -3.79 -0.86
CA LEU A 24 13.75 -4.81 0.16
C LEU A 24 12.31 -4.78 0.68
N LEU A 25 11.88 -3.59 1.07
CA LEU A 25 10.55 -3.41 1.59
C LEU A 25 9.57 -4.25 0.77
N THR A 26 9.74 -4.19 -0.55
CA THR A 26 8.90 -4.94 -1.45
C THR A 26 9.34 -6.40 -1.52
N LEU A 27 10.65 -6.59 -1.61
CA LEU A 27 11.21 -7.93 -1.68
C LEU A 27 10.68 -8.76 -0.51
N TYR A 28 10.52 -8.10 0.62
CA TYR A 28 10.02 -8.77 1.81
C TYR A 28 8.51 -9.05 1.69
N PHE A 29 7.77 -8.00 1.40
CA PHE A 29 6.33 -8.12 1.25
C PHE A 29 5.97 -9.04 0.08
N GLU A 30 6.89 -9.11 -0.88
CA GLU A 30 6.68 -9.94 -2.05
C GLU A 30 6.94 -11.42 -1.70
N ASN A 31 8.03 -11.63 -0.99
CA ASN A 31 8.40 -12.98 -0.59
C ASN A 31 7.34 -13.53 0.37
N ARG A 32 7.13 -14.84 0.27
CA ARG A 32 6.16 -15.49 1.13
C ARG A 32 6.75 -15.77 2.50
N ARG A 33 7.80 -16.58 2.52
CA ARG A 33 8.46 -16.93 3.76
C ARG A 33 8.64 -15.68 4.63
N ARG A 34 9.18 -14.64 4.03
CA ARG A 34 9.40 -13.39 4.73
C ARG A 34 8.14 -12.98 5.49
N SER A 35 7.11 -12.64 4.73
CA SER A 35 5.85 -12.24 5.33
C SER A 35 4.77 -13.29 5.06
N GLY A 36 4.32 -13.32 3.81
CA GLY A 36 3.30 -14.26 3.40
C GLY A 36 2.05 -13.55 2.91
N GLY A 37 2.15 -13.02 1.69
CA GLY A 37 1.03 -12.30 1.09
C GLY A 37 0.98 -12.53 -0.42
N GLY A 38 1.77 -11.77 -1.14
CA GLY A 38 1.82 -11.88 -2.59
C GLY A 38 2.66 -10.76 -3.20
N PRO A 39 2.43 -10.52 -4.52
CA PRO A 39 3.15 -9.48 -5.24
C PRO A 39 2.62 -8.10 -4.86
N VAL A 40 3.46 -7.10 -5.08
CA VAL A 40 3.10 -5.73 -4.78
C VAL A 40 2.83 -4.97 -6.08
N LEU A 41 1.65 -4.37 -6.15
CA LEU A 41 1.26 -3.62 -7.33
C LEU A 41 2.08 -2.33 -7.41
N SER A 42 2.10 -1.61 -6.29
CA SER A 42 2.85 -0.37 -6.23
C SER A 42 3.37 -0.15 -4.81
N TRP A 43 4.10 0.94 -4.64
CA TRP A 43 4.66 1.28 -3.34
C TRP A 43 4.79 2.80 -3.26
N GLN A 44 4.42 3.33 -2.10
CA GLN A 44 4.50 4.77 -1.89
C GLN A 44 5.13 5.07 -0.53
N ARG A 45 6.41 5.45 -0.57
CA ARG A 45 7.13 5.77 0.65
C ARG A 45 6.70 7.14 1.18
N LEU A 46 6.14 7.11 2.38
CA LEU A 46 5.68 8.33 3.02
C LEU A 46 6.51 8.59 4.28
N GLY A 47 6.05 9.57 5.05
CA GLY A 47 6.74 9.92 6.29
C GLY A 47 6.75 8.74 7.26
N CYS A 48 7.93 8.17 7.45
CA CYS A 48 8.08 7.04 8.35
C CYS A 48 7.01 6.01 8.01
N GLY A 49 7.20 5.36 6.87
CA GLY A 49 6.27 4.34 6.42
C GLY A 49 5.99 4.49 4.92
N GLY A 50 4.70 4.54 4.59
CA GLY A 50 4.29 4.68 3.21
C GLY A 50 3.16 3.69 2.88
N VAL A 51 2.32 4.10 1.95
CA VAL A 51 1.21 3.26 1.53
C VAL A 51 1.67 2.32 0.42
N LEU A 52 1.47 1.03 0.66
CA LEU A 52 1.87 0.03 -0.31
C LEU A 52 0.61 -0.59 -0.94
N THR A 53 0.71 -0.88 -2.23
CA THR A 53 -0.41 -1.47 -2.95
C THR A 53 -0.11 -2.94 -3.27
N PHE A 54 -0.98 -3.81 -2.77
CA PHE A 54 -0.82 -5.23 -2.99
C PHE A 54 -1.64 -5.69 -4.21
N ARG A 55 -0.96 -6.38 -5.10
CA ARG A 55 -1.60 -6.88 -6.31
C ARG A 55 -3.02 -7.35 -6.00
N GLU A 56 -3.09 -8.34 -5.11
CA GLU A 56 -4.38 -8.89 -4.72
C GLU A 56 -4.74 -8.43 -3.30
N PRO A 57 -6.06 -8.56 -2.98
CA PRO A 57 -6.55 -8.17 -1.67
C PRO A 57 -6.15 -9.19 -0.60
N ALA A 58 -6.38 -10.45 -0.93
CA ALA A 58 -6.05 -11.54 -0.01
C ALA A 58 -4.55 -11.52 0.26
N ASP A 59 -3.79 -11.37 -0.82
CA ASP A 59 -2.34 -11.35 -0.72
C ASP A 59 -1.91 -10.25 0.26
N ALA A 60 -2.66 -9.15 0.21
CA ALA A 60 -2.38 -8.02 1.09
C ALA A 60 -2.89 -8.33 2.50
N GLU A 61 -4.13 -8.77 2.55
CA GLU A 61 -4.75 -9.11 3.83
C GLU A 61 -3.83 -10.00 4.65
N ARG A 62 -3.36 -11.07 4.01
CA ARG A 62 -2.47 -12.01 4.66
C ARG A 62 -1.37 -11.26 5.41
N VAL A 63 -0.76 -10.31 4.71
CA VAL A 63 0.32 -9.53 5.30
C VAL A 63 -0.22 -8.77 6.52
N LEU A 64 -1.45 -8.29 6.39
CA LEU A 64 -2.09 -7.55 7.46
C LEU A 64 -2.32 -8.49 8.65
N ALA A 65 -2.84 -9.67 8.33
CA ALA A 65 -3.12 -10.67 9.36
C ALA A 65 -1.99 -10.67 10.38
N GLN A 66 -0.79 -10.33 9.90
CA GLN A 66 0.37 -10.29 10.76
C GLN A 66 0.67 -8.85 11.18
N ALA A 67 0.45 -8.59 12.46
CA ALA A 67 0.69 -7.26 13.00
C ALA A 67 2.19 -7.08 13.24
N ASP A 68 2.94 -8.09 12.88
CA ASP A 68 4.39 -8.06 13.05
C ASP A 68 5.06 -8.19 11.67
N HIS A 69 6.13 -7.44 11.50
CA HIS A 69 6.87 -7.45 10.25
C HIS A 69 8.26 -6.86 10.46
N GLU A 70 9.25 -7.55 9.90
CA GLU A 70 10.63 -7.10 10.03
C GLU A 70 11.30 -7.07 8.65
N LEU A 71 12.09 -6.02 8.45
CA LEU A 71 12.79 -5.85 7.18
C LEU A 71 14.12 -5.16 7.44
N HIS A 72 15.19 -5.94 7.38
CA HIS A 72 16.52 -5.41 7.60
C HIS A 72 16.55 -4.62 8.91
N GLY A 73 16.46 -5.35 10.01
CA GLY A 73 16.48 -4.72 11.32
C GLY A 73 15.54 -3.52 11.37
N ALA A 74 14.28 -3.78 11.70
CA ALA A 74 13.29 -2.73 11.78
C ALA A 74 11.91 -3.36 11.97
N GLN A 75 11.09 -2.69 12.76
CA GLN A 75 9.74 -3.16 13.02
C GLN A 75 8.72 -2.36 12.20
N LEU A 76 8.35 -2.94 11.07
CA LEU A 76 7.39 -2.30 10.18
C LEU A 76 5.98 -2.50 10.73
N SER A 77 5.20 -1.44 10.68
CA SER A 77 3.83 -1.49 11.18
C SER A 77 2.85 -1.44 10.00
N LEU A 78 2.24 -2.59 9.73
CA LEU A 78 1.28 -2.68 8.65
C LEU A 78 -0.11 -2.32 9.16
N ARG A 79 -0.80 -1.49 8.39
CA ARG A 79 -2.14 -1.06 8.75
C ARG A 79 -2.94 -0.72 7.50
N PRO A 80 -4.29 -0.65 7.68
CA PRO A 80 -5.17 -0.33 6.58
C PRO A 80 -5.12 1.15 6.24
N ALA A 81 -4.69 1.43 5.01
CA ALA A 81 -4.58 2.81 4.55
C ALA A 81 -5.99 3.42 4.45
N PRO A 82 -6.02 4.77 4.33
CA PRO A 82 -7.27 5.48 4.21
C PRO A 82 -7.88 5.32 2.82
N PRO A 83 -9.22 5.46 2.75
CA PRO A 83 -9.94 5.33 1.49
C PRO A 83 -9.73 6.56 0.61
N ARG A 84 -9.75 6.33 -0.70
CA ARG A 84 -9.56 7.41 -1.65
C ARG A 84 -10.91 8.00 -2.04
N ALA A 85 -11.77 7.15 -2.60
CA ALA A 85 -13.08 7.59 -3.02
C ALA A 85 -14.14 6.69 -2.38
N PRO A 86 -15.41 7.17 -2.42
CA PRO A 86 -16.52 6.43 -1.84
C PRO A 86 -16.91 5.26 -2.74
N ALA A 87 -16.99 5.53 -4.03
CA ALA A 87 -17.35 4.51 -4.99
C ALA A 87 -16.88 4.94 -6.38
N ARG A 88 -15.85 4.26 -6.87
CA ARG A 88 -15.30 4.56 -8.17
C ARG A 88 -15.47 3.36 -9.11
N LEU A 89 -16.51 3.43 -9.93
CA LEU A 89 -16.79 2.37 -10.86
C LEU A 89 -16.81 2.93 -12.28
N LEU A 90 -15.63 2.92 -12.90
CA LEU A 90 -15.50 3.42 -14.26
C LEU A 90 -15.48 2.24 -15.24
N LEU A 91 -16.66 1.71 -15.50
CA LEU A 91 -16.79 0.59 -16.41
C LEU A 91 -16.03 0.90 -17.70
N GLN A 92 -15.31 -0.10 -18.19
CA GLN A 92 -14.54 0.05 -19.41
C GLN A 92 -14.02 -1.31 -19.88
N GLY A 93 -13.65 -1.37 -21.14
CA GLY A 93 -13.14 -2.59 -21.74
C GLY A 93 -13.74 -2.85 -23.11
N LEU A 94 -13.37 -3.98 -23.69
CA LEU A 94 -13.88 -4.36 -25.00
C LEU A 94 -13.50 -5.82 -25.29
N PRO A 95 -14.44 -6.52 -25.98
CA PRO A 95 -14.22 -7.91 -26.32
C PRO A 95 -13.21 -8.04 -27.47
N PRO A 96 -12.76 -9.31 -27.70
CA PRO A 96 -11.80 -9.58 -28.76
C PRO A 96 -12.46 -9.53 -30.13
N GLY A 97 -11.70 -9.04 -31.10
CA GLY A 97 -12.20 -8.94 -32.46
C GLY A 97 -11.11 -9.26 -33.48
N THR A 98 -11.11 -10.51 -33.92
CA THR A 98 -10.13 -10.97 -34.89
C THR A 98 -10.62 -12.22 -35.60
N SER A 99 -10.75 -12.10 -36.92
CA SER A 99 -11.21 -13.23 -37.73
C SER A 99 -11.13 -12.87 -39.21
N GLY A 100 -10.85 -13.88 -40.01
CA GLY A 100 -10.75 -13.68 -41.45
C GLY A 100 -10.13 -14.91 -42.13
N PRO A 101 -11.00 -15.95 -42.32
CA PRO A 101 -10.55 -17.18 -42.95
C PRO A 101 -10.39 -17.00 -44.47
N SER A 102 -9.79 -17.99 -45.09
CA SER A 102 -9.58 -17.96 -46.52
C SER A 102 -8.81 -19.20 -46.97
N SER A 103 -9.52 -20.06 -47.69
CA SER A 103 -8.92 -21.30 -48.18
C SER A 103 -9.90 -22.00 -49.12
N GLY A 104 -9.36 -22.50 -50.23
CA GLY A 104 -10.17 -23.21 -51.21
C GLY A 104 -11.01 -22.23 -52.03
N GLY A 1 -3.02 7.06 -20.21
CA GLY A 1 -4.09 7.00 -19.23
C GLY A 1 -4.96 5.77 -19.43
N SER A 2 -5.58 5.34 -18.35
CA SER A 2 -6.46 4.17 -18.39
C SER A 2 -7.52 4.26 -17.30
N SER A 3 -8.74 4.56 -17.71
CA SER A 3 -9.84 4.69 -16.79
C SER A 3 -10.67 3.40 -16.77
N GLY A 4 -11.28 3.12 -15.63
CA GLY A 4 -12.10 1.93 -15.48
C GLY A 4 -11.85 1.27 -14.13
N SER A 5 -12.92 1.18 -13.35
CA SER A 5 -12.84 0.58 -12.02
C SER A 5 -11.61 1.10 -11.29
N SER A 6 -11.80 2.22 -10.60
CA SER A 6 -10.72 2.83 -9.85
C SER A 6 -10.84 2.47 -8.37
N GLY A 7 -9.94 1.61 -7.92
CA GLY A 7 -9.93 1.18 -6.54
C GLY A 7 -9.38 -0.24 -6.41
N GLY A 8 -8.27 -0.36 -5.70
CA GLY A 8 -7.64 -1.65 -5.50
C GLY A 8 -7.43 -1.93 -4.01
N VAL A 9 -6.22 -2.34 -3.68
CA VAL A 9 -5.88 -2.65 -2.31
C VAL A 9 -4.60 -1.89 -1.92
N ALA A 10 -4.68 -1.21 -0.78
CA ALA A 10 -3.54 -0.44 -0.28
C ALA A 10 -3.38 -0.69 1.22
N VAL A 11 -2.13 -0.70 1.65
CA VAL A 11 -1.83 -0.92 3.06
C VAL A 11 -0.89 0.18 3.55
N GLU A 12 -1.37 0.92 4.55
CA GLU A 12 -0.59 2.00 5.12
C GLU A 12 0.54 1.44 5.99
N VAL A 13 1.75 1.58 5.49
CA VAL A 13 2.93 1.09 6.20
C VAL A 13 3.46 2.21 7.11
N ARG A 14 3.72 1.84 8.36
CA ARG A 14 4.23 2.79 9.32
C ARG A 14 5.43 2.20 10.06
N GLY A 15 6.36 3.08 10.42
CA GLY A 15 7.56 2.66 11.12
C GLY A 15 8.53 1.94 10.19
N LEU A 16 9.11 2.71 9.27
CA LEU A 16 10.05 2.16 8.32
C LEU A 16 11.27 3.07 8.23
N PRO A 17 12.46 2.45 8.43
CA PRO A 17 13.71 3.19 8.37
C PRO A 17 14.09 3.52 6.93
N PRO A 18 14.83 4.66 6.78
CA PRO A 18 15.26 5.10 5.46
C PRO A 18 16.41 4.24 4.95
N ALA A 19 17.35 3.97 5.83
CA ALA A 19 18.51 3.16 5.49
C ALA A 19 18.06 1.99 4.61
N VAL A 20 16.83 1.55 4.86
CA VAL A 20 16.27 0.43 4.10
C VAL A 20 15.59 0.97 2.85
N PRO A 21 16.06 0.47 1.67
CA PRO A 21 15.50 0.89 0.40
C PRO A 21 14.14 0.25 0.16
N ASP A 22 13.57 0.55 -1.00
CA ASP A 22 12.27 0.02 -1.36
C ASP A 22 12.43 -1.43 -1.83
N GLU A 23 13.42 -1.62 -2.69
CA GLU A 23 13.69 -2.95 -3.23
C GLU A 23 13.42 -4.03 -2.17
N LEU A 24 13.98 -3.79 -0.99
CA LEU A 24 13.80 -4.73 0.11
C LEU A 24 12.34 -4.69 0.58
N LEU A 25 11.88 -3.48 0.86
CA LEU A 25 10.51 -3.29 1.32
C LEU A 25 9.58 -4.22 0.53
N THR A 26 9.88 -4.35 -0.76
CA THR A 26 9.09 -5.20 -1.63
C THR A 26 9.57 -6.65 -1.54
N LEU A 27 10.87 -6.82 -1.70
CA LEU A 27 11.46 -8.13 -1.64
C LEU A 27 10.83 -8.93 -0.49
N TYR A 28 10.59 -8.23 0.60
CA TYR A 28 10.00 -8.84 1.77
C TYR A 28 8.52 -9.15 1.54
N PHE A 29 7.74 -8.09 1.47
CA PHE A 29 6.31 -8.23 1.24
C PHE A 29 6.02 -9.19 0.10
N GLU A 30 6.81 -9.05 -0.96
CA GLU A 30 6.65 -9.91 -2.12
C GLU A 30 7.02 -11.36 -1.78
N ASN A 31 8.14 -11.49 -1.06
CA ASN A 31 8.61 -12.80 -0.66
C ASN A 31 7.54 -13.49 0.19
N ARG A 32 7.31 -14.76 -0.13
CA ARG A 32 6.31 -15.54 0.60
C ARG A 32 6.90 -16.04 1.92
N ARG A 33 8.09 -16.61 1.82
CA ARG A 33 8.77 -17.13 2.99
C ARG A 33 8.76 -16.11 4.11
N ARG A 34 8.89 -14.84 3.72
CA ARG A 34 8.91 -13.75 4.68
C ARG A 34 7.50 -13.15 4.82
N SER A 35 6.76 -13.22 3.72
CA SER A 35 5.40 -12.68 3.72
C SER A 35 4.55 -13.45 2.70
N GLY A 36 3.97 -14.54 3.18
CA GLY A 36 3.13 -15.37 2.33
C GLY A 36 1.84 -14.63 1.95
N GLY A 37 2.00 -13.56 1.21
CA GLY A 37 0.87 -12.75 0.77
C GLY A 37 0.74 -12.77 -0.76
N GLY A 38 1.73 -12.16 -1.41
CA GLY A 38 1.74 -12.10 -2.85
C GLY A 38 2.65 -10.96 -3.35
N PRO A 39 2.47 -10.61 -4.64
CA PRO A 39 3.27 -9.55 -5.25
C PRO A 39 2.79 -8.18 -4.77
N VAL A 40 3.48 -7.15 -5.24
CA VAL A 40 3.15 -5.78 -4.88
C VAL A 40 2.85 -4.98 -6.14
N LEU A 41 1.64 -4.44 -6.20
CA LEU A 41 1.23 -3.65 -7.34
C LEU A 41 2.08 -2.39 -7.42
N SER A 42 2.21 -1.72 -6.28
CA SER A 42 2.99 -0.51 -6.20
C SER A 42 3.41 -0.24 -4.76
N TRP A 43 4.22 0.80 -4.60
CA TRP A 43 4.70 1.17 -3.28
C TRP A 43 4.87 2.69 -3.24
N GLN A 44 4.40 3.28 -2.15
CA GLN A 44 4.49 4.72 -1.98
C GLN A 44 5.11 5.05 -0.63
N ARG A 45 6.32 5.60 -0.68
CA ARG A 45 7.04 5.98 0.52
C ARG A 45 6.73 7.42 0.90
N LEU A 46 6.04 7.58 2.03
CA LEU A 46 5.68 8.90 2.50
C LEU A 46 6.50 9.23 3.75
N GLY A 47 7.78 8.90 3.68
CA GLY A 47 8.68 9.15 4.79
C GLY A 47 8.26 8.34 6.03
N CYS A 48 9.25 7.69 6.63
CA CYS A 48 9.01 6.88 7.82
C CYS A 48 7.72 6.08 7.59
N GLY A 49 7.72 5.33 6.50
CA GLY A 49 6.57 4.51 6.15
C GLY A 49 6.03 4.87 4.77
N GLY A 50 4.72 4.83 4.65
CA GLY A 50 4.08 5.14 3.39
C GLY A 50 2.94 4.16 3.09
N VAL A 51 2.26 4.41 1.98
CA VAL A 51 1.15 3.56 1.58
C VAL A 51 1.63 2.59 0.48
N LEU A 52 1.36 1.32 0.71
CA LEU A 52 1.76 0.29 -0.24
C LEU A 52 0.50 -0.29 -0.90
N THR A 53 0.68 -0.75 -2.13
CA THR A 53 -0.42 -1.33 -2.87
C THR A 53 -0.11 -2.79 -3.23
N PHE A 54 -1.04 -3.66 -2.87
CA PHE A 54 -0.88 -5.08 -3.14
C PHE A 54 -1.70 -5.50 -4.36
N ARG A 55 -1.06 -6.30 -5.20
CA ARG A 55 -1.72 -6.78 -6.41
C ARG A 55 -3.14 -7.25 -6.10
N GLU A 56 -3.22 -8.23 -5.22
CA GLU A 56 -4.51 -8.78 -4.83
C GLU A 56 -4.85 -8.36 -3.40
N PRO A 57 -6.17 -8.46 -3.07
CA PRO A 57 -6.63 -8.09 -1.73
C PRO A 57 -6.26 -9.16 -0.71
N ALA A 58 -6.51 -10.40 -1.07
CA ALA A 58 -6.20 -11.52 -0.19
C ALA A 58 -4.69 -11.57 0.04
N ASP A 59 -3.94 -11.40 -1.04
CA ASP A 59 -2.50 -11.43 -0.96
C ASP A 59 -2.02 -10.31 -0.03
N ALA A 60 -2.86 -9.31 0.11
CA ALA A 60 -2.54 -8.17 0.96
C ALA A 60 -2.95 -8.49 2.40
N GLU A 61 -4.08 -9.18 2.52
CA GLU A 61 -4.59 -9.55 3.83
C GLU A 61 -3.65 -10.55 4.50
N ARG A 62 -3.12 -11.45 3.69
CA ARG A 62 -2.20 -12.46 4.19
C ARG A 62 -0.99 -11.81 4.84
N VAL A 63 -0.79 -10.54 4.50
CA VAL A 63 0.33 -9.79 5.05
C VAL A 63 -0.12 -9.05 6.31
N LEU A 64 -1.25 -8.36 6.19
CA LEU A 64 -1.79 -7.61 7.31
C LEU A 64 -2.02 -8.56 8.48
N ALA A 65 -2.50 -9.75 8.15
CA ALA A 65 -2.77 -10.75 9.17
C ALA A 65 -1.67 -10.72 10.22
N GLN A 66 -0.48 -10.35 9.78
CA GLN A 66 0.66 -10.28 10.67
C GLN A 66 0.79 -8.86 11.25
N ALA A 67 0.63 -8.79 12.57
CA ALA A 67 0.72 -7.52 13.26
C ALA A 67 2.20 -7.16 13.47
N ASP A 68 3.05 -8.02 12.95
CA ASP A 68 4.49 -7.81 13.07
C ASP A 68 5.14 -7.93 11.70
N HIS A 69 6.23 -7.20 11.53
CA HIS A 69 6.95 -7.22 10.27
C HIS A 69 8.43 -6.88 10.52
N GLU A 70 9.30 -7.59 9.80
CA GLU A 70 10.73 -7.38 9.94
C GLU A 70 11.36 -7.16 8.56
N LEU A 71 12.04 -6.03 8.44
CA LEU A 71 12.69 -5.68 7.19
C LEU A 71 14.00 -4.95 7.50
N HIS A 72 15.10 -5.66 7.29
CA HIS A 72 16.42 -5.10 7.53
C HIS A 72 16.49 -4.57 8.96
N GLY A 73 16.30 -5.48 9.91
CA GLY A 73 16.34 -5.12 11.31
C GLY A 73 15.50 -3.87 11.59
N ALA A 74 14.23 -4.10 11.90
CA ALA A 74 13.31 -3.01 12.18
C ALA A 74 11.88 -3.55 12.20
N GLN A 75 11.08 -2.98 13.09
CA GLN A 75 9.69 -3.39 13.21
C GLN A 75 8.79 -2.47 12.39
N LEU A 76 8.29 -3.01 11.28
CA LEU A 76 7.42 -2.24 10.41
C LEU A 76 5.96 -2.44 10.85
N SER A 77 5.32 -1.33 11.15
CA SER A 77 3.93 -1.36 11.59
C SER A 77 3.01 -1.25 10.37
N LEU A 78 2.46 -2.38 9.96
CA LEU A 78 1.57 -2.42 8.82
C LEU A 78 0.14 -2.13 9.29
N ARG A 79 -0.56 -1.31 8.52
CA ARG A 79 -1.92 -0.95 8.84
C ARG A 79 -2.73 -0.71 7.57
N PRO A 80 -4.08 -0.80 7.71
CA PRO A 80 -4.97 -0.59 6.58
C PRO A 80 -5.08 0.88 6.23
N ALA A 81 -4.55 1.23 5.07
CA ALA A 81 -4.59 2.61 4.60
C ALA A 81 -6.04 3.01 4.34
N PRO A 82 -6.23 4.34 4.10
CA PRO A 82 -7.55 4.87 3.83
C PRO A 82 -8.01 4.52 2.41
N PRO A 83 -9.10 3.71 2.35
CA PRO A 83 -9.64 3.29 1.06
C PRO A 83 -10.40 4.42 0.39
N ARG A 84 -10.47 4.34 -0.93
CA ARG A 84 -11.18 5.36 -1.71
C ARG A 84 -11.97 4.71 -2.82
N ALA A 85 -13.25 5.07 -2.89
CA ALA A 85 -14.13 4.53 -3.91
C ALA A 85 -15.05 5.64 -4.42
N PRO A 86 -15.35 5.57 -5.74
CA PRO A 86 -16.22 6.56 -6.36
C PRO A 86 -17.68 6.33 -5.99
N ALA A 87 -18.49 7.36 -6.16
CA ALA A 87 -19.90 7.28 -5.83
C ALA A 87 -20.71 7.10 -7.13
N ARG A 88 -20.60 8.08 -8.01
CA ARG A 88 -21.31 8.03 -9.27
C ARG A 88 -22.80 7.76 -9.04
N LEU A 89 -23.59 8.82 -9.14
CA LEU A 89 -25.02 8.71 -8.95
C LEU A 89 -25.69 10.04 -9.29
N LEU A 90 -27.00 10.08 -9.11
CA LEU A 90 -27.75 11.28 -9.39
C LEU A 90 -29.21 11.08 -8.96
N LEU A 91 -29.78 12.13 -8.38
CA LEU A 91 -31.15 12.08 -7.91
C LEU A 91 -32.07 11.80 -9.10
N GLN A 92 -32.67 10.62 -9.07
CA GLN A 92 -33.57 10.22 -10.13
C GLN A 92 -32.82 10.10 -11.46
N GLY A 93 -33.24 9.11 -12.25
CA GLY A 93 -32.60 8.88 -13.54
C GLY A 93 -33.49 9.39 -14.68
N LEU A 94 -33.39 10.69 -14.94
CA LEU A 94 -34.17 11.30 -15.99
C LEU A 94 -33.55 12.65 -16.35
N PRO A 95 -33.74 13.05 -17.64
CA PRO A 95 -33.20 14.31 -18.12
C PRO A 95 -34.03 15.49 -17.60
N PRO A 96 -33.48 16.72 -17.81
CA PRO A 96 -34.15 17.93 -17.37
C PRO A 96 -35.33 18.26 -18.29
N GLY A 97 -36.10 19.25 -17.87
CA GLY A 97 -37.26 19.68 -18.64
C GLY A 97 -38.08 20.71 -17.86
N THR A 98 -37.96 21.96 -18.30
CA THR A 98 -38.69 23.05 -17.66
C THR A 98 -39.46 23.85 -18.70
N SER A 99 -40.22 24.82 -18.21
CA SER A 99 -41.03 25.66 -19.08
C SER A 99 -41.50 26.90 -18.31
N GLY A 100 -41.10 28.05 -18.81
CA GLY A 100 -41.48 29.32 -18.19
C GLY A 100 -41.30 30.48 -19.16
N PRO A 101 -42.37 31.32 -19.26
CA PRO A 101 -42.35 32.47 -20.14
C PRO A 101 -41.47 33.59 -19.57
N SER A 102 -41.38 34.67 -20.32
CA SER A 102 -40.59 35.82 -19.90
C SER A 102 -41.44 37.09 -19.94
N SER A 103 -40.94 38.12 -19.28
CA SER A 103 -41.64 39.38 -19.24
C SER A 103 -40.64 40.54 -19.27
N GLY A 104 -41.17 41.75 -19.45
CA GLY A 104 -40.34 42.93 -19.50
C GLY A 104 -41.08 44.10 -20.13
N GLY A 1 -21.30 -5.64 0.47
CA GLY A 1 -22.72 -5.48 0.78
C GLY A 1 -23.58 -6.40 -0.09
N SER A 2 -23.66 -6.05 -1.36
CA SER A 2 -24.44 -6.83 -2.31
C SER A 2 -23.70 -6.95 -3.64
N SER A 3 -23.42 -5.79 -4.23
CA SER A 3 -22.72 -5.77 -5.51
C SER A 3 -21.22 -5.58 -5.26
N GLY A 4 -20.89 -4.50 -4.57
CA GLY A 4 -19.50 -4.18 -4.26
C GLY A 4 -18.71 -3.92 -5.55
N SER A 5 -17.53 -3.34 -5.36
CA SER A 5 -16.67 -3.02 -6.49
C SER A 5 -15.21 -3.05 -6.05
N SER A 6 -14.91 -2.26 -5.02
CA SER A 6 -13.56 -2.19 -4.50
C SER A 6 -12.60 -1.69 -5.58
N GLY A 7 -11.60 -0.94 -5.14
CA GLY A 7 -10.61 -0.39 -6.06
C GLY A 7 -9.20 -0.69 -5.58
N GLY A 8 -8.61 -1.73 -6.18
CA GLY A 8 -7.26 -2.13 -5.83
C GLY A 8 -7.13 -2.36 -4.32
N VAL A 9 -5.89 -2.44 -3.88
CA VAL A 9 -5.62 -2.66 -2.46
C VAL A 9 -4.43 -1.78 -2.04
N ALA A 10 -4.58 -1.17 -0.87
CA ALA A 10 -3.53 -0.31 -0.35
C ALA A 10 -3.33 -0.61 1.14
N VAL A 11 -2.08 -0.50 1.57
CA VAL A 11 -1.75 -0.75 2.96
C VAL A 11 -0.90 0.39 3.50
N GLU A 12 -1.31 0.92 4.64
CA GLU A 12 -0.60 2.01 5.27
C GLU A 12 0.52 1.48 6.17
N VAL A 13 1.74 1.64 5.69
CA VAL A 13 2.90 1.18 6.44
C VAL A 13 3.42 2.32 7.33
N ARG A 14 3.93 1.94 8.48
CA ARG A 14 4.45 2.91 9.42
C ARG A 14 5.79 2.44 9.99
N GLY A 15 6.60 3.40 10.41
CA GLY A 15 7.91 3.10 10.96
C GLY A 15 8.77 2.34 9.95
N LEU A 16 9.22 3.07 8.94
CA LEU A 16 10.05 2.49 7.89
C LEU A 16 11.30 3.35 7.70
N PRO A 17 12.47 2.73 8.00
CA PRO A 17 13.74 3.44 7.85
C PRO A 17 14.14 3.56 6.38
N PRO A 18 14.90 4.65 6.08
CA PRO A 18 15.34 4.90 4.72
C PRO A 18 16.49 3.96 4.34
N ALA A 19 17.35 3.70 5.31
CA ALA A 19 18.48 2.82 5.09
C ALA A 19 18.04 1.62 4.26
N VAL A 20 16.80 1.20 4.51
CA VAL A 20 16.25 0.06 3.79
C VAL A 20 15.67 0.54 2.45
N PRO A 21 16.22 -0.04 1.35
CA PRO A 21 15.78 0.32 0.02
C PRO A 21 14.42 -0.31 -0.30
N ASP A 22 13.65 0.40 -1.12
CA ASP A 22 12.33 -0.08 -1.50
C ASP A 22 12.44 -1.51 -2.05
N GLU A 23 13.56 -1.76 -2.71
CA GLU A 23 13.80 -3.08 -3.28
C GLU A 23 13.44 -4.17 -2.27
N LEU A 24 14.05 -4.07 -1.10
CA LEU A 24 13.81 -5.04 -0.05
C LEU A 24 12.35 -4.93 0.41
N LEU A 25 11.94 -3.71 0.72
CA LEU A 25 10.58 -3.46 1.16
C LEU A 25 9.61 -4.32 0.35
N THR A 26 9.89 -4.39 -0.95
CA THR A 26 9.06 -5.17 -1.85
C THR A 26 9.49 -6.64 -1.83
N LEU A 27 10.78 -6.85 -1.93
CA LEU A 27 11.32 -8.20 -1.93
C LEU A 27 10.75 -8.98 -0.75
N TYR A 28 10.56 -8.26 0.36
CA TYR A 28 10.01 -8.86 1.56
C TYR A 28 8.51 -9.10 1.41
N PHE A 29 7.78 -8.02 1.16
CA PHE A 29 6.34 -8.09 1.01
C PHE A 29 5.97 -9.06 -0.12
N GLU A 30 6.86 -9.16 -1.09
CA GLU A 30 6.63 -10.03 -2.23
C GLU A 30 6.87 -11.49 -1.83
N ASN A 31 7.88 -11.68 -1.00
CA ASN A 31 8.22 -13.02 -0.52
C ASN A 31 7.08 -13.56 0.32
N ARG A 32 6.89 -14.87 0.24
CA ARG A 32 5.84 -15.52 0.99
C ARG A 32 6.32 -15.87 2.40
N ARG A 33 7.45 -16.57 2.45
CA ARG A 33 8.03 -16.97 3.72
C ARG A 33 8.28 -15.73 4.60
N ARG A 34 8.85 -14.71 3.97
CA ARG A 34 9.15 -13.48 4.69
C ARG A 34 7.91 -12.99 5.43
N SER A 35 6.88 -12.66 4.65
CA SER A 35 5.64 -12.18 5.22
C SER A 35 4.50 -13.13 4.87
N GLY A 36 4.21 -13.22 3.59
CA GLY A 36 3.14 -14.08 3.11
C GLY A 36 2.16 -13.32 2.23
N GLY A 37 2.70 -12.66 1.22
CA GLY A 37 1.88 -11.90 0.29
C GLY A 37 2.06 -12.38 -1.14
N GLY A 38 1.92 -11.45 -2.07
CA GLY A 38 2.06 -11.77 -3.49
C GLY A 38 2.78 -10.65 -4.24
N PRO A 39 2.38 -10.49 -5.53
CA PRO A 39 2.98 -9.45 -6.36
C PRO A 39 2.44 -8.07 -5.99
N VAL A 40 3.36 -7.18 -5.63
CA VAL A 40 2.99 -5.83 -5.24
C VAL A 40 2.80 -4.99 -6.50
N LEU A 41 1.77 -4.16 -6.46
CA LEU A 41 1.47 -3.29 -7.60
C LEU A 41 2.40 -2.08 -7.58
N SER A 42 2.38 -1.36 -6.45
CA SER A 42 3.22 -0.19 -6.29
C SER A 42 3.57 0.00 -4.82
N TRP A 43 4.35 1.04 -4.57
CA TRP A 43 4.76 1.34 -3.20
C TRP A 43 4.95 2.86 -3.10
N GLN A 44 4.40 3.42 -2.03
CA GLN A 44 4.49 4.85 -1.80
C GLN A 44 5.19 5.13 -0.46
N ARG A 45 6.48 5.39 -0.55
CA ARG A 45 7.27 5.68 0.65
C ARG A 45 6.98 7.09 1.14
N LEU A 46 6.59 7.18 2.41
CA LEU A 46 6.29 8.46 3.02
C LEU A 46 7.19 8.67 4.23
N GLY A 47 6.85 9.70 5.01
CA GLY A 47 7.61 10.01 6.21
C GLY A 47 7.50 8.89 7.24
N CYS A 48 8.62 8.20 7.45
CA CYS A 48 8.66 7.12 8.41
C CYS A 48 7.46 6.20 8.15
N GLY A 49 7.42 5.65 6.94
CA GLY A 49 6.33 4.77 6.55
C GLY A 49 6.02 4.91 5.06
N GLY A 50 4.73 4.94 4.77
CA GLY A 50 4.29 5.07 3.39
C GLY A 50 3.18 4.06 3.07
N VAL A 51 2.34 4.43 2.11
CA VAL A 51 1.24 3.56 1.70
C VAL A 51 1.72 2.64 0.58
N LEU A 52 1.43 1.36 0.76
CA LEU A 52 1.82 0.37 -0.24
C LEU A 52 0.57 -0.18 -0.93
N THR A 53 0.76 -0.65 -2.14
CA THR A 53 -0.34 -1.21 -2.91
C THR A 53 -0.10 -2.68 -3.21
N PHE A 54 -1.04 -3.50 -2.79
CA PHE A 54 -0.95 -4.94 -3.01
C PHE A 54 -1.84 -5.38 -4.17
N ARG A 55 -1.21 -5.74 -5.27
CA ARG A 55 -1.94 -6.18 -6.44
C ARG A 55 -3.14 -7.04 -6.03
N GLU A 56 -2.90 -7.91 -5.06
CA GLU A 56 -3.94 -8.79 -4.57
C GLU A 56 -4.26 -8.46 -3.11
N PRO A 57 -5.60 -8.31 -2.84
CA PRO A 57 -6.05 -8.00 -1.49
C PRO A 57 -5.97 -9.23 -0.59
N ALA A 58 -6.22 -10.38 -1.19
CA ALA A 58 -6.19 -11.63 -0.46
C ALA A 58 -4.78 -11.85 0.11
N ASP A 59 -3.79 -11.56 -0.73
CA ASP A 59 -2.41 -11.71 -0.33
C ASP A 59 -2.04 -10.62 0.67
N ALA A 60 -2.63 -9.45 0.47
CA ALA A 60 -2.38 -8.32 1.35
C ALA A 60 -2.89 -8.65 2.75
N GLU A 61 -4.07 -9.24 2.80
CA GLU A 61 -4.68 -9.62 4.07
C GLU A 61 -3.70 -10.44 4.90
N ARG A 62 -3.19 -11.50 4.27
CA ARG A 62 -2.25 -12.38 4.94
C ARG A 62 -1.08 -11.58 5.50
N VAL A 63 -0.83 -10.43 4.88
CA VAL A 63 0.26 -9.56 5.31
C VAL A 63 -0.22 -8.71 6.49
N LEU A 64 -1.46 -8.25 6.38
CA LEU A 64 -2.05 -7.41 7.42
C LEU A 64 -2.31 -8.28 8.67
N ALA A 65 -2.79 -9.48 8.41
CA ALA A 65 -3.09 -10.41 9.50
C ALA A 65 -2.01 -10.28 10.58
N GLN A 66 -0.80 -10.00 10.12
CA GLN A 66 0.32 -9.85 11.04
C GLN A 66 0.57 -8.37 11.34
N ALA A 67 0.30 -8.00 12.59
CA ALA A 67 0.50 -6.62 13.00
C ALA A 67 1.99 -6.37 13.23
N ASP A 68 2.78 -7.40 12.99
CA ASP A 68 4.23 -7.30 13.15
C ASP A 68 4.91 -7.63 11.83
N HIS A 69 5.97 -6.89 11.55
CA HIS A 69 6.73 -7.09 10.32
C HIS A 69 8.15 -6.55 10.50
N GLU A 70 9.11 -7.39 10.15
CA GLU A 70 10.51 -7.00 10.26
C GLU A 70 11.17 -7.01 8.89
N LEU A 71 11.89 -5.93 8.60
CA LEU A 71 12.58 -5.80 7.32
C LEU A 71 13.86 -4.98 7.52
N HIS A 72 14.98 -5.69 7.54
CA HIS A 72 16.27 -5.04 7.72
C HIS A 72 16.30 -4.33 9.07
N GLY A 73 16.36 -5.13 10.12
CA GLY A 73 16.39 -4.60 11.47
C GLY A 73 15.48 -3.37 11.60
N ALA A 74 14.22 -3.65 11.87
CA ALA A 74 13.24 -2.59 12.03
C ALA A 74 11.84 -3.21 12.20
N GLN A 75 11.02 -2.54 12.99
CA GLN A 75 9.68 -3.00 13.24
C GLN A 75 8.68 -2.22 12.38
N LEU A 76 8.30 -2.85 11.27
CA LEU A 76 7.36 -2.23 10.35
C LEU A 76 5.93 -2.61 10.76
N SER A 77 5.11 -1.59 10.97
CA SER A 77 3.73 -1.81 11.36
C SER A 77 2.82 -1.67 10.15
N LEU A 78 2.32 -2.81 9.69
CA LEU A 78 1.42 -2.82 8.54
C LEU A 78 -0.01 -2.60 9.01
N ARG A 79 -0.69 -1.69 8.32
CA ARG A 79 -2.07 -1.38 8.65
C ARG A 79 -2.85 -1.00 7.39
N PRO A 80 -4.20 -1.10 7.49
CA PRO A 80 -5.06 -0.79 6.37
C PRO A 80 -5.16 0.74 6.18
N ALA A 81 -4.65 1.19 5.05
CA ALA A 81 -4.68 2.61 4.73
C ALA A 81 -6.12 3.05 4.51
N PRO A 82 -6.31 4.40 4.44
CA PRO A 82 -7.64 4.96 4.24
C PRO A 82 -8.09 4.79 2.79
N PRO A 83 -9.43 4.68 2.61
CA PRO A 83 -10.01 4.52 1.29
C PRO A 83 -9.97 5.83 0.51
N ARG A 84 -10.22 5.72 -0.79
CA ARG A 84 -10.22 6.89 -1.65
C ARG A 84 -8.99 7.76 -1.37
N ALA A 85 -7.96 7.54 -2.17
CA ALA A 85 -6.73 8.29 -2.02
C ALA A 85 -7.07 9.78 -1.82
N PRO A 86 -6.17 10.47 -1.08
CA PRO A 86 -6.35 11.89 -0.81
C PRO A 86 -6.05 12.74 -2.06
N ALA A 87 -6.67 13.91 -2.10
CA ALA A 87 -6.48 14.81 -3.22
C ALA A 87 -6.42 16.25 -2.70
N ARG A 88 -5.44 16.50 -1.84
CA ARG A 88 -5.26 17.81 -1.27
C ARG A 88 -4.55 18.73 -2.27
N LEU A 89 -5.30 19.69 -2.79
CA LEU A 89 -4.75 20.64 -3.75
C LEU A 89 -5.69 21.84 -3.86
N LEU A 90 -5.70 22.64 -2.81
CA LEU A 90 -6.54 23.82 -2.77
C LEU A 90 -6.20 24.66 -1.54
N LEU A 91 -5.66 25.84 -1.79
CA LEU A 91 -5.28 26.74 -0.71
C LEU A 91 -6.47 26.95 0.21
N GLN A 92 -6.18 27.44 1.41
CA GLN A 92 -7.22 27.69 2.39
C GLN A 92 -6.61 28.25 3.68
N GLY A 93 -7.48 28.81 4.51
CA GLY A 93 -7.03 29.38 5.77
C GLY A 93 -8.06 30.39 6.30
N LEU A 94 -8.71 30.00 7.38
CA LEU A 94 -9.71 30.86 8.00
C LEU A 94 -9.03 31.83 8.97
N PRO A 95 -9.67 33.02 9.14
CA PRO A 95 -9.14 34.02 10.04
C PRO A 95 -9.36 33.65 11.50
N PRO A 96 -8.75 34.46 12.40
CA PRO A 96 -8.87 34.21 13.83
C PRO A 96 -10.26 34.64 14.34
N GLY A 97 -10.46 34.42 15.64
CA GLY A 97 -11.72 34.78 16.25
C GLY A 97 -11.59 34.85 17.78
N THR A 98 -12.51 35.59 18.39
CA THR A 98 -12.50 35.76 19.83
C THR A 98 -13.83 36.34 20.31
N SER A 99 -14.16 36.03 21.55
CA SER A 99 -15.40 36.51 22.14
C SER A 99 -15.49 36.08 23.61
N GLY A 100 -16.45 36.66 24.30
CA GLY A 100 -16.65 36.35 25.71
C GLY A 100 -17.95 36.98 26.23
N PRO A 101 -19.09 36.32 25.88
CA PRO A 101 -20.39 36.80 26.30
C PRO A 101 -20.63 36.49 27.78
N SER A 102 -21.81 36.91 28.25
CA SER A 102 -22.17 36.68 29.64
C SER A 102 -23.52 35.95 29.71
N SER A 103 -23.68 35.20 30.78
CA SER A 103 -24.91 34.44 30.99
C SER A 103 -25.34 34.54 32.45
N GLY A 104 -26.65 34.42 32.66
CA GLY A 104 -27.20 34.49 34.00
C GLY A 104 -27.34 35.95 34.46
#